data_9O2S
#
_entry.id   9O2S
#
_cell.length_a   1.00
_cell.length_b   1.00
_cell.length_c   1.00
_cell.angle_alpha   90.00
_cell.angle_beta   90.00
_cell.angle_gamma   90.00
#
_symmetry.space_group_name_H-M   'P 1'
#
loop_
_entity.id
_entity.type
_entity.pdbx_description
1 polymer 'Envelope glycoprotein gp120'
2 polymer 'Envelope glycoprotein gp41'
3 polymer '007 Fab Heavy Chain'
4 polymer '007 Light Chain'
5 branched beta-D-galactopyranose-(1-4)-2-acetamido-2-deoxy-beta-D-glucopyranose-(1-2)-alpha-D-mannopyranose-(1-6)-[alpha-D-mannopyranose-(1-2)-alpha-D-mannopyranose-(1-3)]beta-D-mannopyranose-(1-4)-2-acetamido-2-deoxy-beta-D-glucopyranose-(1-4)-2-acetamido-2-deoxy-beta-D-glucopyranose
6 branched alpha-D-mannopyranose-(1-3)-alpha-D-mannopyranose-(1-6)-[alpha-D-mannopyranose-(1-3)]beta-D-mannopyranose-(1-4)-2-acetamido-2-deoxy-beta-D-glucopyranose-(1-4)-2-acetamido-2-deoxy-beta-D-glucopyranose
7 branched 2-acetamido-2-deoxy-beta-D-glucopyranose-(1-4)-2-acetamido-2-deoxy-beta-D-glucopyranose
8 branched beta-D-mannopyranose-(1-4)-2-acetamido-2-deoxy-beta-D-glucopyranose-(1-4)-2-acetamido-2-deoxy-beta-D-glucopyranose
9 non-polymer 2-acetamido-2-deoxy-beta-D-glucopyranose
#
loop_
_entity_poly.entity_id
_entity_poly.type
_entity_poly.pdbx_seq_one_letter_code
_entity_poly.pdbx_strand_id
1 'polypeptide(L)'
;NLWVTVYYGVPVWKDAETTLFCASDAKAYETEKHNVWATHACVPTDPNPQEIHLENVTEEFNMWKNNMVEQMHTDIISLW
DQSLKPCVKLTPLCVTLQCTNVTNNITDDMRGELKNCSFNMTTELRDKKQKVYSLFYRLDVVQINENQGNRSNNSNKEYR
LINCNTSACTQACPKVSFEPIPIHYCAPAGFAILKCKDKKFNGTGPCPSVSTVQCTHGIKPVVSTQLLLNGSLAEEEVMI
RSENITNNAKNILVQFNTPVQINCTRPNNNTRKSIRIGPGQAFYATGDIIGDIRQAHCNVSKATWNETLGKVVKQLRKHF
GNNTIIRFANSSGGDLEVTTHSFNCGGEFFYCNTSGLFNSTWISNTSVQGSNSTGSNDSITLPCRIKQIINMWQRIGQCM
YAPPIQGVIRCVSNITGLILTRDGGSTNSTTETFRPGGGDMRDNWRSELYKYKVVKIEPLGVAPTRCKRRVVGRRR
;
A,C,E
2 'polypeptide(L)'
;RRRAVGIGAVFLGFLGAAGSTMGAASMTLTVQARNLLSGIVQQQSNLLRAPEAQQHLLKLTVWGIKQLQARVLAVERYLR
DQQLLGIWGCSGKLICCTNVPWNSSWSNRNLSEIWDNMTWLQWDKEISNYTQIIYGLLEESQNQQEKNEQDLLALD
;
B,D,F
3 'polypeptide(L)'
;QARLQQWEGRPLKPAETLSLTCGVHGVGLGGSGWGWIRQPPGQGLQWIGEIDHDGSHKHNPALRSRLSMSLDTSRNQVSL
RLTSVTAADTAIYYCVRVYREKFLIGEFLTDYRFMDMWGTGTTVIVSPASTKGPSVFPLAPSSKSTSGGTAALGCLVKDY
FPEPVTVSWNSGALTSGVHTFPAVLQSSGLYSLSSVVTVPSSSLGTQTYICNVNHKPSNTKVDKRVEPKSCDKTHHHHHH
;
H,J
4 'polypeptide(L)'
;AIQLTQAPLTVSASIGDTITLTCRASQDISIWLSWYRQMPGKAPELLIYAASTLRGGVPSRFSGARSGTDFSLKIKNLQP
EDFATYYCFQSDSYPRAFGQGTKVEITRTVAAPSVFIFPPSDEQLKSGTASVVCLLNNFYPREAKVQWKVDNALQSGNSQ
ESVTEQDSKDSTYSLSSTLTLSKADYEKHKVYACEVTHQGLSSPVTKSFNRGEC
;
K,L
#
# COMPACT_ATOMS: atom_id res chain seq x y z
N LEU A 2 45.19 -43.93 -29.60
CA LEU A 2 44.07 -43.03 -29.39
C LEU A 2 44.51 -41.80 -28.63
N TRP A 3 44.03 -40.63 -29.05
CA TRP A 3 44.44 -39.36 -28.48
C TRP A 3 43.22 -38.51 -28.17
N VAL A 4 43.36 -37.65 -27.16
CA VAL A 4 42.27 -36.78 -26.77
C VAL A 4 42.09 -35.66 -27.79
N THR A 5 40.88 -35.50 -28.29
CA THR A 5 40.54 -34.41 -29.18
C THR A 5 39.36 -33.63 -28.59
N VAL A 6 39.46 -32.31 -28.63
CA VAL A 6 38.51 -31.44 -27.95
C VAL A 6 37.49 -30.95 -28.97
N TYR A 7 36.22 -31.19 -28.69
CA TYR A 7 35.12 -30.73 -29.53
C TYR A 7 34.37 -29.62 -28.80
N TYR A 8 34.22 -28.47 -29.45
CA TYR A 8 33.49 -27.35 -28.89
C TYR A 8 32.17 -27.20 -29.63
N GLY A 9 31.07 -27.21 -28.90
CA GLY A 9 29.75 -27.14 -29.47
C GLY A 9 28.98 -28.44 -29.46
N VAL A 10 29.34 -29.39 -28.61
CA VAL A 10 28.66 -30.69 -28.56
C VAL A 10 27.25 -30.50 -28.02
N PRO A 11 26.27 -31.26 -28.49
CA PRO A 11 24.89 -31.14 -27.96
C PRO A 11 24.73 -31.87 -26.64
N VAL A 12 25.29 -31.29 -25.58
CA VAL A 12 25.24 -31.85 -24.24
C VAL A 12 24.67 -30.79 -23.30
N TRP A 13 23.74 -31.20 -22.44
CA TRP A 13 23.12 -30.28 -21.51
C TRP A 13 23.03 -30.92 -20.13
N LYS A 14 23.10 -30.09 -19.10
CA LYS A 14 22.86 -30.46 -17.72
C LYS A 14 21.63 -29.72 -17.20
N ASP A 15 21.01 -30.27 -16.17
CA ASP A 15 19.90 -29.58 -15.52
C ASP A 15 20.43 -28.33 -14.81
N ALA A 16 19.67 -27.24 -14.91
CA ALA A 16 20.13 -25.99 -14.32
C ALA A 16 18.94 -25.17 -13.87
N GLU A 17 19.20 -24.27 -12.93
CA GLU A 17 18.26 -23.25 -12.50
C GLU A 17 18.80 -21.90 -12.90
N THR A 18 17.98 -21.10 -13.56
CA THR A 18 18.42 -19.80 -14.07
C THR A 18 17.24 -18.86 -14.06
N THR A 19 17.49 -17.62 -14.47
CA THR A 19 16.47 -16.57 -14.53
C THR A 19 15.96 -16.48 -15.96
N LEU A 20 14.75 -16.97 -16.20
CA LEU A 20 14.12 -16.86 -17.49
C LEU A 20 13.44 -15.51 -17.61
N PHE A 21 13.56 -14.88 -18.77
CA PHE A 21 12.98 -13.57 -18.97
C PHE A 21 11.62 -13.67 -19.66
N CYS A 22 10.73 -12.76 -19.30
CA CYS A 22 9.38 -12.74 -19.84
C CYS A 22 9.39 -12.35 -21.31
N ALA A 23 8.29 -12.66 -21.99
CA ALA A 23 8.09 -12.26 -23.37
C ALA A 23 6.60 -12.28 -23.67
N SER A 24 6.13 -11.23 -24.35
CA SER A 24 4.72 -11.09 -24.69
C SER A 24 4.59 -10.60 -26.12
N ASP A 25 3.45 -10.90 -26.74
CA ASP A 25 3.18 -10.46 -28.10
C ASP A 25 1.84 -9.73 -28.18
N LYS A 33 -3.54 0.16 -22.74
CA LYS A 33 -3.99 -0.09 -21.37
C LYS A 33 -2.99 -0.95 -20.63
N HIS A 34 -2.49 -0.44 -19.49
CA HIS A 34 -1.51 -1.18 -18.71
C HIS A 34 -2.14 -2.39 -18.05
N ASN A 35 -1.31 -3.38 -17.78
CA ASN A 35 -1.73 -4.62 -17.14
C ASN A 35 -0.90 -4.85 -15.87
N VAL A 36 -1.43 -5.68 -14.98
CA VAL A 36 -0.68 -6.06 -13.78
C VAL A 36 0.62 -6.73 -14.17
N TRP A 37 0.55 -7.72 -15.05
CA TRP A 37 1.73 -8.37 -15.61
C TRP A 37 2.02 -7.80 -17.00
N ALA A 38 2.35 -6.50 -17.00
CA ALA A 38 2.34 -5.69 -18.21
C ALA A 38 3.45 -6.11 -19.17
N THR A 39 3.37 -5.55 -20.37
CA THR A 39 4.38 -5.73 -21.41
C THR A 39 5.54 -4.76 -21.27
N HIS A 40 5.49 -3.85 -20.29
CA HIS A 40 6.60 -2.94 -20.02
C HIS A 40 7.68 -3.59 -19.15
N ALA A 41 7.43 -4.78 -18.62
CA ALA A 41 8.44 -5.57 -17.92
C ALA A 41 8.70 -6.88 -18.64
N CYS A 42 8.43 -6.91 -19.95
CA CYS A 42 8.63 -8.09 -20.78
C CYS A 42 9.28 -7.66 -22.08
N VAL A 43 9.50 -8.64 -22.97
CA VAL A 43 10.22 -8.43 -24.22
C VAL A 43 9.34 -8.90 -25.37
N PRO A 44 9.36 -8.25 -26.53
CA PRO A 44 8.61 -8.77 -27.68
C PRO A 44 9.10 -10.14 -28.09
N THR A 45 8.17 -10.98 -28.54
CA THR A 45 8.48 -12.33 -28.97
C THR A 45 8.88 -12.32 -30.45
N ASP A 46 8.97 -13.51 -31.04
CA ASP A 46 9.33 -13.64 -32.45
C ASP A 46 8.14 -14.11 -33.28
N GLN A 50 10.95 -22.26 -34.56
CA GLN A 50 11.06 -21.92 -33.15
C GLN A 50 11.23 -23.17 -32.30
N GLU A 51 10.46 -24.21 -32.63
CA GLU A 51 10.52 -25.47 -31.91
C GLU A 51 11.24 -26.50 -32.75
N ILE A 52 12.21 -27.19 -32.15
CA ILE A 52 13.06 -28.16 -32.83
C ILE A 52 12.85 -29.51 -32.17
N HIS A 53 12.52 -30.52 -32.98
CA HIS A 53 12.26 -31.85 -32.44
C HIS A 53 13.57 -32.59 -32.28
N LEU A 54 13.86 -33.00 -31.06
CA LEU A 54 15.09 -33.72 -30.72
C LEU A 54 14.79 -35.22 -30.76
N GLU A 55 15.15 -35.86 -31.87
CA GLU A 55 14.86 -37.26 -32.04
C GLU A 55 15.83 -38.12 -31.23
N ASN A 56 15.33 -39.27 -30.79
CA ASN A 56 16.07 -40.27 -30.02
C ASN A 56 16.48 -39.76 -28.64
N VAL A 57 16.00 -38.58 -28.23
CA VAL A 57 16.35 -37.99 -26.95
C VAL A 57 15.25 -38.33 -25.95
N THR A 58 15.62 -38.96 -24.84
CA THR A 58 14.70 -39.32 -23.78
C THR A 58 15.18 -38.64 -22.50
N GLU A 59 14.57 -37.50 -22.17
CA GLU A 59 14.94 -36.72 -21.01
C GLU A 59 13.99 -37.02 -19.84
N GLU A 60 14.49 -36.84 -18.63
CA GLU A 60 13.72 -37.07 -17.42
C GLU A 60 13.22 -35.72 -16.89
N PHE A 61 11.90 -35.55 -16.85
CA PHE A 61 11.28 -34.35 -16.34
C PHE A 61 10.79 -34.56 -14.93
N ASN A 62 10.54 -33.46 -14.22
CA ASN A 62 10.00 -33.50 -12.87
C ASN A 62 9.21 -32.21 -12.66
N MET A 63 7.89 -32.28 -12.86
CA MET A 63 7.07 -31.09 -12.72
C MET A 63 6.94 -30.62 -11.28
N TRP A 64 7.33 -31.44 -10.30
CA TRP A 64 7.16 -31.12 -8.90
C TRP A 64 8.38 -30.47 -8.27
N LYS A 65 9.56 -30.61 -8.87
CA LYS A 65 10.76 -29.90 -8.47
C LYS A 65 11.26 -29.04 -9.61
N ASN A 66 10.34 -28.38 -10.30
CA ASN A 66 10.66 -27.49 -11.41
C ASN A 66 10.83 -26.08 -10.88
N ASN A 67 11.93 -25.44 -11.25
CA ASN A 67 12.21 -24.09 -10.74
C ASN A 67 11.49 -23.01 -11.53
N MET A 68 10.97 -23.31 -12.73
CA MET A 68 10.17 -22.33 -13.43
C MET A 68 8.89 -22.04 -12.67
N VAL A 69 8.31 -23.05 -12.03
CA VAL A 69 7.13 -22.85 -11.20
C VAL A 69 7.44 -21.94 -10.03
N GLU A 70 8.59 -22.16 -9.38
CA GLU A 70 8.97 -21.33 -8.24
C GLU A 70 9.33 -19.92 -8.68
N GLN A 71 9.93 -19.76 -9.87
CA GLN A 71 10.27 -18.44 -10.35
C GLN A 71 9.04 -17.69 -10.85
N MET A 72 8.13 -18.38 -11.54
CA MET A 72 6.91 -17.73 -12.02
C MET A 72 6.06 -17.24 -10.86
N HIS A 73 6.02 -17.98 -9.76
CA HIS A 73 5.31 -17.51 -8.57
C HIS A 73 5.91 -16.21 -8.07
N THR A 74 7.23 -16.11 -8.03
CA THR A 74 7.89 -14.88 -7.60
C THR A 74 7.59 -13.74 -8.56
N ASP A 75 7.59 -14.02 -9.86
CA ASP A 75 7.42 -12.96 -10.85
C ASP A 75 5.96 -12.49 -10.95
N ILE A 76 5.01 -13.39 -10.80
CA ILE A 76 3.60 -12.99 -10.81
C ILE A 76 3.28 -12.14 -9.58
N ILE A 77 3.83 -12.51 -8.43
CA ILE A 77 3.75 -11.66 -7.25
C ILE A 77 4.44 -10.31 -7.49
N SER A 78 5.64 -10.35 -8.05
CA SER A 78 6.42 -9.12 -8.21
C SER A 78 5.72 -8.14 -9.13
N LEU A 79 5.15 -8.63 -10.24
CA LEU A 79 4.40 -7.76 -11.13
C LEU A 79 3.10 -7.29 -10.50
N TRP A 80 2.57 -8.03 -9.52
CA TRP A 80 1.37 -7.58 -8.83
C TRP A 80 1.65 -6.38 -7.95
N ASP A 81 2.68 -6.48 -7.09
CA ASP A 81 3.02 -5.37 -6.21
C ASP A 81 3.51 -4.17 -7.02
N GLN A 82 4.29 -4.42 -8.07
CA GLN A 82 4.82 -3.33 -8.89
C GLN A 82 3.71 -2.55 -9.57
N SER A 83 2.55 -3.17 -9.78
CA SER A 83 1.41 -2.51 -10.42
C SER A 83 0.50 -1.80 -9.44
N LEU A 84 0.75 -1.93 -8.13
CA LEU A 84 -0.10 -1.33 -7.11
C LEU A 84 0.54 -0.16 -6.38
N LYS A 85 1.86 -0.04 -6.43
CA LYS A 85 2.52 1.08 -5.77
C LYS A 85 2.10 2.46 -6.28
N PRO A 86 1.94 2.71 -7.59
CA PRO A 86 1.70 4.08 -8.05
C PRO A 86 0.29 4.61 -7.81
N CYS A 87 -0.61 3.86 -7.21
CA CYS A 87 -1.99 4.32 -7.06
C CYS A 87 -2.41 4.28 -5.59
N VAL A 88 -3.67 4.66 -5.36
CA VAL A 88 -4.10 5.24 -4.10
C VAL A 88 -3.90 4.26 -2.94
N LYS A 89 -3.35 4.76 -1.85
CA LYS A 89 -3.30 4.05 -0.58
C LYS A 89 -4.42 4.57 0.30
N LEU A 90 -5.27 3.67 0.79
CA LEU A 90 -6.46 4.05 1.54
C LEU A 90 -6.24 4.06 3.05
N THR A 91 -5.23 4.81 3.50
CA THR A 91 -5.09 5.06 4.93
C THR A 91 -6.27 5.81 5.54
N PRO A 92 -6.85 6.83 4.91
CA PRO A 92 -8.01 7.50 5.54
C PRO A 92 -9.24 6.63 5.68
N LEU A 93 -9.29 5.47 5.02
CA LEU A 93 -10.48 4.63 5.12
C LEU A 93 -10.59 3.90 6.44
N CYS A 94 -9.56 3.92 7.28
CA CYS A 94 -9.71 3.52 8.68
C CYS A 94 -10.26 4.67 9.51
N VAL A 95 -11.57 4.84 9.41
CA VAL A 95 -12.35 5.65 10.32
C VAL A 95 -13.40 4.74 10.94
N THR A 96 -14.18 5.26 11.86
CA THR A 96 -15.31 4.52 12.40
C THR A 96 -16.49 4.65 11.46
N LEU A 97 -17.11 3.52 11.14
CA LEU A 97 -18.22 3.48 10.19
C LEU A 97 -19.51 3.28 10.98
N GLN A 98 -20.53 4.08 10.67
CA GLN A 98 -21.86 3.90 11.24
C GLN A 98 -22.71 3.17 10.20
N CYS A 99 -22.80 1.86 10.32
CA CYS A 99 -23.36 1.01 9.28
C CYS A 99 -24.76 0.56 9.66
N THR A 100 -25.69 0.70 8.72
CA THR A 100 -27.03 0.16 8.85
C THR A 100 -27.28 -0.84 7.73
N ASN A 101 -28.29 -1.69 7.94
CA ASN A 101 -28.67 -2.66 6.92
C ASN A 101 -29.21 -1.97 5.68
N VAL A 102 -29.09 -2.64 4.55
CA VAL A 102 -29.64 -2.11 3.30
C VAL A 102 -31.08 -2.55 3.08
N THR A 103 -31.43 -3.77 3.50
CA THR A 103 -32.76 -4.32 3.26
C THR A 103 -33.64 -4.39 4.50
N ASN A 104 -33.05 -4.59 5.69
CA ASN A 104 -33.81 -4.69 6.94
C ASN A 104 -34.89 -5.77 6.85
N ASN A 105 -34.52 -6.91 6.27
CA ASN A 105 -35.46 -8.02 6.12
C ASN A 105 -34.72 -9.33 5.94
N ASP A 108 -31.64 -13.45 1.26
CA ASP A 108 -31.81 -14.18 0.01
C ASP A 108 -31.28 -13.37 -1.17
N ASP A 109 -31.24 -12.05 -1.00
CA ASP A 109 -30.87 -11.13 -2.07
C ASP A 109 -29.41 -10.72 -1.94
N MET A 110 -28.95 -9.93 -2.90
CA MET A 110 -27.63 -9.30 -2.78
C MET A 110 -27.62 -8.28 -1.65
N ARG A 111 -28.76 -7.61 -1.41
CA ARG A 111 -28.82 -6.56 -0.42
C ARG A 111 -28.73 -7.07 1.01
N GLY A 112 -28.87 -8.37 1.23
CA GLY A 112 -28.62 -8.93 2.53
C GLY A 112 -27.16 -9.18 2.80
N GLU A 113 -26.31 -8.96 1.81
CA GLU A 113 -24.86 -9.11 1.93
C GLU A 113 -24.17 -7.77 2.16
N LEU A 114 -24.91 -6.68 2.17
CA LEU A 114 -24.35 -5.33 2.18
C LEU A 114 -24.70 -4.60 3.46
N LYS A 115 -23.79 -3.73 3.88
CA LYS A 115 -24.02 -2.79 4.97
C LYS A 115 -23.89 -1.38 4.40
N ASN A 116 -24.83 -0.51 4.76
CA ASN A 116 -24.82 0.90 4.29
C ASN A 116 -24.11 1.75 5.32
N CYS A 117 -22.83 2.00 5.08
CA CYS A 117 -21.89 2.52 6.08
C CYS A 117 -21.63 4.00 5.81
N SER A 118 -21.82 4.83 6.82
CA SER A 118 -21.59 6.27 6.73
C SER A 118 -20.40 6.64 7.60
N PHE A 119 -19.54 7.52 7.07
CA PHE A 119 -18.29 7.84 7.74
C PHE A 119 -17.85 9.24 7.37
N ASN A 120 -16.98 9.81 8.20
CA ASN A 120 -16.33 11.08 7.91
C ASN A 120 -15.05 10.83 7.14
N MET A 121 -14.90 11.49 6.01
CA MET A 121 -13.74 11.30 5.15
C MET A 121 -13.03 12.65 4.97
N THR A 122 -11.73 12.59 4.74
CA THR A 122 -10.97 13.79 4.48
C THR A 122 -11.36 14.38 3.13
N THR A 123 -11.21 15.70 3.02
CA THR A 123 -11.44 16.41 1.78
C THR A 123 -10.08 16.72 1.15
N GLU A 124 -10.11 17.23 -0.08
CA GLU A 124 -8.88 17.69 -0.71
C GLU A 124 -8.23 18.85 0.04
N LEU A 125 -8.98 19.53 0.89
CA LEU A 125 -8.43 20.53 1.80
C LEU A 125 -8.27 19.88 3.17
N ARG A 126 -7.09 20.04 3.77
CA ARG A 126 -6.74 19.27 4.96
C ARG A 126 -7.65 19.58 6.14
N ASP A 127 -8.14 20.82 6.24
CA ASP A 127 -8.89 21.25 7.41
C ASP A 127 -10.39 21.03 7.29
N LYS A 128 -10.85 20.44 6.19
CA LYS A 128 -12.27 20.21 5.95
C LYS A 128 -12.56 18.72 5.91
N LYS A 129 -13.69 18.32 6.48
CA LYS A 129 -14.12 16.93 6.45
C LYS A 129 -15.25 16.74 5.44
N GLN A 130 -15.74 15.52 5.35
CA GLN A 130 -16.65 15.12 4.28
C GLN A 130 -17.49 13.96 4.79
N LYS A 131 -18.75 14.22 5.09
CA LYS A 131 -19.67 13.18 5.53
C LYS A 131 -20.16 12.42 4.31
N VAL A 132 -19.64 11.22 4.10
CA VAL A 132 -19.97 10.40 2.93
C VAL A 132 -20.47 9.06 3.41
N TYR A 133 -21.00 8.28 2.47
CA TYR A 133 -21.46 6.93 2.75
C TYR A 133 -21.11 6.02 1.59
N SER A 134 -21.13 4.73 1.86
CA SER A 134 -20.86 3.72 0.85
C SER A 134 -21.48 2.41 1.28
N LEU A 135 -21.74 1.54 0.32
CA LEU A 135 -22.24 0.20 0.59
C LEU A 135 -21.07 -0.76 0.64
N PHE A 136 -20.79 -1.27 1.83
CA PHE A 136 -19.70 -2.20 2.05
C PHE A 136 -20.27 -3.60 2.25
N TYR A 137 -19.62 -4.60 1.67
CA TYR A 137 -20.03 -5.97 1.89
C TYR A 137 -19.80 -6.33 3.35
N ARG A 138 -20.66 -7.21 3.88
CA ARG A 138 -20.51 -7.62 5.27
C ARG A 138 -19.20 -8.36 5.50
N LEU A 139 -18.57 -8.84 4.44
CA LEU A 139 -17.29 -9.54 4.55
C LEU A 139 -16.12 -8.58 4.70
N ASP A 140 -16.33 -7.28 4.54
CA ASP A 140 -15.28 -6.29 4.62
C ASP A 140 -15.34 -5.43 5.87
N VAL A 141 -16.42 -5.49 6.64
CA VAL A 141 -16.60 -4.64 7.81
C VAL A 141 -16.69 -5.51 9.05
N VAL A 142 -15.99 -5.10 10.10
CA VAL A 142 -15.96 -5.80 11.38
C VAL A 142 -16.50 -4.87 12.44
N GLN A 143 -17.44 -5.36 13.24
CA GLN A 143 -18.08 -4.52 14.24
C GLN A 143 -17.11 -4.18 15.37
N ILE A 144 -17.30 -3.00 15.95
CA ILE A 144 -16.53 -2.54 17.10
C ILE A 144 -17.44 -2.53 18.31
N ASN A 145 -17.04 -3.23 19.36
CA ASN A 145 -17.80 -3.25 20.61
C ASN A 145 -16.97 -2.73 21.77
N ASN A 156 -27.94 1.98 13.84
CA ASN A 156 -26.63 2.24 13.26
C ASN A 156 -25.49 1.93 14.23
N LYS A 157 -25.00 0.69 14.19
CA LYS A 157 -23.88 0.29 15.01
C LYS A 157 -22.59 0.85 14.44
N GLU A 158 -21.47 0.55 15.10
CA GLU A 158 -20.17 1.05 14.69
C GLU A 158 -19.33 -0.10 14.15
N TYR A 159 -18.78 0.09 12.95
CA TYR A 159 -18.00 -0.93 12.26
C TYR A 159 -16.65 -0.35 11.86
N ARG A 160 -15.85 -1.17 11.21
CA ARG A 160 -14.59 -0.74 10.63
C ARG A 160 -14.19 -1.74 9.55
N LEU A 161 -13.34 -1.31 8.64
CA LEU A 161 -12.90 -2.19 7.57
C LEU A 161 -12.08 -3.34 8.14
N ILE A 162 -12.17 -4.50 7.47
CA ILE A 162 -11.64 -5.73 8.06
C ILE A 162 -10.12 -5.70 8.14
N ASN A 163 -9.45 -5.29 7.07
CA ASN A 163 -7.99 -5.17 7.09
C ASN A 163 -7.61 -3.73 7.41
N CYS A 164 -7.77 -3.43 8.69
CA CYS A 164 -7.42 -2.16 9.29
C CYS A 164 -6.59 -2.28 10.55
N ASN A 165 -6.62 -3.41 11.24
CA ASN A 165 -5.67 -3.67 12.30
C ASN A 165 -4.43 -4.38 11.81
N THR A 166 -4.40 -4.80 10.55
CA THR A 166 -3.26 -5.49 9.97
C THR A 166 -2.49 -4.66 8.97
N SER A 167 -3.15 -3.81 8.20
CA SER A 167 -2.48 -3.01 7.19
C SER A 167 -3.45 -1.96 6.66
N ALA A 168 -2.97 -1.18 5.70
CA ALA A 168 -3.78 -0.25 4.94
C ALA A 168 -3.89 -0.75 3.51
N CYS A 169 -5.07 -0.62 2.93
CA CYS A 169 -5.40 -1.25 1.65
C CYS A 169 -5.10 -0.29 0.52
N THR A 170 -4.05 -0.57 -0.24
CA THR A 170 -3.80 0.17 -1.46
C THR A 170 -4.89 -0.12 -2.47
N GLN A 171 -5.58 0.92 -2.91
CA GLN A 171 -6.73 0.73 -3.79
C GLN A 171 -6.29 0.12 -5.10
N ALA A 172 -7.03 -0.88 -5.57
CA ALA A 172 -6.74 -1.44 -6.88
C ALA A 172 -6.92 -0.35 -7.92
N CYS A 173 -5.83 -0.01 -8.60
CA CYS A 173 -5.79 1.19 -9.40
C CYS A 173 -6.76 1.05 -10.57
N PRO A 174 -7.63 2.04 -10.81
CA PRO A 174 -8.77 1.78 -11.71
C PRO A 174 -8.40 1.65 -13.17
N LYS A 175 -7.21 2.10 -13.58
CA LYS A 175 -6.84 2.07 -14.99
C LYS A 175 -5.99 0.86 -15.37
N VAL A 176 -5.67 -0.03 -14.44
CA VAL A 176 -4.96 -1.27 -14.72
C VAL A 176 -5.95 -2.42 -14.66
N SER A 177 -5.88 -3.31 -15.63
CA SER A 177 -6.80 -4.43 -15.73
C SER A 177 -6.20 -5.67 -15.07
N PHE A 178 -7.09 -6.49 -14.50
CA PHE A 178 -6.69 -7.76 -13.92
C PHE A 178 -6.73 -8.91 -14.91
N GLU A 179 -7.11 -8.65 -16.16
CA GLU A 179 -7.19 -9.70 -17.16
C GLU A 179 -5.80 -10.26 -17.42
N PRO A 180 -5.61 -11.58 -17.34
CA PRO A 180 -4.28 -12.15 -17.56
C PRO A 180 -3.95 -12.20 -19.05
N ILE A 181 -2.79 -11.68 -19.41
CA ILE A 181 -2.30 -11.77 -20.78
C ILE A 181 -1.25 -12.87 -20.83
N PRO A 182 -1.16 -13.62 -21.92
CA PRO A 182 -0.18 -14.71 -21.99
C PRO A 182 1.25 -14.19 -21.93
N ILE A 183 2.07 -14.85 -21.12
CA ILE A 183 3.48 -14.49 -20.98
C ILE A 183 4.31 -15.72 -21.30
N HIS A 184 5.37 -15.52 -22.08
CA HIS A 184 6.28 -16.59 -22.46
C HIS A 184 7.57 -16.42 -21.69
N TYR A 185 7.99 -17.47 -20.99
CA TYR A 185 9.23 -17.45 -20.23
C TYR A 185 10.34 -18.00 -21.10
N CYS A 186 11.28 -17.14 -21.48
CA CYS A 186 12.31 -17.49 -22.45
C CYS A 186 13.67 -17.58 -21.80
N ALA A 187 14.42 -18.63 -22.15
CA ALA A 187 15.71 -18.90 -21.53
C ALA A 187 16.80 -18.00 -22.11
N PRO A 188 17.79 -17.61 -21.30
CA PRO A 188 18.87 -16.77 -21.81
C PRO A 188 19.84 -17.54 -22.69
N ALA A 189 20.91 -16.89 -23.13
CA ALA A 189 21.91 -17.56 -23.95
C ALA A 189 22.68 -18.58 -23.13
N GLY A 190 23.02 -19.70 -23.75
CA GLY A 190 23.66 -20.79 -23.06
C GLY A 190 22.73 -21.76 -22.38
N PHE A 191 21.43 -21.48 -22.40
CA PHE A 191 20.41 -22.35 -21.83
C PHE A 191 19.39 -22.70 -22.91
N ALA A 192 18.67 -23.79 -22.68
CA ALA A 192 17.61 -24.21 -23.58
C ALA A 192 16.43 -24.68 -22.75
N ILE A 193 15.23 -24.57 -23.32
CA ILE A 193 14.01 -25.03 -22.69
C ILE A 193 13.58 -26.30 -23.39
N LEU A 194 13.56 -27.42 -22.67
CA LEU A 194 13.14 -28.69 -23.22
C LEU A 194 11.65 -28.87 -22.97
N LYS A 195 10.91 -29.21 -24.02
CA LYS A 195 9.45 -29.37 -23.94
C LYS A 195 9.10 -30.82 -24.19
N CYS A 196 8.38 -31.42 -23.24
CA CYS A 196 7.99 -32.82 -23.36
C CYS A 196 6.72 -32.90 -24.19
N LYS A 197 6.82 -33.52 -25.37
CA LYS A 197 5.69 -33.65 -26.27
C LYS A 197 4.92 -34.95 -26.09
N ASP A 198 5.28 -35.74 -25.08
CA ASP A 198 4.55 -36.98 -24.80
C ASP A 198 3.15 -36.63 -24.30
N LYS A 199 2.15 -37.36 -24.81
CA LYS A 199 0.76 -37.10 -24.46
C LYS A 199 0.27 -37.90 -23.27
N LYS A 200 1.04 -38.88 -22.82
CA LYS A 200 0.70 -39.65 -21.63
C LYS A 200 1.65 -39.32 -20.49
N PHE A 201 2.43 -38.26 -20.61
CA PHE A 201 3.42 -37.91 -19.59
C PHE A 201 2.68 -37.36 -18.38
N ASN A 202 2.68 -38.12 -17.29
CA ASN A 202 2.06 -37.62 -16.07
C ASN A 202 2.73 -36.38 -15.49
N GLY A 203 3.86 -36.52 -14.81
CA GLY A 203 4.64 -35.36 -14.45
C GLY A 203 6.11 -35.68 -14.19
N THR A 204 6.49 -36.94 -14.39
CA THR A 204 7.75 -37.43 -13.83
C THR A 204 8.20 -38.63 -14.64
N GLY A 205 9.52 -38.78 -14.75
CA GLY A 205 10.11 -39.92 -15.41
C GLY A 205 10.51 -39.58 -16.83
N PRO A 206 10.94 -40.60 -17.59
CA PRO A 206 11.40 -40.34 -18.96
C PRO A 206 10.29 -39.83 -19.85
N CYS A 207 10.66 -38.97 -20.80
CA CYS A 207 9.74 -38.46 -21.81
C CYS A 207 10.29 -38.80 -23.18
N PRO A 208 9.70 -39.77 -23.89
CA PRO A 208 10.28 -40.20 -25.18
C PRO A 208 10.38 -39.11 -26.22
N SER A 209 9.41 -38.20 -26.29
CA SER A 209 9.40 -37.14 -27.30
C SER A 209 9.72 -35.81 -26.65
N VAL A 210 10.85 -35.22 -27.02
CA VAL A 210 11.32 -33.98 -26.44
C VAL A 210 11.59 -32.99 -27.57
N SER A 211 11.45 -31.71 -27.26
CA SER A 211 11.71 -30.66 -28.22
C SER A 211 12.40 -29.50 -27.53
N THR A 212 13.20 -28.76 -28.28
CA THR A 212 13.83 -27.54 -27.78
C THR A 212 13.07 -26.36 -28.34
N VAL A 213 12.28 -25.72 -27.50
CA VAL A 213 11.56 -24.52 -27.87
C VAL A 213 12.39 -23.32 -27.49
N GLN A 214 12.31 -22.26 -28.30
CA GLN A 214 12.94 -21.01 -27.88
C GLN A 214 12.37 -20.55 -26.54
N CYS A 215 11.05 -20.63 -26.40
CA CYS A 215 10.41 -20.45 -25.10
C CYS A 215 8.94 -20.84 -25.16
N THR A 216 8.33 -20.86 -23.98
CA THR A 216 7.09 -21.57 -23.72
C THR A 216 5.92 -20.93 -24.46
N HIS A 217 4.83 -21.69 -24.54
CA HIS A 217 3.59 -21.13 -25.05
C HIS A 217 3.05 -20.08 -24.09
N GLY A 218 2.15 -19.26 -24.59
CA GLY A 218 1.57 -18.22 -23.75
C GLY A 218 0.85 -18.76 -22.55
N ILE A 219 1.42 -18.58 -21.38
CA ILE A 219 0.84 -19.06 -20.12
C ILE A 219 0.09 -17.90 -19.48
N LYS A 220 -1.23 -17.98 -19.49
CA LYS A 220 -2.04 -16.96 -18.85
C LYS A 220 -1.98 -17.14 -17.34
N PRO A 221 -1.55 -16.15 -16.57
CA PRO A 221 -1.51 -16.28 -15.11
C PRO A 221 -2.88 -16.12 -14.48
N VAL A 222 -3.79 -17.06 -14.78
CA VAL A 222 -5.12 -17.05 -14.19
C VAL A 222 -5.01 -17.46 -12.73
N VAL A 223 -5.47 -16.60 -11.84
CA VAL A 223 -5.39 -16.83 -10.40
C VAL A 223 -6.74 -17.34 -9.93
N SER A 224 -6.77 -18.56 -9.42
CA SER A 224 -8.01 -19.18 -8.99
C SER A 224 -7.69 -20.32 -8.05
N THR A 225 -8.70 -20.76 -7.31
CA THR A 225 -8.56 -21.88 -6.38
C THR A 225 -9.61 -22.93 -6.68
N GLN A 226 -9.24 -24.20 -6.46
CA GLN A 226 -10.12 -25.36 -6.54
C GLN A 226 -10.50 -25.73 -7.96
N LEU A 227 -10.21 -24.85 -8.93
CA LEU A 227 -10.60 -25.07 -10.31
C LEU A 227 -9.62 -24.29 -11.17
N LEU A 228 -9.07 -24.95 -12.19
CA LEU A 228 -8.10 -24.31 -13.07
C LEU A 228 -8.86 -23.68 -14.22
N LEU A 229 -9.29 -22.44 -14.03
CA LEU A 229 -10.06 -21.74 -15.06
C LEU A 229 -9.17 -21.38 -16.23
N ASN A 230 -9.70 -21.55 -17.44
CA ASN A 230 -8.97 -21.30 -18.67
C ASN A 230 -7.69 -22.11 -18.70
N GLY A 231 -6.79 -21.80 -19.62
CA GLY A 231 -5.55 -22.54 -19.70
C GLY A 231 -5.54 -23.63 -20.75
N SER A 232 -4.76 -24.68 -20.53
CA SER A 232 -4.47 -25.69 -21.55
C SER A 232 -5.14 -27.00 -21.18
N LEU A 233 -5.74 -27.65 -22.18
CA LEU A 233 -6.41 -28.92 -22.01
C LEU A 233 -5.43 -30.07 -22.19
N ALA A 234 -5.84 -31.25 -21.72
CA ALA A 234 -5.11 -32.46 -22.05
C ALA A 234 -5.36 -32.84 -23.50
N GLU A 235 -4.53 -33.74 -24.02
CA GLU A 235 -4.61 -34.08 -25.43
C GLU A 235 -5.57 -35.23 -25.71
N GLU A 236 -5.46 -36.33 -24.98
CA GLU A 236 -6.26 -37.51 -25.30
C GLU A 236 -7.18 -37.94 -24.17
N GLU A 237 -6.79 -37.75 -22.92
CA GLU A 237 -7.62 -38.21 -21.81
C GLU A 237 -7.27 -37.42 -20.57
N VAL A 238 -8.19 -37.42 -19.60
CA VAL A 238 -7.98 -36.70 -18.35
C VAL A 238 -6.74 -37.22 -17.66
N MET A 239 -5.85 -36.30 -17.28
CA MET A 239 -4.56 -36.63 -16.70
C MET A 239 -4.57 -36.36 -15.20
N ILE A 240 -4.17 -37.35 -14.42
CA ILE A 240 -4.04 -37.23 -12.98
C ILE A 240 -2.56 -37.09 -12.65
N ARG A 241 -2.21 -36.04 -11.90
CA ARG A 241 -0.81 -35.69 -11.64
C ARG A 241 -0.64 -35.36 -10.17
N SER A 242 0.03 -36.26 -9.45
CA SER A 242 0.34 -36.05 -8.04
C SER A 242 1.80 -36.33 -7.81
N GLU A 243 2.40 -35.60 -6.86
CA GLU A 243 3.80 -35.85 -6.52
C GLU A 243 3.99 -37.25 -5.95
N ASN A 244 3.07 -37.67 -5.08
CA ASN A 244 3.06 -39.02 -4.55
C ASN A 244 1.60 -39.41 -4.35
N ILE A 245 1.05 -40.18 -5.30
CA ILE A 245 -0.38 -40.47 -5.28
C ILE A 245 -0.78 -41.23 -4.03
N THR A 246 0.16 -41.95 -3.41
CA THR A 246 -0.13 -42.69 -2.18
C THR A 246 -0.05 -41.81 -0.94
N ASN A 247 0.38 -40.56 -1.07
CA ASN A 247 0.46 -39.63 0.05
C ASN A 247 -0.73 -38.69 -0.01
N ASN A 248 -1.56 -38.70 1.03
CA ASN A 248 -2.76 -37.87 1.05
C ASN A 248 -2.48 -36.41 1.34
N ALA A 249 -1.24 -36.06 1.71
CA ALA A 249 -0.87 -34.68 1.95
C ALA A 249 -0.46 -33.94 0.68
N LYS A 250 -0.47 -34.62 -0.46
CA LYS A 250 -0.07 -34.04 -1.74
C LYS A 250 -1.30 -33.78 -2.58
N ASN A 251 -1.39 -32.58 -3.16
CA ASN A 251 -2.51 -32.24 -4.01
C ASN A 251 -2.44 -33.03 -5.31
N ILE A 252 -3.62 -33.31 -5.86
CA ILE A 252 -3.77 -34.03 -7.12
C ILE A 252 -4.20 -33.02 -8.18
N LEU A 253 -3.40 -32.87 -9.22
CA LEU A 253 -3.69 -31.91 -10.28
C LEU A 253 -4.36 -32.64 -11.43
N VAL A 254 -5.68 -32.60 -11.46
CA VAL A 254 -6.44 -33.18 -12.56
C VAL A 254 -6.44 -32.20 -13.72
N GLN A 255 -6.29 -32.73 -14.93
CA GLN A 255 -6.34 -31.91 -16.14
C GLN A 255 -7.35 -32.52 -17.10
N PHE A 256 -8.30 -31.72 -17.54
CA PHE A 256 -9.37 -32.23 -18.40
C PHE A 256 -8.91 -32.29 -19.85
N ASN A 257 -9.60 -33.12 -20.63
CA ASN A 257 -9.39 -33.15 -22.07
C ASN A 257 -10.43 -32.33 -22.83
N THR A 258 -11.64 -32.22 -22.30
CA THR A 258 -12.66 -31.34 -22.83
C THR A 258 -13.04 -30.32 -21.76
N PRO A 259 -12.99 -29.03 -22.05
CA PRO A 259 -13.26 -28.03 -21.02
C PRO A 259 -14.71 -28.05 -20.57
N VAL A 260 -14.92 -27.70 -19.31
CA VAL A 260 -16.24 -27.54 -18.73
C VAL A 260 -16.50 -26.05 -18.59
N GLN A 261 -17.45 -25.53 -19.36
CA GLN A 261 -17.70 -24.10 -19.38
C GLN A 261 -18.48 -23.69 -18.13
N ILE A 262 -18.03 -22.61 -17.49
CA ILE A 262 -18.66 -22.08 -16.29
C ILE A 262 -19.00 -20.62 -16.54
N ASN A 263 -20.24 -20.24 -16.25
CA ASN A 263 -20.73 -18.88 -16.48
C ASN A 263 -20.99 -18.17 -15.16
N CYS A 264 -20.41 -16.99 -15.02
CA CYS A 264 -20.47 -16.18 -13.81
C CYS A 264 -21.63 -15.23 -13.95
N THR A 265 -21.99 -14.57 -12.86
CA THR A 265 -22.67 -13.30 -13.02
C THR A 265 -22.76 -12.60 -11.68
N ARG A 266 -22.81 -11.28 -11.74
CA ARG A 266 -23.33 -10.43 -10.66
C ARG A 266 -24.49 -9.66 -11.26
N PRO A 267 -25.73 -10.09 -11.03
CA PRO A 267 -26.86 -9.50 -11.77
C PRO A 267 -27.11 -8.03 -11.45
N ASN A 268 -26.59 -7.53 -10.34
CA ASN A 268 -26.86 -6.16 -9.92
C ASN A 268 -26.31 -5.15 -10.90
N ASN A 269 -27.04 -4.05 -11.07
CA ASN A 269 -26.51 -2.89 -11.79
C ASN A 269 -25.90 -1.96 -10.75
N ASN A 270 -24.60 -2.12 -10.51
CA ASN A 270 -23.90 -1.33 -9.52
C ASN A 270 -23.74 0.11 -9.99
N THR A 271 -23.65 1.02 -9.03
CA THR A 271 -23.40 2.44 -9.30
C THR A 271 -22.16 2.88 -8.55
N ARG A 272 -21.03 2.89 -9.24
CA ARG A 272 -19.79 3.36 -8.65
C ARG A 272 -19.87 4.86 -8.35
N LYS A 273 -19.36 5.25 -7.18
CA LYS A 273 -19.37 6.63 -6.73
C LYS A 273 -17.96 7.04 -6.34
N SER A 274 -17.56 8.25 -6.72
CA SER A 274 -16.20 8.73 -6.48
C SER A 274 -16.17 9.67 -5.28
N ILE A 275 -15.23 9.44 -4.39
CA ILE A 275 -15.01 10.28 -3.21
C ILE A 275 -13.59 10.81 -3.26
N ARG A 276 -13.44 12.12 -3.14
CA ARG A 276 -12.11 12.74 -3.14
C ARG A 276 -11.56 12.73 -1.72
N ILE A 277 -10.69 11.76 -1.43
CA ILE A 277 -10.13 11.61 -0.09
C ILE A 277 -8.89 12.47 0.13
N GLY A 278 -8.41 13.16 -0.90
CA GLY A 278 -7.23 13.97 -0.79
C GLY A 278 -6.93 14.67 -2.10
N PRO A 279 -5.82 15.40 -2.15
CA PRO A 279 -5.48 16.09 -3.40
C PRO A 279 -5.06 15.11 -4.48
N GLY A 280 -5.92 14.93 -5.48
CA GLY A 280 -5.64 14.04 -6.58
C GLY A 280 -6.01 12.59 -6.35
N GLN A 281 -6.36 12.22 -5.13
CA GLN A 281 -6.72 10.86 -4.79
C GLN A 281 -8.22 10.72 -4.71
N ALA A 282 -8.77 9.69 -5.34
CA ALA A 282 -10.19 9.43 -5.35
C ALA A 282 -10.45 8.02 -4.83
N PHE A 283 -11.53 7.88 -4.06
CA PHE A 283 -11.96 6.60 -3.52
C PHE A 283 -13.27 6.22 -4.18
N TYR A 284 -13.30 5.08 -4.86
CA TYR A 284 -14.46 4.64 -5.61
C TYR A 284 -15.32 3.76 -4.73
N ALA A 285 -16.56 4.18 -4.51
CA ALA A 285 -17.44 3.55 -3.55
C ALA A 285 -18.74 3.13 -4.22
N THR A 286 -19.36 2.09 -3.67
CA THR A 286 -20.66 1.64 -4.15
C THR A 286 -21.72 2.56 -3.57
N GLY A 287 -22.27 3.43 -4.41
CA GLY A 287 -23.25 4.39 -3.92
C GLY A 287 -24.63 3.82 -3.85
N ASP A 288 -25.01 3.04 -4.86
CA ASP A 288 -26.35 2.50 -4.94
C ASP A 288 -26.30 1.19 -5.70
N ILE A 289 -27.26 0.32 -5.42
CA ILE A 289 -27.38 -0.95 -6.13
C ILE A 289 -28.84 -1.16 -6.52
N ILE A 290 -29.08 -1.33 -7.81
CA ILE A 290 -30.41 -1.52 -8.38
C ILE A 290 -30.33 -2.66 -9.38
N GLY A 291 -31.47 -3.01 -9.96
CA GLY A 291 -31.52 -4.07 -10.93
C GLY A 291 -31.78 -5.42 -10.28
N ASP A 292 -31.39 -6.47 -11.00
CA ASP A 292 -31.57 -7.83 -10.51
C ASP A 292 -30.71 -8.05 -9.27
N ILE A 293 -31.35 -8.32 -8.14
CA ILE A 293 -30.66 -8.44 -6.87
C ILE A 293 -30.46 -9.90 -6.48
N ARG A 294 -30.50 -10.81 -7.43
CA ARG A 294 -30.15 -12.20 -7.14
C ARG A 294 -28.68 -12.30 -6.76
N GLN A 295 -28.38 -13.24 -5.87
CA GLN A 295 -27.01 -13.41 -5.42
C GLN A 295 -26.12 -13.79 -6.58
N ALA A 296 -24.87 -13.32 -6.56
CA ALA A 296 -23.91 -13.68 -7.59
C ALA A 296 -23.73 -15.19 -7.62
N HIS A 297 -23.64 -15.75 -8.82
CA HIS A 297 -23.61 -17.20 -8.96
C HIS A 297 -22.83 -17.58 -10.20
N CYS A 298 -22.44 -18.85 -10.25
CA CYS A 298 -21.84 -19.46 -11.43
C CYS A 298 -22.64 -20.68 -11.84
N ASN A 299 -22.83 -20.86 -13.14
CA ASN A 299 -23.57 -21.98 -13.68
C ASN A 299 -22.61 -22.93 -14.38
N VAL A 300 -22.64 -24.21 -13.99
CA VAL A 300 -21.91 -25.27 -14.67
C VAL A 300 -22.93 -26.28 -15.15
N SER A 301 -22.84 -26.65 -16.42
CA SER A 301 -23.79 -27.60 -16.99
C SER A 301 -23.77 -28.91 -16.21
N LYS A 302 -24.95 -29.38 -15.82
CA LYS A 302 -25.03 -30.56 -14.97
C LYS A 302 -24.67 -31.82 -15.75
N ALA A 303 -25.03 -31.87 -17.04
CA ALA A 303 -24.67 -33.02 -17.86
C ALA A 303 -23.18 -33.04 -18.17
N THR A 304 -22.62 -31.89 -18.52
CA THR A 304 -21.19 -31.82 -18.85
C THR A 304 -20.32 -32.09 -17.63
N TRP A 305 -20.71 -31.59 -16.47
CA TRP A 305 -19.92 -31.83 -15.27
C TRP A 305 -20.01 -33.29 -14.83
N ASN A 306 -21.17 -33.91 -15.01
CA ASN A 306 -21.31 -35.31 -14.61
C ASN A 306 -20.45 -36.23 -15.46
N GLU A 307 -20.39 -36.00 -16.76
CA GLU A 307 -19.55 -36.82 -17.62
C GLU A 307 -18.07 -36.48 -17.47
N THR A 308 -17.74 -35.27 -17.01
CA THR A 308 -16.35 -34.94 -16.74
C THR A 308 -15.85 -35.60 -15.46
N LEU A 309 -16.68 -35.63 -14.43
CA LEU A 309 -16.30 -36.40 -13.24
C LEU A 309 -16.26 -37.89 -13.53
N GLY A 310 -17.07 -38.36 -14.48
CA GLY A 310 -16.97 -39.75 -14.89
C GLY A 310 -15.63 -40.07 -15.50
N LYS A 311 -15.11 -39.16 -16.32
CA LYS A 311 -13.77 -39.34 -16.89
C LYS A 311 -12.70 -39.23 -15.82
N VAL A 312 -12.87 -38.30 -14.88
CA VAL A 312 -11.91 -38.16 -13.78
C VAL A 312 -11.90 -39.41 -12.92
N VAL A 313 -13.09 -39.95 -12.63
CA VAL A 313 -13.17 -41.15 -11.81
C VAL A 313 -12.54 -42.34 -12.52
N LYS A 314 -12.78 -42.46 -13.83
CA LYS A 314 -12.20 -43.57 -14.58
C LYS A 314 -10.67 -43.53 -14.55
N GLN A 315 -10.09 -42.35 -14.73
CA GLN A 315 -8.64 -42.19 -14.65
C GLN A 315 -8.13 -42.18 -13.22
N LEU A 316 -9.01 -42.11 -12.23
CA LEU A 316 -8.62 -42.08 -10.83
C LEU A 316 -8.71 -43.44 -10.16
N ARG A 317 -9.47 -44.37 -10.74
CA ARG A 317 -9.48 -45.75 -10.26
C ARG A 317 -8.22 -46.51 -10.64
N LYS A 318 -7.46 -46.02 -11.62
CA LYS A 318 -6.23 -46.68 -12.03
C LYS A 318 -5.17 -46.63 -10.93
N HIS A 319 -5.26 -45.68 -10.00
CA HIS A 319 -4.29 -45.55 -8.93
C HIS A 319 -4.78 -46.09 -7.61
N PHE A 320 -6.05 -46.46 -7.50
CA PHE A 320 -6.61 -46.91 -6.23
C PHE A 320 -7.39 -48.23 -6.32
N GLY A 321 -7.66 -48.73 -7.52
CA GLY A 321 -8.37 -49.99 -7.66
C GLY A 321 -9.65 -49.88 -8.44
N ASN A 322 -10.06 -50.97 -9.08
CA ASN A 322 -11.30 -50.98 -9.85
C ASN A 322 -12.52 -51.05 -8.95
N ASN A 323 -12.42 -51.73 -7.80
CA ASN A 323 -13.56 -51.94 -6.91
C ASN A 323 -13.67 -50.87 -5.83
N THR A 324 -12.76 -49.90 -5.81
CA THR A 324 -12.82 -48.87 -4.78
C THR A 324 -13.95 -47.87 -5.09
N ILE A 325 -14.41 -47.21 -4.04
CA ILE A 325 -15.52 -46.26 -4.14
C ILE A 325 -14.93 -44.86 -4.15
N ILE A 326 -15.11 -44.15 -5.26
CA ILE A 326 -14.60 -42.79 -5.41
C ILE A 326 -15.72 -41.84 -5.04
N ARG A 327 -15.51 -41.06 -3.98
CA ARG A 327 -16.50 -40.12 -3.48
C ARG A 327 -15.92 -38.72 -3.50
N PHE A 328 -16.67 -37.78 -4.05
CA PHE A 328 -16.26 -36.38 -4.09
C PHE A 328 -17.05 -35.63 -3.03
N ALA A 329 -16.35 -35.10 -2.03
CA ALA A 329 -16.95 -34.26 -1.02
C ALA A 329 -16.52 -32.81 -1.25
N ASN A 330 -17.04 -31.90 -0.45
CA ASN A 330 -16.73 -30.48 -0.61
C ASN A 330 -15.63 -30.08 0.36
N SER A 331 -15.17 -28.85 0.22
CA SER A 331 -13.98 -28.39 0.94
C SER A 331 -14.18 -28.51 2.44
N SER A 332 -13.10 -28.88 3.14
CA SER A 332 -13.18 -29.16 4.56
C SER A 332 -13.41 -27.90 5.39
N GLY A 333 -12.45 -26.98 5.36
CA GLY A 333 -12.56 -25.78 6.16
C GLY A 333 -11.32 -24.92 6.01
N GLY A 334 -11.38 -23.74 6.62
CA GLY A 334 -10.28 -22.80 6.56
C GLY A 334 -10.70 -21.41 6.15
N ASP A 335 -9.82 -20.69 5.45
CA ASP A 335 -10.13 -19.36 4.97
C ASP A 335 -11.16 -19.43 3.84
N LEU A 336 -11.83 -18.30 3.61
CA LEU A 336 -12.75 -18.22 2.48
C LEU A 336 -12.02 -18.34 1.16
N GLU A 337 -10.74 -17.98 1.13
CA GLU A 337 -9.97 -18.11 -0.10
C GLU A 337 -9.61 -19.55 -0.41
N VAL A 338 -9.69 -20.44 0.58
CA VAL A 338 -9.32 -21.84 0.39
C VAL A 338 -10.52 -22.77 0.43
N THR A 339 -11.64 -22.38 1.05
CA THR A 339 -12.84 -23.19 1.06
C THR A 339 -13.74 -22.92 -0.13
N THR A 340 -13.42 -21.91 -0.94
CA THR A 340 -14.27 -21.50 -2.05
C THR A 340 -13.45 -21.42 -3.32
N HIS A 341 -14.15 -21.50 -4.45
CA HIS A 341 -13.53 -21.29 -5.76
C HIS A 341 -13.30 -19.79 -5.93
N SER A 342 -12.26 -19.31 -5.25
CA SER A 342 -11.87 -17.92 -5.36
C SER A 342 -11.35 -17.64 -6.76
N PHE A 343 -11.81 -16.55 -7.37
CA PHE A 343 -11.28 -16.14 -8.66
C PHE A 343 -11.68 -14.70 -8.92
N ASN A 344 -11.15 -14.14 -10.00
CA ASN A 344 -11.44 -12.79 -10.46
C ASN A 344 -12.17 -12.88 -11.78
N CYS A 345 -13.23 -12.10 -11.93
CA CYS A 345 -13.97 -12.10 -13.19
C CYS A 345 -14.62 -10.75 -13.42
N GLY A 346 -14.13 -10.02 -14.42
CA GLY A 346 -14.63 -8.70 -14.74
C GLY A 346 -14.14 -7.63 -13.78
N GLY A 347 -13.01 -7.88 -13.12
CA GLY A 347 -12.44 -6.94 -12.18
C GLY A 347 -12.99 -7.05 -10.78
N GLU A 348 -13.98 -7.90 -10.54
CA GLU A 348 -14.58 -8.08 -9.23
C GLU A 348 -14.38 -9.52 -8.79
N PHE A 349 -14.01 -9.69 -7.52
CA PHE A 349 -13.51 -10.96 -7.02
C PHE A 349 -14.64 -11.79 -6.45
N PHE A 350 -14.80 -13.01 -6.96
CA PHE A 350 -15.85 -13.93 -6.55
C PHE A 350 -15.30 -15.00 -5.64
N TYR A 351 -16.19 -15.61 -4.85
CA TYR A 351 -15.84 -16.70 -3.95
C TYR A 351 -17.00 -17.69 -3.96
N CYS A 352 -16.96 -18.66 -4.87
CA CYS A 352 -18.08 -19.55 -5.13
C CYS A 352 -18.00 -20.80 -4.27
N ASN A 353 -19.17 -21.34 -3.94
CA ASN A 353 -19.24 -22.41 -2.94
C ASN A 353 -18.64 -23.72 -3.45
N THR A 354 -19.04 -24.14 -4.66
CA THR A 354 -18.59 -25.41 -5.25
C THR A 354 -18.80 -26.59 -4.29
N SER A 355 -19.95 -26.60 -3.61
CA SER A 355 -20.37 -27.77 -2.85
C SER A 355 -21.37 -28.62 -3.62
N GLY A 356 -21.91 -28.10 -4.71
CA GLY A 356 -22.78 -28.88 -5.56
C GLY A 356 -21.99 -29.48 -6.70
N LEU A 357 -20.83 -28.89 -6.99
CA LEU A 357 -19.92 -29.50 -7.95
C LEU A 357 -19.35 -30.80 -7.41
N PHE A 358 -18.80 -30.75 -6.20
CA PHE A 358 -18.16 -31.90 -5.57
C PHE A 358 -19.12 -32.49 -4.54
N ASN A 359 -20.08 -33.27 -5.04
CA ASN A 359 -21.01 -33.98 -4.16
C ASN A 359 -21.53 -35.18 -4.96
N SER A 360 -20.90 -36.33 -4.77
CA SER A 360 -21.25 -37.51 -5.54
C SER A 360 -20.50 -38.71 -5.00
N THR A 361 -21.07 -39.89 -5.21
CA THR A 361 -20.43 -41.15 -4.86
C THR A 361 -20.47 -42.06 -6.09
N TRP A 362 -19.33 -42.62 -6.45
CA TRP A 362 -19.19 -43.40 -7.67
C TRP A 362 -18.91 -44.85 -7.31
N ILE A 363 -19.79 -45.74 -7.77
CA ILE A 363 -19.70 -47.17 -7.49
C ILE A 363 -19.20 -47.88 -8.73
N SER A 364 -18.38 -48.90 -8.54
CA SER A 364 -17.83 -49.68 -9.64
C SER A 364 -18.92 -50.30 -10.51
N ASN A 377 -29.48 -29.52 -20.65
CA ASN A 377 -30.29 -28.33 -20.41
C ASN A 377 -30.19 -27.89 -18.95
N ASP A 378 -30.14 -28.85 -18.05
CA ASP A 378 -30.06 -28.55 -16.62
C ASP A 378 -28.68 -28.00 -16.29
N SER A 379 -28.61 -27.28 -15.17
CA SER A 379 -27.40 -26.57 -14.80
C SER A 379 -27.21 -26.63 -13.29
N ILE A 380 -25.96 -26.43 -12.86
CA ILE A 380 -25.60 -26.38 -11.45
C ILE A 380 -25.24 -24.95 -11.10
N THR A 381 -25.93 -24.38 -10.13
CA THR A 381 -25.75 -22.99 -9.74
C THR A 381 -24.96 -22.92 -8.44
N LEU A 382 -23.80 -22.24 -8.48
CA LEU A 382 -22.92 -22.15 -7.33
C LEU A 382 -23.05 -20.77 -6.72
N PRO A 383 -23.56 -20.63 -5.50
CA PRO A 383 -23.70 -19.30 -4.90
C PRO A 383 -22.33 -18.72 -4.56
N CYS A 384 -22.05 -17.53 -5.11
CA CYS A 384 -20.77 -16.88 -4.95
C CYS A 384 -20.91 -15.61 -4.13
N ARG A 385 -20.01 -15.43 -3.17
CA ARG A 385 -19.89 -14.17 -2.46
C ARG A 385 -18.88 -13.28 -3.17
N ILE A 386 -18.89 -12.00 -2.83
CA ILE A 386 -17.99 -11.03 -3.43
C ILE A 386 -17.33 -10.24 -2.32
N LYS A 387 -16.04 -9.97 -2.48
CA LYS A 387 -15.28 -9.14 -1.56
C LYS A 387 -14.63 -8.01 -2.33
N GLN A 388 -14.34 -6.92 -1.62
CA GLN A 388 -13.59 -5.82 -2.18
C GLN A 388 -12.21 -5.66 -1.57
N ILE A 389 -11.98 -6.19 -0.38
CA ILE A 389 -10.67 -6.13 0.27
C ILE A 389 -10.02 -7.50 0.11
N ILE A 390 -8.94 -7.56 -0.68
CA ILE A 390 -8.35 -8.80 -1.15
C ILE A 390 -6.94 -8.94 -0.58
N ASN A 391 -6.69 -10.03 0.13
CA ASN A 391 -5.33 -10.47 0.47
C ASN A 391 -5.04 -11.64 -0.44
N MET A 392 -4.46 -11.35 -1.61
CA MET A 392 -4.47 -12.34 -2.68
C MET A 392 -3.46 -13.45 -2.45
N TRP A 393 -2.17 -13.11 -2.40
CA TRP A 393 -1.14 -14.14 -2.41
C TRP A 393 -0.88 -14.73 -1.04
N GLN A 394 -1.94 -15.14 -0.35
CA GLN A 394 -1.86 -15.82 0.95
C GLN A 394 -0.90 -15.10 1.90
N ARG A 395 -0.90 -13.77 1.85
CA ARG A 395 -0.01 -12.96 2.66
C ARG A 395 -0.82 -12.16 3.66
N ILE A 396 -0.13 -11.66 4.68
CA ILE A 396 -0.71 -10.80 5.69
C ILE A 396 0.05 -9.48 5.67
N GLY A 397 -0.68 -8.37 5.68
CA GLY A 397 -0.10 -7.05 5.72
C GLY A 397 -0.10 -6.31 4.40
N GLN A 398 -0.54 -6.94 3.31
CA GLN A 398 -0.65 -6.28 2.01
C GLN A 398 -2.01 -6.66 1.43
N CYS A 399 -3.02 -5.86 1.75
CA CYS A 399 -4.35 -6.04 1.18
C CYS A 399 -4.49 -5.18 -0.07
N MET A 400 -5.65 -5.28 -0.71
CA MET A 400 -5.95 -4.46 -1.87
C MET A 400 -7.45 -4.24 -1.91
N TYR A 401 -7.87 -3.00 -2.15
CA TYR A 401 -9.28 -2.68 -2.25
C TYR A 401 -9.66 -2.66 -3.73
N ALA A 402 -10.43 -3.67 -4.14
CA ALA A 402 -10.92 -3.72 -5.51
C ALA A 402 -12.11 -2.78 -5.66
N PRO A 403 -12.02 -1.74 -6.48
CA PRO A 403 -13.10 -0.76 -6.56
C PRO A 403 -14.32 -1.36 -7.24
N PRO A 404 -15.50 -0.81 -7.00
CA PRO A 404 -16.71 -1.34 -7.63
C PRO A 404 -16.63 -1.25 -9.14
N ILE A 405 -17.20 -2.23 -9.82
CA ILE A 405 -17.30 -2.25 -11.26
C ILE A 405 -18.70 -1.78 -11.64
N GLN A 406 -18.77 -0.71 -12.42
CA GLN A 406 -20.05 -0.18 -12.86
C GLN A 406 -20.76 -1.18 -13.77
N GLY A 407 -22.03 -1.42 -13.50
CA GLY A 407 -22.85 -2.23 -14.38
C GLY A 407 -22.91 -3.68 -13.95
N VAL A 408 -23.42 -4.49 -14.87
CA VAL A 408 -23.60 -5.92 -14.67
C VAL A 408 -22.36 -6.65 -15.16
N ILE A 409 -21.90 -7.61 -14.38
CA ILE A 409 -20.69 -8.39 -14.69
C ILE A 409 -21.10 -9.75 -15.21
N ARG A 410 -20.52 -10.14 -16.35
CA ARG A 410 -20.82 -11.44 -16.96
C ARG A 410 -19.49 -12.10 -17.31
N CYS A 411 -19.49 -13.42 -17.38
CA CYS A 411 -18.31 -14.25 -17.22
C CYS A 411 -18.46 -15.52 -18.02
N VAL A 412 -17.45 -15.86 -18.82
CA VAL A 412 -17.41 -17.13 -19.52
C VAL A 412 -15.99 -17.68 -19.41
N SER A 413 -15.85 -18.80 -18.70
CA SER A 413 -14.55 -19.41 -18.47
C SER A 413 -14.62 -20.90 -18.77
N ASN A 414 -13.45 -21.49 -18.96
CA ASN A 414 -13.31 -22.93 -19.15
C ASN A 414 -12.67 -23.51 -17.90
N ILE A 415 -13.32 -24.49 -17.29
CA ILE A 415 -12.69 -25.28 -16.23
C ILE A 415 -11.82 -26.32 -16.92
N THR A 416 -10.50 -26.11 -16.90
CA THR A 416 -9.58 -27.01 -17.58
C THR A 416 -8.84 -27.92 -16.61
N GLY A 417 -9.21 -27.92 -15.34
CA GLY A 417 -8.53 -28.78 -14.38
C GLY A 417 -9.13 -28.67 -13.01
N LEU A 418 -8.56 -29.42 -12.08
CA LEU A 418 -8.97 -29.45 -10.69
C LEU A 418 -7.74 -29.51 -9.82
N ILE A 419 -7.92 -29.19 -8.55
CA ILE A 419 -6.91 -29.43 -7.52
C ILE A 419 -7.62 -30.16 -6.39
N LEU A 420 -7.31 -31.43 -6.21
CA LEU A 420 -7.99 -32.28 -5.24
C LEU A 420 -7.05 -32.64 -4.11
N THR A 421 -7.63 -32.92 -2.96
CA THR A 421 -6.92 -33.49 -1.82
C THR A 421 -7.67 -34.74 -1.38
N ARG A 422 -6.92 -35.77 -1.00
CA ARG A 422 -7.50 -37.03 -0.60
C ARG A 422 -7.55 -37.16 0.91
N ASP A 423 -8.59 -37.83 1.41
CA ASP A 423 -8.76 -38.04 2.83
C ASP A 423 -8.05 -39.32 3.26
N GLY A 424 -7.32 -39.24 4.36
CA GLY A 424 -6.57 -40.38 4.87
C GLY A 424 -7.42 -41.54 5.32
N SER A 429 -10.33 -49.33 4.46
CA SER A 429 -11.60 -48.86 3.91
C SER A 429 -11.58 -48.89 2.38
N THR A 430 -12.73 -49.18 1.79
CA THR A 430 -12.87 -49.28 0.34
C THR A 430 -13.32 -47.98 -0.29
N THR A 431 -13.47 -46.91 0.48
CA THR A 431 -13.96 -45.63 -0.01
C THR A 431 -12.86 -44.59 0.07
N GLU A 432 -12.59 -43.93 -1.06
CA GLU A 432 -11.63 -42.84 -1.13
C GLU A 432 -12.38 -41.55 -1.41
N THR A 433 -12.20 -40.55 -0.54
CA THR A 433 -12.90 -39.29 -0.63
C THR A 433 -11.95 -38.20 -1.11
N PHE A 434 -12.34 -37.50 -2.17
CA PHE A 434 -11.51 -36.49 -2.81
C PHE A 434 -12.18 -35.12 -2.64
N ARG A 435 -11.68 -34.34 -1.73
CA ARG A 435 -12.13 -32.97 -1.52
C ARG A 435 -11.33 -32.02 -2.41
N PRO A 436 -11.93 -30.91 -2.83
CA PRO A 436 -11.16 -29.91 -3.57
C PRO A 436 -10.13 -29.24 -2.68
N GLY A 437 -9.04 -28.82 -3.30
CA GLY A 437 -7.95 -28.22 -2.55
C GLY A 437 -7.50 -26.91 -3.13
N GLY A 438 -6.28 -26.49 -2.81
CA GLY A 438 -5.77 -25.24 -3.32
C GLY A 438 -5.00 -24.45 -2.29
N GLY A 439 -5.16 -23.13 -2.33
CA GLY A 439 -4.41 -22.25 -1.44
C GLY A 439 -3.08 -21.85 -2.02
N ASP A 440 -2.22 -22.83 -2.27
CA ASP A 440 -0.89 -22.58 -2.83
C ASP A 440 -1.05 -22.28 -4.32
N MET A 441 -0.74 -21.05 -4.70
CA MET A 441 -0.92 -20.63 -6.09
C MET A 441 0.05 -21.30 -7.03
N ARG A 442 1.09 -21.96 -6.51
CA ARG A 442 2.08 -22.57 -7.38
C ARG A 442 1.50 -23.79 -8.11
N ASP A 443 0.55 -24.50 -7.50
CA ASP A 443 -0.06 -25.64 -8.18
C ASP A 443 -0.89 -25.22 -9.39
N ASN A 444 -1.27 -23.94 -9.47
CA ASN A 444 -1.99 -23.46 -10.65
C ASN A 444 -1.06 -23.32 -11.84
N TRP A 445 0.15 -22.80 -11.63
CA TRP A 445 1.12 -22.65 -12.69
C TRP A 445 1.98 -23.88 -12.88
N ARG A 446 2.02 -24.76 -11.88
CA ARG A 446 2.64 -26.07 -12.07
C ARG A 446 1.87 -26.90 -13.09
N SER A 447 0.61 -26.59 -13.33
CA SER A 447 -0.20 -27.28 -14.32
C SER A 447 0.03 -26.77 -15.73
N GLU A 448 0.71 -25.64 -15.89
CA GLU A 448 1.06 -25.12 -17.22
C GLU A 448 2.52 -25.32 -17.56
N LEU A 449 3.39 -25.38 -16.55
CA LEU A 449 4.82 -25.57 -16.74
C LEU A 449 5.26 -26.98 -16.40
N TYR A 450 4.35 -27.96 -16.52
CA TYR A 450 4.72 -29.33 -16.23
C TYR A 450 5.54 -29.95 -17.35
N LYS A 451 5.33 -29.52 -18.59
CA LYS A 451 5.97 -30.10 -19.75
C LYS A 451 7.31 -29.45 -20.09
N TYR A 452 7.67 -28.36 -19.42
CA TYR A 452 8.86 -27.60 -19.76
C TYR A 452 9.97 -27.87 -18.77
N LYS A 453 11.22 -27.69 -19.22
CA LYS A 453 12.40 -27.95 -18.43
C LYS A 453 13.53 -27.10 -18.96
N VAL A 454 14.32 -26.52 -18.05
CA VAL A 454 15.43 -25.65 -18.40
C VAL A 454 16.73 -26.43 -18.23
N VAL A 455 17.57 -26.42 -19.26
CA VAL A 455 18.84 -27.12 -19.23
C VAL A 455 19.95 -26.14 -19.56
N LYS A 456 21.16 -26.49 -19.12
CA LYS A 456 22.35 -25.69 -19.33
C LYS A 456 23.23 -26.39 -20.35
N ILE A 457 23.53 -25.72 -21.45
CA ILE A 457 24.31 -26.34 -22.52
C ILE A 457 25.78 -26.41 -22.10
N GLU A 458 26.36 -27.60 -22.22
CA GLU A 458 27.78 -27.83 -21.94
C GLU A 458 28.49 -28.11 -23.26
N PRO A 459 28.98 -27.09 -23.95
CA PRO A 459 29.43 -27.26 -25.34
C PRO A 459 30.84 -27.77 -25.50
N LEU A 460 31.56 -28.04 -24.42
CA LEU A 460 32.97 -28.42 -24.47
C LEU A 460 33.09 -29.87 -24.04
N GLY A 461 33.40 -30.75 -24.98
CA GLY A 461 33.53 -32.17 -24.68
C GLY A 461 34.75 -32.75 -25.34
N VAL A 462 35.35 -33.73 -24.67
CA VAL A 462 36.56 -34.39 -25.15
C VAL A 462 36.22 -35.85 -25.45
N ALA A 463 36.93 -36.42 -26.42
CA ALA A 463 36.65 -37.78 -26.86
C ALA A 463 37.89 -38.31 -27.56
N PRO A 464 38.06 -39.63 -27.62
CA PRO A 464 39.25 -40.20 -28.28
C PRO A 464 39.09 -40.21 -29.79
N THR A 465 40.22 -40.00 -30.47
CA THR A 465 40.24 -40.02 -31.93
C THR A 465 41.66 -40.33 -32.35
N ARG A 466 41.82 -40.79 -33.60
CA ARG A 466 43.13 -41.11 -34.15
C ARG A 466 43.97 -39.88 -34.47
N CYS A 467 43.53 -38.68 -34.08
CA CYS A 467 44.30 -37.48 -34.34
C CYS A 467 45.63 -37.49 -33.61
N LYS A 468 46.50 -36.60 -34.03
CA LYS A 468 47.72 -36.28 -33.29
C LYS A 468 48.16 -34.90 -33.76
N ARG A 469 48.22 -33.95 -32.84
CA ARG A 469 48.61 -32.59 -33.21
C ARG A 469 50.01 -32.58 -33.82
N ARG A 470 50.16 -31.85 -34.91
CA ARG A 470 51.44 -31.76 -35.60
C ARG A 470 52.24 -30.57 -35.10
N PHE B 11 19.73 -29.62 -42.49
CA PHE B 11 19.75 -28.80 -41.28
C PHE B 11 18.79 -29.34 -40.23
N LEU B 12 19.29 -29.53 -39.01
CA LEU B 12 18.49 -30.03 -37.90
C LEU B 12 18.09 -28.94 -36.91
N GLY B 13 18.98 -27.99 -36.65
CA GLY B 13 18.71 -26.89 -35.74
C GLY B 13 19.50 -27.02 -34.46
N PHE B 14 19.24 -26.08 -33.55
CA PHE B 14 19.92 -26.07 -32.26
C PHE B 14 19.59 -27.32 -31.47
N LEU B 15 20.64 -28.01 -31.01
CA LEU B 15 20.51 -29.24 -30.23
C LEU B 15 19.81 -30.34 -31.00
N GLY B 16 19.59 -30.14 -32.30
CA GLY B 16 18.86 -31.12 -33.09
C GLY B 16 19.54 -32.47 -33.14
N ALA B 17 20.88 -32.48 -33.16
CA ALA B 17 21.66 -33.71 -33.21
C ALA B 17 21.99 -34.25 -31.82
N ALA B 18 21.17 -33.92 -30.82
CA ALA B 18 21.41 -34.42 -29.47
C ALA B 18 21.24 -35.94 -29.41
N GLY B 19 20.28 -36.48 -30.14
CA GLY B 19 20.11 -37.91 -30.24
C GLY B 19 20.90 -38.58 -31.33
N SER B 20 21.58 -37.82 -32.18
CA SER B 20 22.45 -38.39 -33.20
C SER B 20 23.71 -38.93 -32.56
N THR B 21 24.32 -39.90 -33.24
CA THR B 21 25.56 -40.48 -32.74
C THR B 21 26.66 -39.42 -32.66
N MET B 22 27.74 -39.76 -31.96
CA MET B 22 28.81 -38.80 -31.76
C MET B 22 29.45 -38.40 -33.07
N GLY B 23 29.57 -39.34 -34.01
CA GLY B 23 30.15 -39.01 -35.31
C GLY B 23 29.26 -38.08 -36.10
N ALA B 24 27.95 -38.29 -36.05
CA ALA B 24 27.03 -37.44 -36.78
C ALA B 24 26.80 -36.09 -36.11
N ALA B 25 26.86 -36.05 -34.78
CA ALA B 25 26.63 -34.81 -34.05
C ALA B 25 27.83 -33.88 -34.05
N SER B 26 29.01 -34.37 -34.45
CA SER B 26 30.20 -33.52 -34.51
C SER B 26 30.29 -32.72 -35.79
N MET B 27 29.38 -32.94 -36.74
CA MET B 27 29.30 -32.15 -37.95
C MET B 27 28.37 -30.96 -37.81
N THR B 28 27.79 -30.75 -36.63
CA THR B 28 26.87 -29.66 -36.38
C THR B 28 27.31 -28.82 -35.19
N LEU B 29 28.63 -28.70 -34.98
CA LEU B 29 29.10 -27.96 -33.83
C LEU B 29 28.86 -26.46 -33.97
N THR B 30 28.92 -25.94 -35.19
CA THR B 30 28.69 -24.50 -35.40
C THR B 30 27.28 -24.10 -34.98
N VAL B 31 26.33 -25.04 -35.02
CA VAL B 31 24.95 -24.73 -34.67
C VAL B 31 24.83 -24.44 -33.19
N GLN B 32 25.43 -25.27 -32.34
CA GLN B 32 25.38 -25.05 -30.90
C GLN B 32 26.33 -23.95 -30.47
N ALA B 33 27.44 -23.76 -31.20
CA ALA B 33 28.43 -22.76 -30.79
C ALA B 33 27.87 -21.34 -30.91
N ARG B 34 27.11 -21.06 -31.96
CA ARG B 34 26.60 -19.71 -32.18
C ARG B 34 25.38 -19.39 -31.33
N ASN B 35 24.82 -20.37 -30.62
CA ASN B 35 23.66 -20.15 -29.76
C ASN B 35 24.03 -20.00 -28.30
N LEU B 36 25.32 -19.88 -27.98
CA LEU B 36 25.78 -19.73 -26.61
C LEU B 36 26.03 -18.27 -26.23
N LEU B 37 25.70 -17.34 -27.12
CA LEU B 37 26.05 -15.94 -26.86
C LEU B 37 24.83 -15.04 -27.01
N SER B 38 23.90 -15.43 -27.88
CA SER B 38 22.64 -14.70 -28.03
C SER B 38 21.58 -15.59 -28.65
N VAL B 62 14.52 -3.79 -10.54
CA VAL B 62 13.67 -4.96 -10.69
C VAL B 62 13.35 -5.19 -12.15
N TRP B 63 13.55 -6.43 -12.61
CA TRP B 63 13.27 -6.92 -13.95
C TRP B 63 14.17 -6.30 -15.00
N GLY B 64 15.06 -5.38 -14.64
CA GLY B 64 16.05 -4.86 -15.55
C GLY B 64 17.41 -5.44 -15.23
N ILE B 65 17.67 -5.68 -13.95
CA ILE B 65 18.87 -6.40 -13.56
C ILE B 65 18.74 -7.88 -13.90
N LYS B 66 17.53 -8.44 -13.83
CA LYS B 66 17.33 -9.83 -14.23
C LYS B 66 17.79 -10.05 -15.66
N GLN B 67 17.31 -9.22 -16.59
CA GLN B 67 17.76 -9.31 -17.96
C GLN B 67 19.25 -9.03 -18.08
N LEU B 68 19.75 -8.04 -17.33
CA LEU B 68 21.14 -7.62 -17.47
C LEU B 68 22.11 -8.61 -16.84
N GLN B 69 21.75 -9.18 -15.68
CA GLN B 69 22.65 -10.11 -15.01
C GLN B 69 22.70 -11.46 -15.71
N ALA B 70 21.65 -11.83 -16.44
CA ALA B 70 21.71 -13.05 -17.24
C ALA B 70 22.62 -12.88 -18.43
N ARG B 71 22.63 -11.69 -19.04
CA ARG B 71 23.51 -11.43 -20.17
C ARG B 71 24.97 -11.47 -19.74
N VAL B 72 25.30 -10.89 -18.60
CA VAL B 72 26.68 -10.88 -18.13
C VAL B 72 27.15 -12.30 -17.80
N LEU B 73 26.25 -13.13 -17.27
CA LEU B 73 26.62 -14.50 -16.96
C LEU B 73 26.80 -15.34 -18.23
N ALA B 74 26.05 -15.02 -19.29
CA ALA B 74 26.25 -15.72 -20.55
C ALA B 74 27.58 -15.35 -21.19
N VAL B 75 27.99 -14.09 -21.04
CA VAL B 75 29.29 -13.66 -21.57
C VAL B 75 30.41 -14.26 -20.75
N GLU B 76 30.26 -14.31 -19.42
CA GLU B 76 31.30 -14.87 -18.57
C GLU B 76 31.49 -16.36 -18.82
N ARG B 77 30.39 -17.10 -18.98
CA ARG B 77 30.49 -18.53 -19.23
C ARG B 77 31.14 -18.81 -20.58
N TYR B 78 30.79 -18.00 -21.60
CA TYR B 78 31.38 -18.18 -22.91
C TYR B 78 32.89 -17.92 -22.87
N LEU B 79 33.31 -16.90 -22.12
CA LEU B 79 34.73 -16.58 -22.05
C LEU B 79 35.51 -17.62 -21.26
N ARG B 80 34.87 -18.28 -20.30
CA ARG B 80 35.56 -19.33 -19.55
C ARG B 80 35.88 -20.51 -20.46
N ASP B 81 34.97 -20.88 -21.35
CA ASP B 81 35.21 -21.99 -22.27
C ASP B 81 36.15 -21.60 -23.40
N GLN B 82 36.14 -20.33 -23.80
CA GLN B 82 37.11 -19.86 -24.78
C GLN B 82 38.51 -19.77 -24.17
N GLN B 83 38.59 -19.41 -22.89
CA GLN B 83 39.89 -19.38 -22.22
C GLN B 83 40.47 -20.78 -22.10
N LEU B 84 39.64 -21.77 -21.79
CA LEU B 84 40.12 -23.14 -21.69
C LEU B 84 40.67 -23.62 -23.02
N LEU B 85 39.97 -23.32 -24.12
CA LEU B 85 40.46 -23.71 -25.44
C LEU B 85 41.76 -22.99 -25.76
N GLY B 86 41.93 -21.76 -25.28
CA GLY B 86 43.17 -21.05 -25.55
C GLY B 86 44.36 -21.66 -24.86
N ILE B 87 44.20 -22.07 -23.59
CA ILE B 87 45.31 -22.65 -22.85
C ILE B 87 45.56 -24.10 -23.19
N TRP B 88 44.70 -24.71 -24.00
CA TRP B 88 44.96 -26.04 -24.55
C TRP B 88 45.52 -25.98 -25.96
N GLY B 89 45.70 -24.77 -26.51
CA GLY B 89 46.12 -24.63 -27.89
C GLY B 89 45.02 -24.81 -28.90
N CYS B 90 43.76 -24.76 -28.47
CA CYS B 90 42.62 -25.00 -29.33
C CYS B 90 41.83 -23.74 -29.65
N SER B 91 42.44 -22.57 -29.46
CA SER B 91 41.73 -21.32 -29.68
C SER B 91 41.33 -21.16 -31.14
N GLY B 92 40.09 -20.74 -31.37
CA GLY B 92 39.61 -20.54 -32.71
C GLY B 92 39.27 -21.81 -33.46
N LYS B 93 39.23 -22.95 -32.78
CA LYS B 93 38.93 -24.23 -33.41
C LYS B 93 37.75 -24.87 -32.71
N LEU B 94 36.93 -25.57 -33.48
CA LEU B 94 35.82 -26.34 -32.95
C LEU B 94 36.21 -27.80 -32.72
N ILE B 95 36.91 -28.40 -33.67
CA ILE B 95 37.54 -29.71 -33.49
C ILE B 95 39.04 -29.49 -33.38
N CYS B 96 39.61 -29.88 -32.25
CA CYS B 96 41.01 -29.63 -31.96
C CYS B 96 41.69 -30.93 -31.53
N CYS B 97 42.41 -31.54 -32.47
CA CYS B 97 43.18 -32.74 -32.14
C CYS B 97 44.37 -32.34 -31.28
N THR B 98 44.54 -33.02 -30.15
CA THR B 98 45.56 -32.67 -29.17
C THR B 98 46.60 -33.78 -29.07
N ASN B 99 47.64 -33.51 -28.27
CA ASN B 99 48.75 -34.43 -28.08
C ASN B 99 48.59 -35.33 -26.86
N VAL B 100 47.49 -35.22 -26.14
CA VAL B 100 47.28 -36.01 -24.92
C VAL B 100 46.80 -37.41 -25.29
N PRO B 101 47.52 -38.46 -24.90
CA PRO B 101 47.05 -39.82 -25.23
C PRO B 101 45.83 -40.20 -24.41
N TRP B 102 45.05 -41.13 -24.96
CA TRP B 102 43.88 -41.65 -24.27
C TRP B 102 44.30 -42.85 -23.41
N ASN B 103 44.00 -42.77 -22.12
CA ASN B 103 44.53 -43.74 -21.16
C ASN B 103 43.82 -45.09 -21.23
N SER B 104 42.57 -45.14 -21.70
CA SER B 104 41.75 -46.33 -21.76
C SER B 104 41.28 -46.74 -20.36
N SER B 105 41.78 -46.07 -19.34
CA SER B 105 41.16 -46.14 -18.02
C SER B 105 40.02 -45.16 -17.88
N TRP B 106 39.89 -44.21 -18.80
CA TRP B 106 38.73 -43.33 -18.86
C TRP B 106 37.58 -43.97 -19.62
N SER B 107 37.90 -44.71 -20.68
CA SER B 107 36.89 -45.43 -21.45
C SER B 107 37.59 -46.50 -22.27
N ASN B 108 37.21 -47.76 -22.08
CA ASN B 108 37.82 -48.87 -22.78
C ASN B 108 37.17 -49.15 -24.13
N ARG B 109 36.14 -48.39 -24.50
CA ARG B 109 35.44 -48.65 -25.76
C ARG B 109 36.29 -48.22 -26.95
N ASN B 110 36.17 -48.97 -28.04
CA ASN B 110 36.92 -48.65 -29.24
C ASN B 110 36.21 -47.55 -30.02
N LEU B 111 36.87 -47.08 -31.08
CA LEU B 111 36.33 -45.97 -31.85
C LEU B 111 35.04 -46.33 -32.56
N SER B 112 34.87 -47.59 -32.96
CA SER B 112 33.68 -47.98 -33.69
C SER B 112 32.43 -47.81 -32.84
N GLU B 113 32.50 -48.19 -31.57
CA GLU B 113 31.34 -48.15 -30.69
C GLU B 113 31.21 -46.84 -29.93
N ILE B 114 32.09 -45.88 -30.17
CA ILE B 114 31.99 -44.55 -29.57
C ILE B 114 31.42 -43.54 -30.55
N TRP B 115 31.92 -43.55 -31.79
CA TRP B 115 31.52 -42.57 -32.78
C TRP B 115 30.37 -43.05 -33.67
N ASP B 116 29.88 -44.26 -33.47
CA ASP B 116 28.79 -44.79 -34.28
C ASP B 116 27.65 -45.39 -33.47
N ASN B 117 27.79 -45.53 -32.16
CA ASN B 117 26.71 -46.02 -31.31
C ASN B 117 26.29 -45.01 -30.25
N MET B 118 27.24 -44.43 -29.52
CA MET B 118 26.89 -43.51 -28.46
C MET B 118 26.57 -42.13 -29.00
N THR B 119 25.84 -41.36 -28.21
CA THR B 119 25.58 -39.96 -28.45
C THR B 119 26.39 -39.13 -27.45
N TRP B 120 26.44 -37.82 -27.69
CA TRP B 120 27.26 -36.97 -26.84
C TRP B 120 26.72 -36.86 -25.43
N LEU B 121 25.42 -37.06 -25.23
CA LEU B 121 24.86 -37.10 -23.88
C LEU B 121 25.22 -38.38 -23.15
N GLN B 122 25.16 -39.53 -23.84
CA GLN B 122 25.59 -40.77 -23.22
C GLN B 122 27.07 -40.75 -22.91
N TRP B 123 27.88 -40.21 -23.81
CA TRP B 123 29.32 -40.12 -23.58
C TRP B 123 29.64 -39.20 -22.41
N ASP B 124 28.91 -38.09 -22.29
CA ASP B 124 29.19 -37.13 -21.23
C ASP B 124 29.00 -37.75 -19.85
N LYS B 125 27.98 -38.59 -19.70
CA LYS B 125 27.74 -39.26 -18.43
C LYS B 125 28.77 -40.34 -18.14
N GLU B 126 29.62 -40.70 -19.11
CA GLU B 126 30.60 -41.76 -18.92
C GLU B 126 31.95 -41.23 -18.44
N ILE B 127 32.43 -40.13 -19.00
CA ILE B 127 33.71 -39.57 -18.61
C ILE B 127 33.56 -38.33 -17.73
N SER B 128 32.40 -38.16 -17.10
CA SER B 128 32.22 -37.03 -16.20
C SER B 128 33.18 -37.10 -15.03
N ASN B 129 33.49 -38.31 -14.55
CA ASN B 129 34.43 -38.46 -13.46
C ASN B 129 35.83 -38.03 -13.86
N TYR B 130 36.25 -38.36 -15.07
CA TYR B 130 37.60 -38.09 -15.55
C TYR B 130 37.72 -36.75 -16.26
N THR B 131 36.67 -35.94 -16.30
CA THR B 131 36.69 -34.70 -17.05
C THR B 131 37.81 -33.78 -16.57
N GLN B 132 37.94 -33.60 -15.26
CA GLN B 132 38.97 -32.72 -14.73
C GLN B 132 40.36 -33.33 -14.80
N ILE B 133 40.45 -34.66 -14.91
CA ILE B 133 41.76 -35.29 -15.14
C ILE B 133 42.26 -34.95 -16.54
N ILE B 134 41.40 -35.08 -17.54
CA ILE B 134 41.79 -34.75 -18.91
C ILE B 134 42.01 -33.25 -19.06
N TYR B 135 41.19 -32.44 -18.39
CA TYR B 135 41.33 -31.00 -18.51
C TYR B 135 42.67 -30.51 -17.97
N GLY B 136 43.25 -31.25 -17.02
CA GLY B 136 44.57 -30.91 -16.50
C GLY B 136 45.69 -31.38 -17.40
N LEU B 137 45.50 -32.54 -18.04
CA LEU B 137 46.51 -33.05 -18.96
C LEU B 137 46.62 -32.19 -20.20
N LEU B 138 45.48 -31.72 -20.73
CA LEU B 138 45.51 -30.87 -21.91
C LEU B 138 46.23 -29.56 -21.63
N GLU B 139 45.98 -28.96 -20.46
CA GLU B 139 46.66 -27.73 -20.10
C GLU B 139 48.16 -27.95 -19.93
N GLU B 140 48.53 -29.05 -19.29
CA GLU B 140 49.96 -29.32 -19.06
C GLU B 140 50.68 -29.63 -20.35
N SER B 141 50.03 -30.38 -21.25
CA SER B 141 50.67 -30.72 -22.52
C SER B 141 50.91 -29.47 -23.37
N GLN B 142 49.95 -28.55 -23.40
CA GLN B 142 50.12 -27.33 -24.19
C GLN B 142 51.24 -26.48 -23.63
N ASN B 143 51.33 -26.37 -22.29
CA ASN B 143 52.36 -25.54 -21.69
C ASN B 143 53.75 -26.08 -22.00
N GLN B 144 53.92 -27.41 -21.96
CA GLN B 144 55.18 -28.00 -22.39
C GLN B 144 55.41 -27.79 -23.88
N GLN B 145 54.35 -27.93 -24.69
CA GLN B 145 54.47 -27.70 -26.12
C GLN B 145 54.67 -26.23 -26.44
N GLU B 146 54.18 -25.34 -25.59
CA GLU B 146 54.36 -23.91 -25.83
C GLU B 146 55.81 -23.50 -25.70
N LYS B 147 56.57 -24.19 -24.85
CA LYS B 147 57.97 -23.84 -24.65
C LYS B 147 58.91 -24.64 -25.56
N ASN B 148 58.56 -25.89 -25.86
CA ASN B 148 59.37 -26.66 -26.81
C ASN B 148 59.41 -25.97 -28.16
N GLU B 149 58.28 -25.42 -28.60
CA GLU B 149 58.28 -24.59 -29.79
C GLU B 149 58.96 -23.26 -29.55
N GLN B 150 58.84 -22.70 -28.34
CA GLN B 150 59.51 -21.45 -28.03
C GLN B 150 61.03 -21.62 -28.03
N ASP B 151 61.52 -22.72 -27.46
CA ASP B 151 62.95 -22.99 -27.48
C ASP B 151 63.45 -23.38 -28.86
N LEU B 152 62.57 -23.84 -29.75
CA LEU B 152 62.99 -24.21 -31.09
C LEU B 152 63.30 -22.99 -31.94
N LEU B 153 62.61 -21.87 -31.69
CA LEU B 153 62.83 -20.66 -32.47
C LEU B 153 64.12 -19.94 -32.08
N ALA B 154 64.72 -20.29 -30.94
CA ALA B 154 65.93 -19.64 -30.48
C ALA B 154 67.18 -20.11 -31.21
N LEU B 155 67.10 -21.18 -31.98
CA LEU B 155 68.25 -21.70 -32.69
C LEU B 155 68.56 -20.87 -33.93
N LEU C 2 68.27 -9.71 -29.81
CA LEU C 2 67.18 -9.77 -28.84
C LEU C 2 65.90 -9.22 -29.45
N TRP C 3 64.79 -9.91 -29.19
CA TRP C 3 63.51 -9.57 -29.78
C TRP C 3 62.44 -9.53 -28.70
N VAL C 4 61.41 -8.72 -28.94
CA VAL C 4 60.32 -8.58 -27.99
C VAL C 4 59.43 -9.81 -28.05
N THR C 5 59.19 -10.44 -26.91
CA THR C 5 58.27 -11.55 -26.79
C THR C 5 57.22 -11.22 -25.73
N VAL C 6 55.97 -11.51 -26.05
CA VAL C 6 54.84 -11.10 -25.22
C VAL C 6 54.42 -12.27 -24.35
N TYR C 7 54.40 -12.05 -23.04
CA TYR C 7 53.96 -13.05 -22.07
C TYR C 7 52.62 -12.61 -21.49
N TYR C 8 51.63 -13.49 -21.55
CA TYR C 8 50.31 -13.21 -21.00
C TYR C 8 50.12 -14.08 -19.75
N GLY C 9 49.81 -13.43 -18.64
CA GLY C 9 49.66 -14.10 -17.37
C GLY C 9 50.79 -13.90 -16.39
N VAL C 10 51.59 -12.86 -16.55
CA VAL C 10 52.72 -12.60 -15.67
C VAL C 10 52.21 -12.21 -14.30
N PRO C 11 52.88 -12.60 -13.22
CA PRO C 11 52.46 -12.20 -11.86
C PRO C 11 52.86 -10.78 -11.51
N VAL C 12 52.17 -9.82 -12.13
CA VAL C 12 52.41 -8.40 -11.92
C VAL C 12 51.11 -7.75 -11.50
N TRP C 13 51.18 -6.89 -10.49
CA TRP C 13 50.00 -6.20 -9.97
C TRP C 13 50.32 -4.74 -9.73
N LYS C 14 49.31 -3.90 -9.89
CA LYS C 14 49.34 -2.49 -9.53
C LYS C 14 48.32 -2.23 -8.43
N ASP C 15 48.56 -1.16 -7.67
CA ASP C 15 47.58 -0.74 -6.67
C ASP C 15 46.30 -0.26 -7.36
N ALA C 16 45.16 -0.64 -6.81
CA ALA C 16 43.89 -0.27 -7.44
C ALA C 16 42.82 -0.09 -6.38
N GLU C 17 41.79 0.68 -6.75
CA GLU C 17 40.58 0.82 -5.97
C GLU C 17 39.44 0.20 -6.76
N THR C 18 38.68 -0.69 -6.10
CA THR C 18 37.60 -1.40 -6.77
C THR C 18 36.50 -1.67 -5.76
N THR C 19 35.43 -2.29 -6.23
CA THR C 19 34.28 -2.64 -5.40
C THR C 19 34.40 -4.10 -4.99
N LEU C 20 34.75 -4.32 -3.71
CA LEU C 20 34.82 -5.66 -3.17
C LEU C 20 33.44 -6.10 -2.73
N PHE C 21 33.09 -7.34 -3.00
CA PHE C 21 31.77 -7.85 -2.66
C PHE C 21 31.82 -8.61 -1.34
N CYS C 22 30.72 -8.51 -0.59
CA CYS C 22 30.60 -9.14 0.71
C CYS C 22 30.53 -10.66 0.58
N ALA C 23 30.82 -11.33 1.68
CA ALA C 23 30.69 -12.78 1.76
C ALA C 23 30.53 -13.19 3.21
N SER C 24 29.59 -14.10 3.47
CA SER C 24 29.32 -14.57 4.82
C SER C 24 29.12 -16.07 4.81
N ASP C 25 29.36 -16.70 5.95
CA ASP C 25 29.18 -18.14 6.08
C ASP C 25 28.29 -18.46 7.27
N LYS C 33 16.77 -15.53 11.17
CA LYS C 33 16.65 -14.18 11.72
C LYS C 33 17.48 -13.21 10.91
N HIS C 34 16.83 -12.17 10.39
CA HIS C 34 17.53 -11.19 9.57
C HIS C 34 18.46 -10.34 10.43
N ASN C 35 19.49 -9.81 9.78
CA ASN C 35 20.50 -8.97 10.42
C ASN C 35 20.57 -7.62 9.70
N VAL C 36 21.11 -6.63 10.40
CA VAL C 36 21.33 -5.33 9.79
C VAL C 36 22.26 -5.46 8.59
N TRP C 37 23.40 -6.13 8.79
CA TRP C 37 24.32 -6.47 7.70
C TRP C 37 24.10 -7.92 7.27
N ALA C 38 22.91 -8.15 6.73
CA ALA C 38 22.37 -9.49 6.55
C ALA C 38 23.15 -10.26 5.49
N THR C 39 22.84 -11.56 5.41
CA THR C 39 23.39 -12.46 4.41
C THR C 39 22.60 -12.42 3.11
N HIS C 40 21.51 -11.65 3.06
CA HIS C 40 20.76 -11.48 1.81
C HIS C 40 21.37 -10.43 0.90
N ALA C 41 22.36 -9.68 1.37
CA ALA C 41 23.13 -8.76 0.54
C ALA C 41 24.59 -9.20 0.46
N CYS C 42 24.85 -10.48 0.67
CA CYS C 42 26.20 -11.04 0.64
C CYS C 42 26.16 -12.35 -0.13
N VAL C 43 27.32 -13.00 -0.21
CA VAL C 43 27.49 -14.21 -1.02
C VAL C 43 28.05 -15.31 -0.12
N PRO C 44 27.66 -16.57 -0.30
CA PRO C 44 28.29 -17.65 0.48
C PRO C 44 29.78 -17.74 0.20
N THR C 45 30.54 -18.07 1.24
CA THR C 45 31.99 -18.21 1.13
C THR C 45 32.35 -19.63 0.69
N ASP C 46 33.63 -19.96 0.76
CA ASP C 46 34.11 -21.28 0.36
C ASP C 46 34.55 -22.09 1.58
N GLN C 50 43.13 -21.50 0.11
CA GLN C 50 42.51 -20.18 0.01
C GLN C 50 43.57 -19.09 0.09
N GLU C 51 44.53 -19.26 1.00
CA GLU C 51 45.60 -18.30 1.19
C GLU C 51 46.89 -18.86 0.60
N ILE C 52 47.57 -18.06 -0.20
CA ILE C 52 48.78 -18.47 -0.90
C ILE C 52 49.91 -17.57 -0.45
N HIS C 53 51.01 -18.18 0.01
CA HIS C 53 52.13 -17.42 0.51
C HIS C 53 53.02 -17.00 -0.66
N LEU C 54 53.21 -15.70 -0.82
CA LEU C 54 54.03 -15.14 -1.89
C LEU C 54 55.43 -14.91 -1.36
N GLU C 55 56.33 -15.83 -1.65
CA GLU C 55 57.69 -15.74 -1.14
C GLU C 55 58.49 -14.70 -1.92
N ASN C 56 59.44 -14.08 -1.22
CA ASN C 56 60.35 -13.06 -1.74
C ASN C 56 59.63 -11.80 -2.17
N VAL C 57 58.34 -11.67 -1.87
CA VAL C 57 57.55 -10.50 -2.26
C VAL C 57 57.49 -9.55 -1.07
N THR C 58 57.93 -8.31 -1.29
CA THR C 58 57.91 -7.26 -0.28
C THR C 58 57.06 -6.11 -0.81
N GLU C 59 55.80 -6.07 -0.39
CA GLU C 59 54.86 -5.06 -0.83
C GLU C 59 54.76 -3.94 0.21
N GLU C 60 54.41 -2.75 -0.27
CA GLU C 60 54.24 -1.58 0.59
C GLU C 60 52.76 -1.38 0.87
N PHE C 61 52.40 -1.47 2.14
CA PHE C 61 51.02 -1.26 2.58
C PHE C 61 50.87 0.14 3.16
N ASN C 62 49.61 0.57 3.25
CA ASN C 62 49.29 1.87 3.85
C ASN C 62 47.88 1.75 4.43
N MET C 63 47.78 1.48 5.73
CA MET C 63 46.48 1.31 6.35
C MET C 63 45.70 2.61 6.46
N TRP C 64 46.35 3.76 6.24
CA TRP C 64 45.72 5.05 6.42
C TRP C 64 45.15 5.63 5.14
N LYS C 65 45.60 5.16 3.99
CA LYS C 65 45.00 5.50 2.70
C LYS C 65 44.48 4.26 2.01
N ASN C 66 43.86 3.38 2.78
CA ASN C 66 43.28 2.14 2.28
C ASN C 66 41.83 2.39 1.90
N ASN C 67 41.46 1.99 0.68
CA ASN C 67 40.09 2.24 0.21
C ASN C 67 39.11 1.19 0.70
N MET C 68 39.58 0.05 1.21
CA MET C 68 38.64 -0.90 1.80
C MET C 68 38.00 -0.31 3.05
N VAL C 69 38.76 0.48 3.81
CA VAL C 69 38.22 1.14 4.98
C VAL C 69 37.13 2.13 4.58
N GLU C 70 37.38 2.91 3.51
CA GLU C 70 36.40 3.87 3.05
C GLU C 70 35.18 3.19 2.44
N GLN C 71 35.38 2.05 1.78
CA GLN C 71 34.25 1.33 1.19
C GLN C 71 33.44 0.61 2.27
N MET C 72 34.12 0.00 3.25
CA MET C 72 33.40 -0.69 4.31
C MET C 72 32.56 0.28 5.12
N HIS C 73 33.03 1.51 5.32
CA HIS C 73 32.22 2.50 6.00
C HIS C 73 30.95 2.78 5.22
N THR C 74 31.05 2.91 3.90
CA THR C 74 29.87 3.13 3.07
C THR C 74 28.92 1.95 3.13
N ASP C 75 29.47 0.73 3.12
CA ASP C 75 28.62 -0.47 3.07
C ASP C 75 27.97 -0.76 4.41
N ILE C 76 28.67 -0.52 5.53
CA ILE C 76 28.07 -0.71 6.84
C ILE C 76 26.95 0.29 7.07
N ILE C 77 27.13 1.54 6.64
CA ILE C 77 26.06 2.52 6.63
C ILE C 77 24.91 2.07 5.72
N SER C 78 25.25 1.62 4.51
CA SER C 78 24.21 1.28 3.54
C SER C 78 23.36 0.13 4.02
N LEU C 79 23.97 -0.90 4.61
CA LEU C 79 23.21 -2.00 5.16
C LEU C 79 22.42 -1.59 6.40
N TRP C 80 22.84 -0.52 7.08
CA TRP C 80 22.09 -0.03 8.23
C TRP C 80 20.79 0.62 7.78
N ASP C 81 20.86 1.55 6.84
CA ASP C 81 19.65 2.21 6.34
C ASP C 81 18.74 1.22 5.63
N GLN C 82 19.32 0.31 4.85
CA GLN C 82 18.52 -0.67 4.12
C GLN C 82 17.74 -1.57 5.06
N SER C 83 18.20 -1.74 6.29
CA SER C 83 17.52 -2.59 7.27
C SER C 83 16.50 -1.83 8.11
N LEU C 84 16.38 -0.52 7.93
CA LEU C 84 15.46 0.28 8.72
C LEU C 84 14.28 0.82 7.92
N LYS C 85 14.37 0.86 6.59
CA LYS C 85 13.26 1.32 5.78
C LYS C 85 11.97 0.51 5.95
N PRO C 86 11.98 -0.83 6.00
CA PRO C 86 10.70 -1.57 5.99
C PRO C 86 9.93 -1.55 7.30
N CYS C 87 10.40 -0.88 8.34
CA CYS C 87 9.71 -0.93 9.63
C CYS C 87 9.37 0.48 10.12
N VAL C 88 8.76 0.52 11.31
CA VAL C 88 7.87 1.62 11.69
C VAL C 88 8.60 2.96 11.71
N LYS C 89 7.97 3.97 11.12
CA LYS C 89 8.40 5.35 11.24
C LYS C 89 7.54 6.02 12.31
N LEU C 90 8.18 6.61 13.31
CA LEU C 90 7.47 7.18 14.46
C LEU C 90 7.19 8.67 14.30
N THR C 91 6.52 9.04 13.20
CA THR C 91 6.01 10.40 13.09
C THR C 91 4.97 10.74 14.15
N PRO C 92 4.02 9.88 14.53
CA PRO C 92 3.07 10.27 15.58
C PRO C 92 3.69 10.50 16.94
N LEU C 93 4.93 10.08 17.16
CA LEU C 93 5.55 10.25 18.47
C LEU C 93 5.96 11.68 18.76
N CYS C 94 5.92 12.57 17.78
CA CYS C 94 5.99 14.02 18.05
C CYS C 94 4.62 14.55 18.43
N VAL C 95 4.28 14.32 19.70
CA VAL C 95 3.18 14.99 20.37
C VAL C 95 3.78 15.69 21.58
N THR C 96 2.95 16.43 22.31
CA THR C 96 3.39 17.03 23.56
C THR C 96 3.27 15.98 24.66
N LEU C 97 4.34 15.84 25.45
CA LEU C 97 4.41 14.85 26.51
C LEU C 97 4.23 15.56 27.85
N GLN C 98 3.37 15.01 28.70
CA GLN C 98 3.22 15.50 30.07
C GLN C 98 4.01 14.57 30.98
N CYS C 99 5.24 14.95 31.29
CA CYS C 99 6.20 14.06 31.94
C CYS C 99 6.33 14.41 33.42
N THR C 100 6.26 13.40 34.26
CA THR C 100 6.54 13.52 35.69
C THR C 100 7.70 12.62 36.05
N ASN C 101 8.33 12.91 37.19
CA ASN C 101 9.42 12.08 37.68
C ASN C 101 8.92 10.69 38.04
N VAL C 102 9.83 9.72 37.99
CA VAL C 102 9.49 8.36 38.39
C VAL C 102 9.74 8.12 39.88
N THR C 103 10.77 8.75 40.44
CA THR C 103 11.15 8.52 41.83
C THR C 103 10.83 9.68 42.76
N ASN C 104 10.86 10.92 42.27
CA ASN C 104 10.58 12.11 43.07
C ASN C 104 11.47 12.16 44.32
N ASN C 105 12.75 11.85 44.12
CA ASN C 105 13.71 11.85 45.22
C ASN C 105 15.14 11.99 44.70
N ASP C 108 20.56 8.48 42.16
CA ASP C 108 21.50 7.39 42.38
C ASP C 108 21.05 6.11 41.67
N ASP C 109 19.76 6.02 41.43
CA ASP C 109 19.14 4.83 40.86
C ASP C 109 18.95 4.98 39.36
N MET C 110 18.45 3.92 38.73
CA MET C 110 18.02 4.02 37.35
C MET C 110 16.80 4.92 37.21
N ARG C 111 15.93 4.93 38.22
CA ARG C 111 14.69 5.68 38.16
C ARG C 111 14.90 7.19 38.22
N GLY C 112 16.08 7.64 38.58
CA GLY C 112 16.39 9.05 38.48
C GLY C 112 16.80 9.49 37.10
N GLU C 113 16.93 8.53 36.17
CA GLU C 113 17.27 8.79 34.79
C GLU C 113 16.04 8.79 33.89
N LEU C 114 14.87 8.53 34.44
CA LEU C 114 13.65 8.30 33.67
C LEU C 114 12.62 9.40 33.95
N LYS C 115 11.84 9.70 32.92
CA LYS C 115 10.66 10.55 33.03
C LYS C 115 9.44 9.74 32.66
N ASN C 116 8.38 9.83 33.44
CA ASN C 116 7.12 9.09 33.19
C ASN C 116 6.20 9.98 32.39
N CYS C 117 6.20 9.80 31.07
CA CYS C 117 5.62 10.74 30.11
C CYS C 117 4.30 10.20 29.60
N SER C 118 3.25 11.01 29.68
CA SER C 118 1.93 10.66 29.22
C SER C 118 1.56 11.51 28.02
N PHE C 119 0.95 10.89 27.00
CA PHE C 119 0.69 11.58 25.75
C PHE C 119 -0.51 10.97 25.06
N ASN C 120 -1.09 11.73 24.14
CA ASN C 120 -2.17 11.24 23.29
C ASN C 120 -1.57 10.64 22.03
N MET C 121 -1.93 9.41 21.73
CA MET C 121 -1.41 8.70 20.58
C MET C 121 -2.56 8.32 19.65
N THR C 122 -2.25 8.19 18.37
CA THR C 122 -3.25 7.76 17.41
C THR C 122 -3.59 6.30 17.63
N THR C 123 -4.81 5.94 17.26
CA THR C 123 -5.28 4.56 17.31
C THR C 123 -5.24 3.99 15.90
N GLU C 124 -5.47 2.69 15.79
CA GLU C 124 -5.59 2.06 14.48
C GLU C 124 -6.76 2.62 13.68
N LEU C 125 -7.73 3.26 14.33
CA LEU C 125 -8.79 4.00 13.67
C LEU C 125 -8.43 5.48 13.68
N ARG C 126 -8.52 6.12 12.52
CA ARG C 126 -7.98 7.45 12.35
C ARG C 126 -8.66 8.48 13.25
N ASP C 127 -9.96 8.29 13.51
CA ASP C 127 -10.73 9.29 14.24
C ASP C 127 -10.72 9.10 15.75
N LYS C 128 -10.00 8.11 16.26
CA LYS C 128 -9.94 7.81 17.69
C LYS C 128 -8.55 8.05 18.21
N LYS C 129 -8.45 8.60 19.42
CA LYS C 129 -7.16 8.82 20.08
C LYS C 129 -6.95 7.78 21.17
N GLN C 130 -5.81 7.90 21.85
CA GLN C 130 -5.35 6.87 22.77
C GLN C 130 -4.47 7.53 23.81
N LYS C 131 -4.98 7.67 25.03
CA LYS C 131 -4.20 8.25 26.13
C LYS C 131 -3.30 7.16 26.68
N VAL C 132 -2.00 7.24 26.35
CA VAL C 132 -1.03 6.24 26.76
C VAL C 132 0.11 6.94 27.51
N TYR C 133 0.96 6.13 28.11
CA TYR C 133 2.13 6.64 28.81
C TYR C 133 3.31 5.71 28.56
N SER C 134 4.50 6.23 28.81
CA SER C 134 5.72 5.46 28.66
C SER C 134 6.80 6.11 29.51
N LEU C 135 7.81 5.32 29.87
CA LEU C 135 8.96 5.81 30.61
C LEU C 135 10.06 6.14 29.61
N PHE C 136 10.36 7.43 29.47
CA PHE C 136 11.38 7.91 28.56
C PHE C 136 12.59 8.34 29.36
N TYR C 137 13.77 8.02 28.86
CA TYR C 137 14.99 8.49 29.50
C TYR C 137 15.07 10.01 29.40
N ARG C 138 15.67 10.63 30.42
CA ARG C 138 15.81 12.08 30.40
C ARG C 138 16.67 12.56 29.25
N LEU C 139 17.46 11.66 28.65
CA LEU C 139 18.30 12.01 27.52
C LEU C 139 17.53 12.05 26.21
N ASP C 140 16.27 11.62 26.20
CA ASP C 140 15.46 11.59 24.99
C ASP C 140 14.36 12.63 24.96
N VAL C 141 14.09 13.31 26.07
CA VAL C 141 12.99 14.26 26.16
C VAL C 141 13.57 15.64 26.44
N VAL C 142 13.05 16.64 25.73
CA VAL C 142 13.47 18.03 25.88
C VAL C 142 12.25 18.84 26.29
N GLN C 143 12.42 19.65 27.33
CA GLN C 143 11.30 20.41 27.87
C GLN C 143 10.89 21.52 26.91
N ILE C 144 9.60 21.84 26.92
CA ILE C 144 9.03 22.93 26.14
C ILE C 144 8.63 24.04 27.09
N ASN C 145 9.15 25.24 26.85
CA ASN C 145 8.78 26.40 27.67
C ASN C 145 8.17 27.50 26.81
N ASN C 156 3.59 17.97 36.49
CA ASN C 156 3.67 17.45 35.13
C ASN C 156 3.94 18.54 34.10
N LYS C 157 5.22 18.78 33.82
CA LYS C 157 5.61 19.76 32.83
C LYS C 157 5.39 19.19 31.43
N GLU C 158 5.70 19.97 30.41
CA GLU C 158 5.51 19.59 29.02
C GLU C 158 6.87 19.34 28.36
N TYR C 159 7.01 18.18 27.73
CA TYR C 159 8.27 17.77 27.11
C TYR C 159 8.00 17.36 25.67
N ARG C 160 9.06 16.95 24.99
CA ARG C 160 8.95 16.39 23.65
C ARG C 160 10.20 15.58 23.37
N LEU C 161 10.11 14.66 22.43
CA LEU C 161 11.24 13.83 22.10
C LEU C 161 12.37 14.68 21.50
N ILE C 162 13.60 14.25 21.75
CA ILE C 162 14.75 15.11 21.47
C ILE C 162 14.95 15.29 19.97
N ASN C 163 14.88 14.22 19.19
CA ASN C 163 14.98 14.33 17.74
C ASN C 163 13.58 14.37 17.13
N CYS C 164 13.00 15.56 17.30
CA CYS C 164 11.69 15.92 16.77
C CYS C 164 11.68 17.23 16.02
N ASN C 165 12.62 18.13 16.26
CA ASN C 165 12.79 19.30 15.42
C ASN C 165 13.78 19.05 14.29
N THR C 166 14.45 17.90 14.29
CA THR C 166 15.42 17.57 13.25
C THR C 166 14.95 16.48 12.31
N SER C 167 14.17 15.51 12.79
CA SER C 167 13.73 14.41 11.95
C SER C 167 12.67 13.61 12.71
N ALA C 168 12.18 12.55 12.06
CA ALA C 168 11.32 11.56 12.67
C ALA C 168 12.10 10.26 12.79
N CYS C 169 11.91 9.57 13.92
CA CYS C 169 12.74 8.44 14.29
C CYS C 169 12.09 7.15 13.78
N THR C 170 12.69 6.55 12.77
CA THR C 170 12.26 5.23 12.35
C THR C 170 12.59 4.22 13.43
N GLN C 171 11.56 3.52 13.92
CA GLN C 171 11.76 2.62 15.04
C GLN C 171 12.69 1.49 14.65
N ALA C 172 13.64 1.18 15.52
CA ALA C 172 14.50 0.03 15.29
C ALA C 172 13.64 -1.21 15.23
N CYS C 173 13.63 -1.86 14.07
CA CYS C 173 12.62 -2.88 13.80
C CYS C 173 12.87 -4.07 14.73
N PRO C 174 11.83 -4.57 15.41
CA PRO C 174 12.09 -5.48 16.54
C PRO C 174 12.58 -6.87 16.13
N LYS C 175 12.42 -7.25 14.87
CA LYS C 175 12.80 -8.59 14.44
C LYS C 175 14.18 -8.67 13.80
N VAL C 176 14.88 -7.54 13.67
CA VAL C 176 16.25 -7.54 13.16
C VAL C 176 17.20 -7.32 14.33
N SER C 177 18.28 -8.09 14.36
CA SER C 177 19.23 -8.02 15.45
C SER C 177 20.39 -7.09 15.11
N PHE C 178 20.92 -6.43 16.12
CA PHE C 178 22.09 -5.58 15.98
C PHE C 178 23.39 -6.32 16.16
N GLU C 179 23.34 -7.62 16.44
CA GLU C 179 24.55 -8.38 16.65
C GLU C 179 25.38 -8.43 15.35
N PRO C 180 26.66 -8.07 15.40
CA PRO C 180 27.46 -8.08 14.18
C PRO C 180 27.87 -9.49 13.80
N ILE C 181 27.62 -9.85 12.55
CA ILE C 181 28.08 -11.14 12.02
C ILE C 181 29.31 -10.89 11.16
N PRO C 182 30.27 -11.80 11.15
CA PRO C 182 31.48 -11.57 10.36
C PRO C 182 31.19 -11.52 8.88
N ILE C 183 31.78 -10.54 8.21
CA ILE C 183 31.63 -10.35 6.78
C ILE C 183 33.02 -10.36 6.14
N HIS C 184 33.15 -11.07 5.03
CA HIS C 184 34.39 -11.17 4.29
C HIS C 184 34.27 -10.34 3.03
N TYR C 185 35.19 -9.42 2.82
CA TYR C 185 35.21 -8.58 1.62
C TYR C 185 36.08 -9.25 0.58
N CYS C 186 35.48 -9.71 -0.50
CA CYS C 186 36.19 -10.51 -1.49
C CYS C 186 36.34 -9.76 -2.80
N ALA C 187 37.54 -9.83 -3.37
CA ALA C 187 37.88 -9.08 -4.58
C ALA C 187 37.29 -9.74 -5.82
N PRO C 188 36.90 -8.95 -6.82
CA PRO C 188 36.36 -9.54 -8.05
C PRO C 188 37.44 -10.16 -8.92
N ALA C 189 37.07 -10.64 -10.10
CA ALA C 189 38.05 -11.23 -11.01
C ALA C 189 38.97 -10.17 -11.57
N GLY C 190 40.24 -10.53 -11.73
CA GLY C 190 41.24 -9.58 -12.16
C GLY C 190 41.89 -8.80 -11.05
N PHE C 191 41.43 -8.97 -9.81
CA PHE C 191 41.99 -8.32 -8.64
C PHE C 191 42.40 -9.38 -7.63
N ALA C 192 43.30 -9.00 -6.73
CA ALA C 192 43.73 -9.86 -5.65
C ALA C 192 43.83 -9.06 -4.37
N ILE C 193 43.66 -9.73 -3.24
CA ILE C 193 43.78 -9.11 -1.93
C ILE C 193 45.10 -9.58 -1.32
N LEU C 194 46.01 -8.65 -1.09
CA LEU C 194 47.29 -8.96 -0.48
C LEU C 194 47.19 -8.79 1.03
N LYS C 195 47.62 -9.81 1.77
CA LYS C 195 47.52 -9.82 3.23
C LYS C 195 48.93 -9.79 3.81
N CYS C 196 49.20 -8.79 4.65
CA CYS C 196 50.52 -8.67 5.27
C CYS C 196 50.58 -9.56 6.50
N LYS C 197 51.43 -10.58 6.46
CA LYS C 197 51.58 -11.53 7.55
C LYS C 197 52.68 -11.14 8.53
N ASP C 198 53.29 -9.97 8.36
CA ASP C 198 54.29 -9.51 9.29
C ASP C 198 53.66 -9.19 10.63
N LYS C 199 54.31 -9.63 11.71
CA LYS C 199 53.76 -9.45 13.05
C LYS C 199 54.22 -8.16 13.72
N LYS C 200 55.19 -7.46 13.14
CA LYS C 200 55.62 -6.17 13.65
C LYS C 200 55.22 -5.04 12.72
N PHE C 201 54.34 -5.32 11.77
CA PHE C 201 53.94 -4.32 10.78
C PHE C 201 53.04 -3.30 11.47
N ASN C 202 53.55 -2.08 11.64
CA ASN C 202 52.71 -1.05 12.22
C ASN C 202 51.50 -0.68 11.38
N GLY C 203 51.66 0.10 10.32
CA GLY C 203 50.59 0.29 9.37
C GLY C 203 51.06 0.71 8.00
N THR C 204 52.38 0.80 7.82
CA THR C 204 52.93 1.53 6.69
C THR C 204 54.33 1.03 6.40
N GLY C 205 54.70 1.04 5.12
CA GLY C 205 56.03 0.68 4.70
C GLY C 205 56.07 -0.75 4.18
N PRO C 206 57.27 -1.25 3.90
CA PRO C 206 57.38 -2.61 3.35
C PRO C 206 56.89 -3.67 4.32
N CYS C 207 56.33 -4.73 3.77
CA CYS C 207 55.90 -5.90 4.55
C CYS C 207 56.60 -7.13 4.01
N PRO C 208 57.60 -7.67 4.72
CA PRO C 208 58.37 -8.79 4.16
C PRO C 208 57.56 -10.03 3.84
N SER C 209 56.54 -10.35 4.64
CA SER C 209 55.74 -11.54 4.43
C SER C 209 54.35 -11.15 3.92
N VAL C 210 54.04 -11.55 2.69
CA VAL C 210 52.80 -11.19 2.04
C VAL C 210 52.12 -12.47 1.57
N SER C 211 50.79 -12.44 1.50
CA SER C 211 50.02 -13.57 1.03
C SER C 211 48.86 -13.06 0.20
N THR C 212 48.43 -13.88 -0.75
CA THR C 212 47.25 -13.60 -1.56
C THR C 212 46.10 -14.44 -1.02
N VAL C 213 45.19 -13.80 -0.32
CA VAL C 213 43.99 -14.47 0.19
C VAL C 213 42.88 -14.26 -0.83
N GLN C 214 42.01 -15.27 -0.96
CA GLN C 214 40.82 -15.07 -1.76
C GLN C 214 40.02 -13.90 -1.22
N CYS C 215 39.84 -13.84 0.10
CA CYS C 215 39.32 -12.65 0.75
C CYS C 215 39.46 -12.75 2.26
N THR C 216 39.15 -11.64 2.92
CA THR C 216 39.59 -11.34 4.27
C THR C 216 38.95 -12.28 5.29
N HIS C 217 39.53 -12.29 6.48
CA HIS C 217 38.92 -12.99 7.59
C HIS C 217 37.61 -12.31 7.98
N GLY C 218 36.78 -13.02 8.72
CA GLY C 218 35.51 -12.47 9.14
C GLY C 218 35.67 -11.24 10.00
N ILE C 219 35.33 -10.07 9.46
CA ILE C 219 35.45 -8.80 10.17
C ILE C 219 34.09 -8.47 10.73
N LYS C 220 33.95 -8.57 12.06
CA LYS C 220 32.71 -8.20 12.71
C LYS C 220 32.58 -6.69 12.75
N PRO C 221 31.54 -6.10 12.18
CA PRO C 221 31.37 -4.64 12.24
C PRO C 221 30.86 -4.17 13.60
N VAL C 222 31.70 -4.34 14.63
CA VAL C 222 31.35 -3.86 15.96
C VAL C 222 31.47 -2.35 15.99
N VAL C 223 30.37 -1.68 16.33
CA VAL C 223 30.30 -0.23 16.35
C VAL C 223 30.49 0.22 17.79
N SER C 224 31.56 0.97 18.04
CA SER C 224 31.88 1.41 19.39
C SER C 224 32.83 2.59 19.30
N THR C 225 32.95 3.33 20.39
CA THR C 225 33.85 4.46 20.48
C THR C 225 34.77 4.31 21.70
N GLN C 226 36.00 4.79 21.54
CA GLN C 226 37.01 4.88 22.59
C GLN C 226 37.60 3.54 22.98
N LEU C 227 37.00 2.45 22.50
CA LEU C 227 37.43 1.10 22.85
C LEU C 227 37.02 0.19 21.72
N LEU C 228 37.95 -0.64 21.25
CA LEU C 228 37.67 -1.56 20.15
C LEU C 228 37.18 -2.87 20.75
N LEU C 229 35.88 -2.95 20.97
CA LEU C 229 35.30 -4.15 21.57
C LEU C 229 35.34 -5.30 20.59
N ASN C 230 35.68 -6.49 21.09
CA ASN C 230 35.81 -7.69 20.26
C ASN C 230 36.80 -7.45 19.13
N GLY C 231 36.82 -8.34 18.16
CA GLY C 231 37.75 -8.18 17.06
C GLY C 231 39.02 -8.99 17.19
N SER C 232 40.11 -8.51 16.60
CA SER C 232 41.34 -9.28 16.44
C SER C 232 42.42 -8.71 17.33
N LEU C 233 43.16 -9.60 17.98
CA LEU C 233 44.25 -9.23 18.86
C LEU C 233 45.56 -9.11 18.08
N ALA C 234 46.53 -8.44 18.70
CA ALA C 234 47.88 -8.47 18.16
C ALA C 234 48.52 -9.82 18.43
N GLU C 235 49.62 -10.08 17.73
CA GLU C 235 50.24 -11.41 17.80
C GLU C 235 51.26 -11.52 18.93
N GLU C 236 52.19 -10.58 19.03
CA GLU C 236 53.27 -10.72 19.99
C GLU C 236 53.31 -9.60 21.03
N GLU C 237 52.91 -8.39 20.67
CA GLU C 237 53.00 -7.28 21.61
C GLU C 237 52.03 -6.19 21.18
N VAL C 238 51.69 -5.32 22.14
CA VAL C 238 50.76 -4.22 21.87
C VAL C 238 51.31 -3.35 20.75
N MET C 239 50.48 -3.10 19.75
CA MET C 239 50.88 -2.36 18.55
C MET C 239 50.30 -0.96 18.58
N ILE C 240 51.16 0.04 18.39
CA ILE C 240 50.76 1.43 18.29
C ILE C 240 50.77 1.83 16.83
N ARG C 241 49.66 2.38 16.35
CA ARG C 241 49.48 2.67 14.93
C ARG C 241 48.88 4.07 14.76
N SER C 242 49.69 5.00 14.29
CA SER C 242 49.24 6.35 14.01
C SER C 242 49.70 6.75 12.61
N GLU C 243 48.89 7.57 11.95
CA GLU C 243 49.27 8.07 10.62
C GLU C 243 50.53 8.92 10.71
N ASN C 244 50.61 9.78 11.71
CA ASN C 244 51.81 10.57 11.96
C ASN C 244 51.91 10.73 13.48
N ILE C 245 52.77 9.92 14.11
CA ILE C 245 52.83 9.88 15.57
C ILE C 245 53.25 11.22 16.15
N THR C 246 53.95 12.04 15.37
CA THR C 246 54.36 13.37 15.82
C THR C 246 53.26 14.42 15.65
N ASN C 247 52.15 14.07 15.01
CA ASN C 247 51.03 14.98 14.83
C ASN C 247 49.95 14.64 15.84
N ASN C 248 49.61 15.61 16.70
CA ASN C 248 48.63 15.36 17.75
C ASN C 248 47.20 15.37 17.24
N ALA C 249 46.98 15.76 15.99
CA ALA C 249 45.65 15.75 15.40
C ALA C 249 45.27 14.40 14.82
N LYS C 250 46.16 13.41 14.89
CA LYS C 250 45.92 12.08 14.34
C LYS C 250 45.66 11.10 15.48
N ASN C 251 44.61 10.30 15.33
CA ASN C 251 44.28 9.31 16.35
C ASN C 251 45.33 8.20 16.37
N ILE C 252 45.54 7.63 17.55
CA ILE C 252 46.47 6.54 17.76
C ILE C 252 45.65 5.27 17.97
N LEU C 253 45.85 4.29 17.11
CA LEU C 253 45.10 3.03 17.18
C LEU C 253 45.95 2.00 17.93
N VAL C 254 45.71 1.87 19.21
CA VAL C 254 46.39 0.85 20.01
C VAL C 254 45.68 -0.48 19.80
N GLN C 255 46.47 -1.55 19.69
CA GLN C 255 45.93 -2.90 19.55
C GLN C 255 46.56 -3.79 20.61
N PHE C 256 45.73 -4.46 21.39
CA PHE C 256 46.24 -5.27 22.48
C PHE C 256 46.67 -6.64 21.98
N ASN C 257 47.53 -7.29 22.76
CA ASN C 257 47.90 -8.67 22.50
C ASN C 257 47.10 -9.66 23.35
N THR C 258 46.70 -9.26 24.55
CA THR C 258 45.80 -10.02 25.40
C THR C 258 44.54 -9.22 25.64
N PRO C 259 43.36 -9.76 25.37
CA PRO C 259 42.14 -8.96 25.52
C PRO C 259 41.84 -8.63 26.97
N VAL C 260 41.20 -7.49 27.16
CA VAL C 260 40.72 -7.05 28.47
C VAL C 260 39.22 -7.24 28.48
N GLN C 261 38.73 -8.16 29.29
CA GLN C 261 37.31 -8.49 29.30
C GLN C 261 36.54 -7.41 30.05
N ILE C 262 35.44 -6.97 29.46
CA ILE C 262 34.58 -5.95 30.05
C ILE C 262 33.16 -6.50 30.12
N ASN C 263 32.54 -6.40 31.29
CA ASN C 263 31.20 -6.94 31.54
C ASN C 263 30.20 -5.81 31.74
N CYS C 264 29.12 -5.86 30.98
CA CYS C 264 28.07 -4.83 30.95
C CYS C 264 27.01 -5.25 31.94
N THR C 265 26.09 -4.35 32.22
CA THR C 265 24.79 -4.82 32.69
C THR C 265 23.81 -3.65 32.71
N ARG C 266 22.55 -3.98 32.53
CA ARG C 266 21.43 -3.13 32.95
C ARG C 266 20.63 -3.96 33.94
N PRO C 267 20.81 -3.75 35.24
CA PRO C 267 20.22 -4.67 36.23
C PRO C 267 18.69 -4.66 36.25
N ASN C 268 18.05 -3.65 35.69
CA ASN C 268 16.61 -3.52 35.76
C ASN C 268 15.92 -4.65 35.00
N ASN C 269 14.78 -5.09 35.52
CA ASN C 269 13.90 -5.98 34.78
C ASN C 269 12.87 -5.11 34.08
N ASN C 270 13.17 -4.74 32.84
CA ASN C 270 12.31 -3.88 32.04
C ASN C 270 11.03 -4.62 31.63
N THR C 271 9.97 -3.85 31.43
CA THR C 271 8.70 -4.39 30.94
C THR C 271 8.31 -3.64 29.68
N ARG C 272 8.62 -4.23 28.53
CA ARG C 272 8.23 -3.64 27.26
C ARG C 272 6.72 -3.66 27.11
N LYS C 273 6.17 -2.57 26.59
CA LYS C 273 4.74 -2.40 26.39
C LYS C 273 4.48 -1.99 24.94
N SER C 274 3.45 -2.58 24.34
CA SER C 274 3.14 -2.33 22.93
C SER C 274 1.99 -1.36 22.79
N ILE C 275 2.16 -0.35 21.94
CA ILE C 275 1.14 0.64 21.64
C ILE C 275 0.86 0.60 20.14
N ARG C 276 -0.41 0.47 19.78
CA ARG C 276 -0.80 0.43 18.37
C ARG C 276 -1.01 1.87 17.90
N ILE C 277 0.00 2.42 17.21
CA ILE C 277 -0.05 3.80 16.74
C ILE C 277 -0.73 3.93 15.39
N GLY C 278 -1.11 2.83 14.76
CA GLY C 278 -1.75 2.87 13.47
C GLY C 278 -2.09 1.47 13.00
N PRO C 279 -2.62 1.36 11.78
CA PRO C 279 -2.96 0.03 11.27
C PRO C 279 -1.73 -0.80 10.98
N GLY C 280 -1.47 -1.80 11.81
CA GLY C 280 -0.34 -2.69 11.63
C GLY C 280 0.95 -2.21 12.24
N GLN C 281 0.99 -0.96 12.71
CA GLN C 281 2.20 -0.38 13.30
C GLN C 281 2.07 -0.39 14.81
N ALA C 282 3.12 -0.85 15.49
CA ALA C 282 3.16 -0.91 16.94
C ALA C 282 4.36 -0.14 17.46
N PHE C 283 4.17 0.56 18.57
CA PHE C 283 5.23 1.31 19.23
C PHE C 283 5.53 0.64 20.56
N TYR C 284 6.77 0.20 20.74
CA TYR C 284 7.17 -0.54 21.93
C TYR C 284 7.71 0.43 22.96
N ALA C 285 7.07 0.46 24.12
CA ALA C 285 7.34 1.47 25.14
C ALA C 285 7.69 0.80 26.46
N THR C 286 8.49 1.48 27.27
CA THR C 286 8.82 1.02 28.60
C THR C 286 7.63 1.32 29.51
N GLY C 287 6.89 0.29 29.87
CA GLY C 287 5.72 0.49 30.70
C GLY C 287 6.04 0.57 32.17
N ASP C 288 6.94 -0.28 32.62
CA ASP C 288 7.28 -0.36 34.02
C ASP C 288 8.71 -0.84 34.17
N ILE C 289 9.35 -0.47 35.27
CA ILE C 289 10.70 -0.91 35.57
C ILE C 289 10.75 -1.36 37.02
N ILE C 290 11.15 -2.61 37.23
CA ILE C 290 11.25 -3.22 38.54
C ILE C 290 12.57 -3.97 38.61
N GLY C 291 12.86 -4.56 39.77
CA GLY C 291 14.09 -5.29 39.95
C GLY C 291 15.20 -4.41 40.46
N ASP C 292 16.43 -4.87 40.22
CA ASP C 292 17.62 -4.13 40.65
C ASP C 292 17.70 -2.82 39.89
N ILE C 293 17.62 -1.71 40.62
CA ILE C 293 17.58 -0.39 40.01
C ILE C 293 18.94 0.30 40.07
N ARG C 294 20.02 -0.45 40.22
CA ARG C 294 21.34 0.14 40.13
C ARG C 294 21.59 0.64 38.70
N GLN C 295 22.36 1.72 38.60
CA GLN C 295 22.63 2.30 37.30
C GLN C 295 23.39 1.30 36.43
N ALA C 296 23.11 1.33 35.13
CA ALA C 296 23.83 0.48 34.19
C ALA C 296 25.32 0.76 34.27
N HIS C 297 26.12 -0.30 34.22
CA HIS C 297 27.56 -0.14 34.43
C HIS C 297 28.31 -1.21 33.67
N CYS C 298 29.61 -0.98 33.49
CA CYS C 298 30.54 -1.96 32.95
C CYS C 298 31.67 -2.18 33.93
N ASN C 299 32.10 -3.43 34.08
CA ASN C 299 33.18 -3.79 34.97
C ASN C 299 34.39 -4.22 34.15
N VAL C 300 35.52 -3.59 34.41
CA VAL C 300 36.80 -3.97 33.84
C VAL C 300 37.73 -4.33 35.00
N SER C 301 38.38 -5.49 34.91
CA SER C 301 39.26 -5.92 35.98
C SER C 301 40.36 -4.90 36.21
N LYS C 302 40.55 -4.51 37.48
CA LYS C 302 41.50 -3.46 37.78
C LYS C 302 42.94 -3.94 37.61
N ALA C 303 43.20 -5.21 37.91
CA ALA C 303 44.54 -5.75 37.72
C ALA C 303 44.86 -5.94 36.23
N THR C 304 43.90 -6.47 35.47
CA THR C 304 44.12 -6.70 34.05
C THR C 304 44.27 -5.38 33.29
N TRP C 305 43.47 -4.38 33.64
CA TRP C 305 43.58 -3.10 32.95
C TRP C 305 44.88 -2.39 33.30
N ASN C 306 45.34 -2.52 34.54
CA ASN C 306 46.59 -1.87 34.93
C ASN C 306 47.79 -2.44 34.19
N GLU C 307 47.83 -3.77 34.04
CA GLU C 307 48.94 -4.37 33.31
C GLU C 307 48.82 -4.18 31.81
N THR C 308 47.60 -3.95 31.29
CA THR C 308 47.43 -3.65 29.88
C THR C 308 47.88 -2.23 29.56
N LEU C 309 47.57 -1.26 30.43
CA LEU C 309 48.12 0.07 30.23
C LEU C 309 49.62 0.09 30.42
N GLY C 310 50.15 -0.81 31.25
CA GLY C 310 51.60 -0.92 31.38
C GLY C 310 52.25 -1.36 30.08
N LYS C 311 51.61 -2.30 29.38
CA LYS C 311 52.12 -2.71 28.07
C LYS C 311 51.94 -1.61 27.04
N VAL C 312 50.82 -0.89 27.09
CA VAL C 312 50.60 0.23 26.18
C VAL C 312 51.64 1.32 26.42
N VAL C 313 51.91 1.63 27.68
CA VAL C 313 52.89 2.66 28.00
C VAL C 313 54.28 2.25 27.54
N LYS C 314 54.64 0.98 27.74
CA LYS C 314 55.96 0.50 27.32
C LYS C 314 56.15 0.65 25.82
N GLN C 315 55.13 0.29 25.03
CA GLN C 315 55.18 0.44 23.58
C GLN C 315 54.96 1.87 23.14
N LEU C 316 54.54 2.75 24.04
CA LEU C 316 54.28 4.15 23.72
C LEU C 316 55.45 5.06 24.05
N ARG C 317 56.36 4.63 24.93
CA ARG C 317 57.57 5.38 25.19
C ARG C 317 58.59 5.26 24.07
N LYS C 318 58.43 4.26 23.19
CA LYS C 318 59.34 4.09 22.07
C LYS C 318 59.23 5.23 21.06
N HIS C 319 58.10 5.94 21.04
CA HIS C 319 57.90 7.02 20.10
C HIS C 319 58.07 8.40 20.74
N PHE C 320 58.20 8.48 22.06
CA PHE C 320 58.30 9.77 22.74
C PHE C 320 59.45 9.88 23.72
N GLY C 321 60.16 8.79 24.01
CA GLY C 321 61.29 8.86 24.91
C GLY C 321 61.16 7.96 26.12
N ASN C 322 62.28 7.53 26.69
CA ASN C 322 62.26 6.69 27.87
C ASN C 322 61.96 7.48 29.13
N ASN C 323 62.38 8.75 29.19
CA ASN C 323 62.23 9.57 30.38
C ASN C 323 60.95 10.40 30.36
N THR C 324 60.14 10.31 29.31
CA THR C 324 58.92 11.09 29.24
C THR C 324 57.86 10.51 30.17
N ILE C 325 56.92 11.36 30.57
CA ILE C 325 55.86 10.99 31.49
C ILE C 325 54.60 10.75 30.67
N ILE C 326 54.12 9.51 30.68
CA ILE C 326 52.91 9.12 29.95
C ILE C 326 51.73 9.21 30.91
N ARG C 327 50.81 10.11 30.62
CA ARG C 327 49.64 10.34 31.46
C ARG C 327 48.39 10.08 30.66
N PHE C 328 47.48 9.30 31.22
CA PHE C 328 46.19 9.01 30.58
C PHE C 328 45.12 9.84 31.28
N ALA C 329 44.52 10.77 30.55
CA ALA C 329 43.38 11.53 31.04
C ALA C 329 42.11 11.04 30.37
N ASN C 330 40.98 11.61 30.78
CA ASN C 330 39.70 11.20 30.22
C ASN C 330 39.28 12.15 29.10
N SER C 331 38.19 11.80 28.44
CA SER C 331 37.78 12.50 27.23
C SER C 331 37.54 13.98 27.50
N SER C 332 37.91 14.81 26.53
CA SER C 332 37.88 16.26 26.72
C SER C 332 36.45 16.78 26.77
N GLY C 333 35.72 16.65 25.68
CA GLY C 333 34.37 17.18 25.62
C GLY C 333 33.77 16.96 24.25
N GLY C 334 32.50 17.32 24.14
CA GLY C 334 31.77 17.16 22.89
C GLY C 334 30.44 16.45 23.06
N ASP C 335 30.04 15.69 22.04
CA ASP C 335 28.80 14.93 22.11
C ASP C 335 28.94 13.76 23.07
N LEU C 336 27.80 13.26 23.55
CA LEU C 336 27.82 12.07 24.40
C LEU C 336 28.32 10.86 23.64
N GLU C 337 28.17 10.85 22.31
CA GLU C 337 28.68 9.74 21.52
C GLU C 337 30.20 9.75 21.40
N VAL C 338 30.83 10.89 21.66
CA VAL C 338 32.27 11.01 21.52
C VAL C 338 32.99 11.15 22.86
N THR C 339 32.31 11.60 23.92
CA THR C 339 32.90 11.66 25.24
C THR C 339 32.75 10.38 26.03
N THR C 340 32.00 9.41 25.53
CA THR C 340 31.70 8.19 26.23
C THR C 340 32.02 6.99 25.36
N HIS C 341 32.23 5.85 26.01
CA HIS C 341 32.39 4.57 25.31
C HIS C 341 31.01 4.13 24.83
N SER C 342 30.57 4.77 23.76
CA SER C 342 29.30 4.41 23.14
C SER C 342 29.40 3.04 22.51
N PHE C 343 28.42 2.19 22.76
CA PHE C 343 28.37 0.89 22.12
C PHE C 343 26.96 0.32 22.26
N ASN C 344 26.74 -0.81 21.60
CA ASN C 344 25.49 -1.56 21.63
C ASN C 344 25.74 -2.88 22.31
N CYS C 345 24.86 -3.28 23.23
CA CYS C 345 25.01 -4.57 23.89
C CYS C 345 23.65 -5.10 24.30
N GLY C 346 23.24 -6.19 23.66
CA GLY C 346 21.95 -6.79 23.92
C GLY C 346 20.79 -6.04 23.29
N GLY C 347 21.06 -5.26 22.25
CA GLY C 347 20.05 -4.48 21.58
C GLY C 347 19.77 -3.12 22.20
N GLU C 348 20.39 -2.81 23.33
CA GLU C 348 20.19 -1.54 24.01
C GLU C 348 21.52 -0.80 24.06
N PHE C 349 21.48 0.49 23.78
CA PHE C 349 22.69 1.27 23.52
C PHE C 349 23.19 1.92 24.81
N PHE C 350 24.45 1.64 25.14
CA PHE C 350 25.09 2.14 26.35
C PHE C 350 26.02 3.29 26.02
N TYR C 351 26.30 4.11 27.03
CA TYR C 351 27.23 5.25 26.90
C TYR C 351 28.00 5.35 28.22
N CYS C 352 29.14 4.65 28.30
CA CYS C 352 29.88 4.49 29.53
C CYS C 352 30.92 5.58 29.70
N ASN C 353 31.20 5.94 30.96
CA ASN C 353 32.00 7.11 31.24
C ASN C 353 33.46 6.92 30.85
N THR C 354 34.06 5.80 31.26
CA THR C 354 35.49 5.51 31.01
C THR C 354 36.38 6.67 31.45
N SER C 355 36.07 7.24 32.61
CA SER C 355 36.99 8.18 33.25
C SER C 355 37.81 7.53 34.34
N GLY C 356 37.45 6.32 34.75
CA GLY C 356 38.26 5.58 35.70
C GLY C 356 39.20 4.64 34.97
N LEU C 357 38.87 4.33 33.71
CA LEU C 357 39.80 3.58 32.87
C LEU C 357 41.03 4.41 32.55
N PHE C 358 40.80 5.63 32.05
CA PHE C 358 41.89 6.52 31.65
C PHE C 358 42.09 7.57 32.73
N ASN C 359 42.79 7.17 33.79
CA ASN C 359 43.16 8.09 34.86
C ASN C 359 44.40 7.52 35.53
N SER C 360 45.57 7.99 35.11
CA SER C 360 46.81 7.44 35.63
C SER C 360 47.97 8.26 35.10
N THR C 361 49.08 8.25 35.85
CA THR C 361 50.32 8.89 35.45
C THR C 361 51.44 7.88 35.59
N TRP C 362 52.24 7.72 34.53
CA TRP C 362 53.27 6.70 34.48
C TRP C 362 54.64 7.36 34.47
N ILE C 363 55.46 7.02 35.46
CA ILE C 363 56.79 7.59 35.63
C ILE C 363 57.81 6.55 35.19
N SER C 364 58.89 7.00 34.56
CA SER C 364 59.95 6.13 34.10
C SER C 364 60.57 5.32 35.24
N ASN C 377 41.01 -9.55 41.75
CA ASN C 377 39.69 -9.61 42.36
C ASN C 377 38.97 -8.27 42.25
N ASP C 378 39.72 -7.19 42.40
CA ASP C 378 39.14 -5.86 42.34
C ASP C 378 38.75 -5.52 40.90
N SER C 379 37.83 -4.57 40.75
CA SER C 379 37.25 -4.26 39.46
C SER C 379 37.02 -2.76 39.35
N ILE C 380 36.93 -2.29 38.11
CA ILE C 380 36.64 -0.89 37.81
C ILE C 380 35.24 -0.81 37.23
N THR C 381 34.38 -0.02 37.86
CA THR C 381 32.98 0.09 37.46
C THR C 381 32.77 1.41 36.73
N LEU C 382 32.30 1.32 35.47
CA LEU C 382 32.10 2.48 34.65
C LEU C 382 30.62 2.80 34.56
N PRO C 383 30.15 3.93 35.10
CA PRO C 383 28.72 4.24 35.03
C PRO C 383 28.30 4.55 33.61
N CYS C 384 27.31 3.81 33.12
CA CYS C 384 26.85 3.93 31.74
C CYS C 384 25.43 4.46 31.71
N ARG C 385 25.19 5.43 30.84
CA ARG C 385 23.84 5.88 30.54
C ARG C 385 23.30 5.09 29.37
N ILE C 386 21.98 5.16 29.19
CA ILE C 386 21.31 4.46 28.10
C ILE C 386 20.41 5.44 27.37
N LYS C 387 20.38 5.32 26.04
CA LYS C 387 19.50 6.11 25.21
C LYS C 387 18.68 5.19 24.34
N GLN C 388 17.52 5.68 23.91
CA GLN C 388 16.69 4.98 22.96
C GLN C 388 16.62 5.64 21.60
N ILE C 389 16.92 6.93 21.50
CA ILE C 389 16.93 7.65 20.24
C ILE C 389 18.38 7.82 19.81
N ILE C 390 18.76 7.14 18.74
CA ILE C 390 20.17 6.98 18.33
C ILE C 390 20.38 7.66 16.99
N ASN C 391 21.33 8.60 16.96
CA ASN C 391 21.88 9.13 15.71
C ASN C 391 23.26 8.48 15.58
N MET C 392 23.32 7.34 14.90
CA MET C 392 24.49 6.48 15.04
C MET C 392 25.68 7.01 14.23
N TRP C 393 25.53 7.09 12.91
CA TRP C 393 26.70 7.36 12.07
C TRP C 393 27.01 8.84 11.96
N GLN C 394 27.09 9.52 13.11
CA GLN C 394 27.49 10.93 13.19
C GLN C 394 26.75 11.78 12.17
N ARG C 395 25.48 11.47 11.95
CA ARG C 395 24.67 12.17 10.98
C ARG C 395 23.55 12.92 11.68
N ILE C 396 22.97 13.88 10.96
CA ILE C 396 21.82 14.64 11.43
C ILE C 396 20.67 14.42 10.46
N GLY C 397 19.49 14.14 11.00
CA GLY C 397 18.30 13.97 10.21
C GLY C 397 17.86 12.53 10.03
N GLN C 398 18.63 11.57 10.52
CA GLN C 398 18.24 10.15 10.47
C GLN C 398 18.53 9.56 11.85
N CYS C 399 17.54 9.62 12.72
CA CYS C 399 17.62 9.00 14.04
C CYS C 399 17.03 7.60 13.98
N MET C 400 17.08 6.91 15.11
CA MET C 400 16.49 5.58 15.22
C MET C 400 16.05 5.39 16.66
N TYR C 401 14.85 4.88 16.85
CA TYR C 401 14.33 4.61 18.18
C TYR C 401 14.58 3.13 18.50
N ALA C 402 15.51 2.87 19.40
CA ALA C 402 15.77 1.51 19.83
C ALA C 402 14.71 1.08 20.84
N PRO C 403 13.90 0.08 20.54
CA PRO C 403 12.80 -0.28 21.44
C PRO C 403 13.33 -0.92 22.71
N PRO C 404 12.56 -0.88 23.80
CA PRO C 404 13.03 -1.48 25.04
C PRO C 404 13.27 -2.98 24.89
N ILE C 405 14.26 -3.47 25.60
CA ILE C 405 14.58 -4.90 25.63
C ILE C 405 13.99 -5.45 26.91
N GLN C 406 13.11 -6.45 26.77
CA GLN C 406 12.49 -7.09 27.92
C GLN C 406 13.54 -7.82 28.75
N GLY C 407 13.51 -7.61 30.06
CA GLY C 407 14.36 -8.36 30.95
C GLY C 407 15.66 -7.67 31.28
N VAL C 408 16.55 -8.45 31.88
CA VAL C 408 17.87 -7.98 32.29
C VAL C 408 18.86 -8.21 31.17
N ILE C 409 19.70 -7.21 30.91
CA ILE C 409 20.70 -7.28 29.85
C ILE C 409 22.07 -7.55 30.44
N ARG C 410 22.77 -8.54 29.89
CA ARG C 410 24.10 -8.89 30.37
C ARG C 410 25.01 -9.00 29.16
N CYS C 411 26.31 -8.81 29.39
CA CYS C 411 27.26 -8.39 28.36
C CYS C 411 28.63 -8.94 28.68
N VAL C 412 29.27 -9.57 27.71
CA VAL C 412 30.67 -9.99 27.85
C VAL C 412 31.38 -9.67 26.56
N SER C 413 32.35 -8.74 26.62
CA SER C 413 33.08 -8.30 25.46
C SER C 413 34.57 -8.29 25.76
N ASN C 414 35.36 -8.28 24.70
CA ASN C 414 36.81 -8.17 24.78
C ASN C 414 37.21 -6.77 24.31
N ILE C 415 37.92 -6.03 25.14
CA ILE C 415 38.57 -4.80 24.70
C ILE C 415 39.86 -5.18 23.99
N THR C 416 39.85 -5.12 22.66
CA THR C 416 40.99 -5.53 21.86
C THR C 416 41.78 -4.35 21.33
N GLY C 417 41.47 -3.13 21.75
CA GLY C 417 42.19 -1.98 21.25
C GLY C 417 41.70 -0.70 21.90
N LEU C 418 42.33 0.39 21.49
CA LEU C 418 42.00 1.73 21.97
C LEU C 418 42.07 2.70 20.80
N ILE C 419 41.46 3.86 20.98
CA ILE C 419 41.63 4.98 20.07
C ILE C 419 41.99 6.19 20.93
N LEU C 420 43.24 6.63 20.85
CA LEU C 420 43.74 7.69 21.70
C LEU C 420 44.00 8.95 20.89
N THR C 421 43.94 10.09 21.55
CA THR C 421 44.36 11.36 20.99
C THR C 421 45.36 11.99 21.96
N ARG C 422 46.38 12.62 21.41
CA ARG C 422 47.44 13.21 22.21
C ARG C 422 47.22 14.72 22.35
N ASP C 423 47.61 15.26 23.51
CA ASP C 423 47.51 16.68 23.77
C ASP C 423 48.75 17.40 23.30
N GLY C 424 48.56 18.52 22.61
CA GLY C 424 49.66 19.30 22.08
C GLY C 424 50.56 19.91 23.13
N SER C 429 57.81 20.41 27.26
CA SER C 429 57.29 19.67 28.41
C SER C 429 57.63 18.19 28.32
N THR C 430 57.86 17.59 29.49
CA THR C 430 58.24 16.18 29.57
C THR C 430 57.05 15.25 29.77
N THR C 431 55.83 15.79 29.78
CA THR C 431 54.62 15.02 30.03
C THR C 431 53.77 14.97 28.78
N GLU C 432 53.41 13.76 28.36
CA GLU C 432 52.52 13.54 27.22
C GLU C 432 51.21 12.96 27.73
N THR C 433 50.11 13.63 27.42
CA THR C 433 48.79 13.23 27.91
C THR C 433 47.99 12.61 26.77
N PHE C 434 47.47 11.41 26.99
CA PHE C 434 46.75 10.65 25.97
C PHE C 434 45.29 10.49 26.41
N ARG C 435 44.43 11.26 25.82
CA ARG C 435 43.00 11.16 26.05
C ARG C 435 42.38 10.16 25.08
N PRO C 436 41.31 9.48 25.46
CA PRO C 436 40.61 8.62 24.51
C PRO C 436 39.95 9.43 23.42
N GLY C 437 39.83 8.83 22.24
CA GLY C 437 39.28 9.52 21.11
C GLY C 437 38.19 8.72 20.42
N GLY C 438 37.91 9.05 19.16
CA GLY C 438 36.89 8.34 18.43
C GLY C 438 36.03 9.24 17.57
N GLY C 439 34.74 8.94 17.52
CA GLY C 439 33.81 9.68 16.68
C GLY C 439 33.76 9.14 15.28
N ASP C 440 34.89 9.16 14.58
CA ASP C 440 34.96 8.66 13.21
C ASP C 440 34.96 7.13 13.25
N MET C 441 33.89 6.53 12.71
CA MET C 441 33.75 5.08 12.77
C MET C 441 34.75 4.37 11.87
N ARG C 442 35.44 5.10 10.99
CA ARG C 442 36.37 4.44 10.08
C ARG C 442 37.60 3.93 10.81
N ASP C 443 38.02 4.59 11.89
CA ASP C 443 39.16 4.10 12.66
C ASP C 443 38.88 2.78 13.35
N ASN C 444 37.61 2.41 13.51
CA ASN C 444 37.28 1.12 14.09
C ASN C 444 37.54 -0.01 13.11
N TRP C 445 37.17 0.19 11.84
CA TRP C 445 37.41 -0.81 10.80
C TRP C 445 38.77 -0.67 10.14
N ARG C 446 39.42 0.48 10.31
CA ARG C 446 40.81 0.60 9.91
C ARG C 446 41.71 -0.28 10.75
N SER C 447 41.27 -0.68 11.94
CA SER C 447 42.01 -1.58 12.80
C SER C 447 41.85 -3.04 12.44
N GLU C 448 40.90 -3.37 11.57
CA GLU C 448 40.73 -4.73 11.08
C GLU C 448 41.22 -4.93 9.66
N LEU C 449 41.20 -3.86 8.87
CA LEU C 449 41.64 -3.89 7.47
C LEU C 449 43.01 -3.24 7.28
N TYR C 450 43.83 -3.24 8.34
CA TYR C 450 45.15 -2.65 8.22
C TYR C 450 46.11 -3.56 7.46
N LYS C 451 45.92 -4.88 7.55
CA LYS C 451 46.83 -5.84 6.95
C LYS C 451 46.46 -6.20 5.52
N TYR C 452 45.33 -5.73 5.01
CA TYR C 452 44.86 -6.13 3.70
C TYR C 452 45.08 -5.02 2.68
N LYS C 453 45.20 -5.41 1.42
CA LYS C 453 45.46 -4.49 0.33
C LYS C 453 44.91 -5.09 -0.96
N VAL C 454 44.29 -4.26 -1.79
CA VAL C 454 43.70 -4.69 -3.04
C VAL C 454 44.61 -4.26 -4.18
N VAL C 455 44.95 -5.21 -5.06
CA VAL C 455 45.82 -4.94 -6.19
C VAL C 455 45.12 -5.38 -7.47
N LYS C 456 45.54 -4.78 -8.57
CA LYS C 456 44.99 -5.07 -9.89
C LYS C 456 46.02 -5.86 -10.69
N ILE C 457 45.65 -7.04 -11.14
CA ILE C 457 46.58 -7.90 -11.85
C ILE C 457 46.80 -7.36 -13.26
N GLU C 458 48.06 -7.20 -13.65
CA GLU C 458 48.45 -6.77 -14.99
C GLU C 458 49.10 -7.95 -15.70
N PRO C 459 48.33 -8.79 -16.39
CA PRO C 459 48.87 -10.07 -16.85
C PRO C 459 49.60 -10.01 -18.18
N LEU C 460 49.75 -8.85 -18.79
CA LEU C 460 50.34 -8.73 -20.12
C LEU C 460 51.67 -8.00 -19.98
N GLY C 461 52.76 -8.73 -20.18
CA GLY C 461 54.09 -8.14 -20.06
C GLY C 461 54.98 -8.59 -21.20
N VAL C 462 55.87 -7.67 -21.59
CA VAL C 462 56.80 -7.92 -22.69
C VAL C 462 58.22 -7.95 -22.13
N ALA C 463 59.08 -8.73 -22.78
CA ALA C 463 60.44 -8.91 -22.29
C ALA C 463 61.29 -9.39 -23.46
N PRO C 464 62.60 -9.17 -23.41
CA PRO C 464 63.47 -9.61 -24.51
C PRO C 464 63.78 -11.10 -24.42
N THR C 465 63.89 -11.72 -25.59
CA THR C 465 64.22 -13.13 -25.67
C THR C 465 64.82 -13.38 -27.04
N ARG C 466 65.56 -14.49 -27.18
CA ARG C 466 66.18 -14.87 -28.43
C ARG C 466 65.19 -15.36 -29.48
N CYS C 467 63.89 -15.25 -29.23
CA CYS C 467 62.90 -15.68 -30.19
C CYS C 467 62.97 -14.86 -31.47
N LYS C 468 62.33 -15.39 -32.51
CA LYS C 468 62.04 -14.64 -33.73
C LYS C 468 60.88 -15.34 -34.42
N ARG C 469 59.77 -14.64 -34.59
CA ARG C 469 58.60 -15.23 -35.22
C ARG C 469 58.95 -15.72 -36.62
N ARG C 470 58.49 -16.92 -36.94
CA ARG C 470 58.74 -17.51 -38.25
C ARG C 470 57.60 -17.20 -39.21
N PHE D 11 53.11 -27.10 -7.22
CA PHE D 11 52.11 -26.08 -7.48
C PHE D 11 52.12 -25.00 -6.40
N LEU D 12 52.37 -23.75 -6.82
CA LEU D 12 52.46 -22.65 -5.87
C LEU D 12 51.14 -21.93 -5.67
N GLY D 13 50.28 -21.90 -6.69
CA GLY D 13 49.00 -21.24 -6.60
C GLY D 13 49.01 -19.90 -7.31
N PHE D 14 47.89 -19.20 -7.18
CA PHE D 14 47.73 -17.89 -7.82
C PHE D 14 48.74 -16.91 -7.24
N LEU D 15 49.49 -16.26 -8.13
CA LEU D 15 50.57 -15.33 -7.77
C LEU D 15 51.64 -15.98 -6.91
N GLY D 16 51.73 -17.31 -6.92
CA GLY D 16 52.73 -17.97 -6.12
C GLY D 16 54.15 -17.65 -6.57
N ALA D 17 54.35 -17.56 -7.88
CA ALA D 17 55.66 -17.27 -8.45
C ALA D 17 55.91 -15.78 -8.59
N ALA D 18 55.24 -14.95 -7.79
CA ALA D 18 55.45 -13.51 -7.87
C ALA D 18 56.87 -13.15 -7.46
N GLY D 19 57.44 -13.87 -6.50
CA GLY D 19 58.80 -13.65 -6.07
C GLY D 19 59.85 -14.47 -6.80
N SER D 20 59.44 -15.43 -7.63
CA SER D 20 60.38 -16.23 -8.38
C SER D 20 61.03 -15.40 -9.48
N THR D 21 62.15 -15.91 -9.99
CA THR D 21 62.82 -15.26 -11.11
C THR D 21 61.93 -15.31 -12.35
N MET D 22 62.23 -14.43 -13.31
CA MET D 22 61.41 -14.35 -14.51
C MET D 22 61.39 -15.66 -15.27
N GLY D 23 62.48 -16.42 -15.22
CA GLY D 23 62.49 -17.73 -15.84
C GLY D 23 61.55 -18.72 -15.16
N ALA D 24 61.58 -18.77 -13.83
CA ALA D 24 60.74 -19.72 -13.11
C ALA D 24 59.29 -19.27 -13.05
N ALA D 25 59.05 -17.95 -13.05
CA ALA D 25 57.68 -17.44 -13.00
C ALA D 25 56.94 -17.67 -14.31
N SER D 26 57.66 -17.89 -15.41
CA SER D 26 57.05 -18.16 -16.70
C SER D 26 56.56 -19.59 -16.83
N MET D 27 56.90 -20.47 -15.88
CA MET D 27 56.34 -21.82 -15.90
C MET D 27 54.86 -21.81 -15.57
N THR D 28 54.40 -20.78 -14.86
CA THR D 28 53.07 -20.74 -14.28
C THR D 28 52.28 -19.55 -14.80
N LEU D 29 52.34 -19.31 -16.10
CA LEU D 29 51.54 -18.22 -16.66
C LEU D 29 50.06 -18.58 -16.72
N THR D 30 49.75 -19.87 -16.82
CA THR D 30 48.36 -20.31 -16.88
C THR D 30 47.66 -20.19 -15.53
N VAL D 31 48.42 -20.12 -14.44
CA VAL D 31 47.80 -19.98 -13.12
C VAL D 31 47.18 -18.60 -12.96
N GLN D 32 47.89 -17.56 -13.37
CA GLN D 32 47.35 -16.21 -13.31
C GLN D 32 46.35 -15.94 -14.43
N ALA D 33 46.52 -16.60 -15.57
CA ALA D 33 45.63 -16.35 -16.71
C ALA D 33 44.20 -16.78 -16.41
N ARG D 34 44.03 -17.92 -15.74
CA ARG D 34 42.69 -18.42 -15.49
C ARG D 34 41.99 -17.71 -14.33
N ASN D 35 42.70 -16.91 -13.55
CA ASN D 35 42.14 -16.20 -12.42
C ASN D 35 41.77 -14.77 -12.73
N LEU D 36 41.87 -14.37 -14.00
CA LEU D 36 41.52 -13.02 -14.43
C LEU D 36 40.09 -12.90 -14.94
N LEU D 37 39.31 -13.97 -14.85
CA LEU D 37 38.02 -13.98 -15.52
C LEU D 37 36.89 -14.35 -14.57
N SER D 38 37.17 -15.20 -13.59
CA SER D 38 36.18 -15.58 -12.60
C SER D 38 36.81 -15.88 -11.25
N VAL D 62 20.86 -2.04 -5.19
CA VAL D 62 22.11 -1.37 -5.50
C VAL D 62 23.27 -2.28 -5.12
N TRP D 63 23.00 -3.24 -4.22
CA TRP D 63 24.02 -4.21 -3.85
C TRP D 63 24.25 -5.25 -4.94
N GLY D 64 23.21 -5.55 -5.73
CA GLY D 64 23.41 -6.36 -6.90
C GLY D 64 24.22 -5.66 -7.96
N ILE D 65 24.03 -4.35 -8.12
CA ILE D 65 24.76 -3.60 -9.13
C ILE D 65 26.23 -3.52 -8.78
N LYS D 66 26.57 -3.41 -7.49
CA LYS D 66 27.96 -3.38 -7.09
C LYS D 66 28.68 -4.66 -7.53
N GLN D 67 28.06 -5.82 -7.26
CA GLN D 67 28.61 -7.07 -7.76
C GLN D 67 28.54 -7.15 -9.28
N LEU D 68 27.43 -6.68 -9.87
CA LEU D 68 27.24 -6.82 -11.31
C LEU D 68 28.20 -5.92 -12.08
N GLN D 69 28.49 -4.73 -11.56
CA GLN D 69 29.40 -3.84 -12.27
C GLN D 69 30.84 -4.30 -12.14
N ALA D 70 31.18 -5.00 -11.06
CA ALA D 70 32.51 -5.59 -10.94
C ALA D 70 32.70 -6.74 -11.93
N ARG D 71 31.64 -7.49 -12.21
CA ARG D 71 31.72 -8.57 -13.19
C ARG D 71 31.93 -8.02 -14.60
N VAL D 72 31.25 -6.93 -14.94
CA VAL D 72 31.41 -6.33 -16.27
C VAL D 72 32.80 -5.73 -16.42
N LEU D 73 33.34 -5.14 -15.34
CA LEU D 73 34.67 -4.57 -15.41
C LEU D 73 35.71 -5.64 -15.68
N ALA D 74 35.57 -6.81 -15.05
CA ALA D 74 36.52 -7.88 -15.27
C ALA D 74 36.46 -8.40 -16.69
N VAL D 75 35.26 -8.46 -17.28
CA VAL D 75 35.11 -8.98 -18.63
C VAL D 75 35.74 -8.04 -19.64
N GLU D 76 35.44 -6.74 -19.55
CA GLU D 76 35.98 -5.80 -20.54
C GLU D 76 37.46 -5.54 -20.30
N ARG D 77 37.93 -5.70 -19.07
CA ARG D 77 39.37 -5.61 -18.82
C ARG D 77 40.11 -6.81 -19.41
N TYR D 78 39.50 -8.00 -19.32
CA TYR D 78 40.08 -9.20 -19.92
C TYR D 78 40.07 -9.10 -21.44
N LEU D 79 38.97 -8.63 -22.03
CA LEU D 79 38.85 -8.59 -23.48
C LEU D 79 39.81 -7.60 -24.10
N ARG D 80 40.12 -6.51 -23.40
CA ARG D 80 41.08 -5.55 -23.95
C ARG D 80 42.49 -6.13 -24.02
N ASP D 81 42.82 -7.04 -23.11
CA ASP D 81 44.11 -7.73 -23.17
C ASP D 81 44.14 -8.78 -24.25
N GLN D 82 43.03 -9.50 -24.44
CA GLN D 82 42.95 -10.47 -25.53
C GLN D 82 42.96 -9.78 -26.88
N GLN D 83 42.32 -8.61 -26.98
CA GLN D 83 42.33 -7.85 -28.22
C GLN D 83 43.74 -7.39 -28.56
N LEU D 84 44.51 -6.96 -27.55
CA LEU D 84 45.88 -6.54 -27.79
C LEU D 84 46.73 -7.69 -28.30
N LEU D 85 46.57 -8.88 -27.71
CA LEU D 85 47.30 -10.03 -28.20
C LEU D 85 46.89 -10.39 -29.62
N GLY D 86 45.60 -10.26 -29.92
CA GLY D 86 45.12 -10.63 -31.25
C GLY D 86 45.71 -9.74 -32.34
N ILE D 87 45.84 -8.44 -32.07
CA ILE D 87 46.36 -7.53 -33.09
C ILE D 87 47.88 -7.56 -33.17
N TRP D 88 48.56 -8.24 -32.25
CA TRP D 88 49.99 -8.49 -32.36
C TRP D 88 50.28 -9.86 -32.95
N GLY D 89 49.26 -10.59 -33.37
CA GLY D 89 49.44 -11.97 -33.81
C GLY D 89 49.81 -12.93 -32.71
N CYS D 90 49.24 -12.75 -31.52
CA CYS D 90 49.56 -13.59 -30.37
C CYS D 90 48.32 -14.20 -29.72
N SER D 91 47.17 -14.19 -30.41
CA SER D 91 45.94 -14.66 -29.81
C SER D 91 46.00 -16.15 -29.52
N GLY D 92 45.53 -16.54 -28.34
CA GLY D 92 45.54 -17.93 -27.95
C GLY D 92 46.88 -18.48 -27.58
N LYS D 93 47.84 -17.62 -27.24
CA LYS D 93 49.17 -18.05 -26.82
C LYS D 93 49.56 -17.32 -25.55
N LEU D 94 50.03 -18.09 -24.55
CA LEU D 94 50.53 -17.48 -23.33
C LEU D 94 51.92 -16.87 -23.55
N ILE D 95 52.76 -17.55 -24.32
CA ILE D 95 54.07 -17.04 -24.71
C ILE D 95 54.07 -16.88 -26.22
N CYS D 96 54.31 -15.65 -26.69
CA CYS D 96 54.27 -15.33 -28.10
C CYS D 96 55.57 -14.66 -28.51
N CYS D 97 56.17 -15.15 -29.58
CA CYS D 97 57.40 -14.58 -30.11
C CYS D 97 57.06 -13.61 -31.23
N THR D 98 57.71 -12.46 -31.23
CA THR D 98 57.41 -11.40 -32.18
C THR D 98 58.62 -11.13 -33.06
N ASN D 99 58.43 -10.22 -34.03
CA ASN D 99 59.48 -9.83 -34.97
C ASN D 99 59.98 -8.42 -34.68
N VAL D 100 59.87 -7.97 -33.45
CA VAL D 100 60.33 -6.65 -33.04
C VAL D 100 61.65 -6.82 -32.30
N PRO D 101 62.77 -6.35 -32.84
CA PRO D 101 64.04 -6.49 -32.13
C PRO D 101 64.06 -5.65 -30.87
N TRP D 102 64.73 -6.16 -29.84
CA TRP D 102 64.79 -5.48 -28.55
C TRP D 102 65.78 -4.34 -28.63
N ASN D 103 65.27 -3.12 -28.81
CA ASN D 103 66.11 -1.93 -28.72
C ASN D 103 66.75 -1.86 -27.35
N SER D 104 68.07 -1.66 -27.32
CA SER D 104 68.79 -1.63 -26.06
C SER D 104 68.44 -0.42 -25.21
N SER D 105 67.83 0.60 -25.80
CA SER D 105 67.44 1.77 -25.03
C SER D 105 66.42 1.41 -23.95
N TRP D 106 65.54 0.46 -24.24
CA TRP D 106 64.56 0.02 -23.25
C TRP D 106 65.25 -0.63 -22.06
N SER D 107 66.18 -1.55 -22.31
CA SER D 107 66.98 -2.16 -21.26
C SER D 107 68.18 -2.85 -21.88
N ASN D 108 69.39 -2.50 -21.43
CA ASN D 108 70.62 -3.02 -21.99
C ASN D 108 71.18 -4.19 -21.20
N ARG D 109 70.46 -4.68 -20.20
CA ARG D 109 70.92 -5.82 -19.42
C ARG D 109 70.92 -7.09 -20.27
N ASN D 110 71.92 -7.94 -20.04
CA ASN D 110 72.05 -9.14 -20.85
C ASN D 110 70.96 -10.15 -20.48
N LEU D 111 70.80 -11.14 -21.35
CA LEU D 111 69.73 -12.11 -21.18
C LEU D 111 69.91 -12.95 -19.91
N SER D 112 71.14 -13.10 -19.45
CA SER D 112 71.39 -13.94 -18.28
C SER D 112 70.97 -13.27 -16.99
N GLU D 113 70.96 -11.94 -16.94
CA GLU D 113 70.62 -11.20 -15.73
C GLU D 113 69.19 -10.69 -15.73
N ILE D 114 68.34 -11.21 -16.62
CA ILE D 114 66.93 -10.87 -16.67
C ILE D 114 66.05 -12.06 -16.31
N TRP D 115 66.39 -13.24 -16.83
CA TRP D 115 65.57 -14.43 -16.65
C TRP D 115 65.98 -15.27 -15.44
N ASP D 116 67.09 -14.94 -14.79
CA ASP D 116 67.54 -15.71 -13.64
C ASP D 116 67.86 -14.86 -12.42
N ASN D 117 67.80 -13.54 -12.52
CA ASN D 117 68.07 -12.65 -11.41
C ASN D 117 66.89 -11.75 -11.04
N MET D 118 66.08 -11.34 -12.00
CA MET D 118 64.98 -10.42 -11.75
C MET D 118 63.66 -11.17 -11.60
N THR D 119 62.73 -10.54 -10.91
CA THR D 119 61.36 -10.98 -10.85
C THR D 119 60.51 -10.13 -11.79
N TRP D 120 59.31 -10.61 -12.08
CA TRP D 120 58.47 -9.90 -13.04
C TRP D 120 58.04 -8.54 -12.52
N LEU D 121 57.87 -8.40 -11.20
CA LEU D 121 57.49 -7.12 -10.63
C LEU D 121 58.60 -6.09 -10.79
N GLN D 122 59.86 -6.49 -10.58
CA GLN D 122 60.98 -5.58 -10.80
C GLN D 122 61.08 -5.18 -12.27
N TRP D 123 60.87 -6.15 -13.17
CA TRP D 123 60.99 -5.87 -14.59
C TRP D 123 59.93 -4.88 -15.05
N ASP D 124 58.70 -5.01 -14.56
CA ASP D 124 57.64 -4.12 -14.99
C ASP D 124 57.92 -2.67 -14.62
N LYS D 125 58.61 -2.45 -13.50
CA LYS D 125 58.94 -1.09 -13.10
C LYS D 125 60.07 -0.50 -13.93
N GLU D 126 60.91 -1.34 -14.55
CA GLU D 126 62.03 -0.83 -15.32
C GLU D 126 61.62 -0.43 -16.74
N ILE D 127 60.76 -1.21 -17.37
CA ILE D 127 60.30 -0.93 -18.71
C ILE D 127 58.90 -0.32 -18.73
N SER D 128 58.47 0.28 -17.61
CA SER D 128 57.14 0.86 -17.55
C SER D 128 56.98 2.01 -18.55
N ASN D 129 58.00 2.87 -18.66
CA ASN D 129 57.91 3.99 -19.58
C ASN D 129 58.18 3.60 -21.03
N TYR D 130 58.78 2.45 -21.27
CA TYR D 130 59.00 1.93 -22.62
C TYR D 130 57.90 0.98 -23.05
N THR D 131 56.86 0.81 -22.24
CA THR D 131 55.80 -0.14 -22.56
C THR D 131 55.00 0.30 -23.78
N GLN D 132 54.58 1.57 -23.82
CA GLN D 132 53.70 2.02 -24.88
C GLN D 132 54.41 2.05 -26.23
N ILE D 133 55.68 2.42 -26.25
CA ILE D 133 56.40 2.43 -27.53
C ILE D 133 56.62 1.00 -28.03
N ILE D 134 56.78 0.04 -27.12
CA ILE D 134 56.86 -1.36 -27.53
C ILE D 134 55.51 -1.83 -28.07
N TYR D 135 54.42 -1.39 -27.45
CA TYR D 135 53.10 -1.82 -27.89
C TYR D 135 52.81 -1.36 -29.31
N GLY D 136 53.22 -0.14 -29.64
CA GLY D 136 53.04 0.33 -31.01
C GLY D 136 53.87 -0.44 -32.02
N LEU D 137 55.09 -0.83 -31.63
CA LEU D 137 55.94 -1.60 -32.54
C LEU D 137 55.37 -2.98 -32.82
N LEU D 138 54.83 -3.64 -31.79
CA LEU D 138 54.21 -4.95 -32.00
C LEU D 138 52.98 -4.86 -32.89
N GLU D 139 52.20 -3.80 -32.73
CA GLU D 139 51.05 -3.60 -33.61
C GLU D 139 51.48 -3.32 -35.04
N GLU D 140 52.54 -2.53 -35.21
CA GLU D 140 53.06 -2.26 -36.55
C GLU D 140 53.77 -3.46 -37.16
N SER D 141 54.26 -4.38 -36.33
CA SER D 141 54.92 -5.57 -36.88
C SER D 141 53.92 -6.58 -37.40
N GLN D 142 52.74 -6.67 -36.77
CA GLN D 142 51.76 -7.67 -37.18
C GLN D 142 51.08 -7.29 -38.48
N ASN D 143 50.56 -6.06 -38.57
CA ASN D 143 49.87 -5.65 -39.78
C ASN D 143 50.81 -5.55 -40.97
N GLN D 144 52.12 -5.43 -40.73
CA GLN D 144 53.08 -5.59 -41.81
C GLN D 144 53.15 -7.06 -42.24
N GLN D 145 53.11 -7.98 -41.29
CA GLN D 145 53.06 -9.40 -41.62
C GLN D 145 51.70 -9.81 -42.18
N GLU D 146 50.64 -9.15 -41.73
CA GLU D 146 49.31 -9.45 -42.27
C GLU D 146 49.24 -9.16 -43.76
N LYS D 147 49.78 -8.02 -44.18
CA LYS D 147 49.74 -7.65 -45.59
C LYS D 147 50.76 -8.41 -46.41
N ASN D 148 51.95 -8.65 -45.85
CA ASN D 148 52.98 -9.39 -46.58
C ASN D 148 52.55 -10.82 -46.84
N GLU D 149 51.94 -11.47 -45.85
CA GLU D 149 51.41 -12.81 -46.05
C GLU D 149 50.19 -12.79 -46.97
N GLN D 150 49.37 -11.74 -46.87
CA GLN D 150 48.23 -11.61 -47.77
C GLN D 150 48.68 -11.43 -49.21
N ASP D 151 49.75 -10.65 -49.42
CA ASP D 151 50.28 -10.46 -50.76
C ASP D 151 50.93 -11.74 -51.28
N LEU D 152 51.74 -12.39 -50.44
CA LEU D 152 52.43 -13.61 -50.86
C LEU D 152 51.46 -14.75 -51.12
N LEU D 153 50.30 -14.74 -50.46
CA LEU D 153 49.32 -15.81 -50.63
C LEU D 153 48.61 -15.74 -51.97
N ALA D 154 48.66 -14.60 -52.66
CA ALA D 154 48.04 -14.43 -53.96
C ALA D 154 48.96 -14.79 -55.11
N LEU D 155 50.19 -15.22 -54.82
CA LEU D 155 51.15 -15.56 -55.87
C LEU D 155 51.02 -17.03 -56.24
N LEU E 2 39.12 -15.13 -57.96
CA LEU E 2 38.78 -14.27 -56.82
C LEU E 2 38.09 -15.07 -55.72
N TRP E 3 38.60 -14.93 -54.50
CA TRP E 3 38.07 -15.63 -53.34
C TRP E 3 37.62 -14.64 -52.28
N VAL E 4 36.65 -15.06 -51.47
CA VAL E 4 36.13 -14.21 -50.40
C VAL E 4 37.21 -14.00 -49.36
N THR E 5 37.46 -12.73 -49.03
CA THR E 5 38.41 -12.38 -47.97
C THR E 5 37.67 -11.58 -46.91
N VAL E 6 37.86 -11.97 -45.65
CA VAL E 6 37.14 -11.37 -44.53
C VAL E 6 38.02 -10.28 -43.93
N TYR E 7 37.49 -9.06 -43.85
CA TYR E 7 38.17 -7.94 -43.24
C TYR E 7 37.41 -7.54 -41.97
N TYR E 8 38.14 -7.41 -40.87
CA TYR E 8 37.56 -6.98 -39.61
C TYR E 8 38.09 -5.59 -39.27
N GLY E 9 37.20 -4.67 -38.93
CA GLY E 9 37.58 -3.32 -38.63
C GLY E 9 37.42 -2.35 -39.78
N VAL E 10 36.62 -2.68 -40.79
CA VAL E 10 36.40 -1.80 -41.92
C VAL E 10 35.60 -0.58 -41.46
N PRO E 11 35.84 0.60 -42.02
CA PRO E 11 35.04 1.79 -41.66
C PRO E 11 33.66 1.80 -42.32
N VAL E 12 32.75 1.02 -41.76
CA VAL E 12 31.39 0.90 -42.24
C VAL E 12 30.44 1.07 -41.07
N TRP E 13 29.38 1.85 -41.26
CA TRP E 13 28.41 2.10 -40.22
C TRP E 13 27.01 2.05 -40.81
N LYS E 14 26.01 2.11 -39.92
CA LYS E 14 24.63 2.24 -40.34
C LYS E 14 23.84 2.91 -39.23
N ASP E 15 22.68 3.44 -39.59
CA ASP E 15 21.86 4.14 -38.61
C ASP E 15 21.40 3.20 -37.52
N ALA E 16 21.50 3.64 -36.27
CA ALA E 16 21.09 2.83 -35.14
C ALA E 16 20.69 3.73 -33.99
N GLU E 17 19.91 3.17 -33.08
CA GLU E 17 19.47 3.87 -31.87
C GLU E 17 20.09 3.17 -30.67
N THR E 18 20.69 3.95 -29.78
CA THR E 18 21.32 3.39 -28.58
C THR E 18 21.14 4.36 -27.44
N THR E 19 21.52 3.92 -26.24
CA THR E 19 21.43 4.75 -25.05
C THR E 19 22.76 5.46 -24.86
N LEU E 20 22.88 6.65 -25.44
CA LEU E 20 24.05 7.49 -25.20
C LEU E 20 24.13 7.85 -23.73
N PHE E 21 25.34 7.90 -23.20
CA PHE E 21 25.54 8.23 -21.80
C PHE E 21 26.02 9.66 -21.65
N CYS E 22 25.66 10.27 -20.53
CA CYS E 22 26.00 11.64 -20.23
C CYS E 22 27.48 11.81 -19.92
N ALA E 23 27.96 13.03 -20.10
CA ALA E 23 29.30 13.43 -19.67
C ALA E 23 29.30 14.94 -19.47
N SER E 24 30.05 15.38 -18.47
CA SER E 24 30.10 16.79 -18.13
C SER E 24 31.53 17.19 -17.81
N ASP E 25 31.91 18.40 -18.23
CA ASP E 25 33.24 18.92 -17.97
C ASP E 25 33.28 19.66 -16.64
N LYS E 33 27.68 22.10 -4.63
CA LYS E 33 26.25 22.29 -4.81
C LYS E 33 25.70 21.34 -5.86
N HIS E 34 24.59 20.69 -5.54
CA HIS E 34 24.00 19.74 -6.48
C HIS E 34 23.28 20.47 -7.61
N ASN E 35 22.99 19.72 -8.67
CA ASN E 35 22.28 20.22 -9.83
C ASN E 35 21.15 19.26 -10.17
N VAL E 36 20.07 19.80 -10.75
CA VAL E 36 18.95 18.96 -11.17
C VAL E 36 19.40 17.95 -12.22
N TRP E 37 20.18 18.40 -13.19
CA TRP E 37 20.74 17.52 -14.21
C TRP E 37 22.11 17.08 -13.72
N ALA E 38 22.09 16.08 -12.83
CA ALA E 38 23.23 15.71 -12.00
C ALA E 38 24.48 15.43 -12.82
N THR E 39 25.50 16.26 -12.63
CA THR E 39 26.80 16.05 -13.28
C THR E 39 27.73 15.17 -12.46
N HIS E 40 27.36 14.85 -11.21
CA HIS E 40 28.17 13.93 -10.43
C HIS E 40 28.07 12.51 -10.97
N ALA E 41 26.88 12.12 -11.44
CA ALA E 41 26.72 10.80 -12.03
C ALA E 41 27.30 10.73 -13.44
N CYS E 42 27.25 11.84 -14.17
CA CYS E 42 27.86 11.90 -15.50
C CYS E 42 29.37 11.74 -15.39
N VAL E 43 29.95 10.94 -16.28
CA VAL E 43 31.39 10.71 -16.30
C VAL E 43 32.09 11.98 -16.78
N PRO E 44 33.31 12.24 -16.33
CA PRO E 44 34.04 13.41 -16.84
C PRO E 44 34.39 13.25 -18.31
N THR E 45 34.50 14.38 -19.00
CA THR E 45 34.79 14.39 -20.42
C THR E 45 36.30 14.26 -20.65
N ASP E 46 36.74 14.42 -21.89
CA ASP E 46 38.15 14.34 -22.22
C ASP E 46 38.77 15.73 -22.31
N GLN E 50 39.65 15.18 -30.35
CA GLN E 50 38.45 14.43 -30.03
C GLN E 50 37.55 14.29 -31.25
N GLU E 51 37.79 15.14 -32.25
CA GLU E 51 36.99 15.17 -33.47
C GLU E 51 37.86 14.80 -34.65
N ILE E 52 37.35 13.88 -35.48
CA ILE E 52 38.06 13.41 -36.67
C ILE E 52 37.24 13.84 -37.89
N HIS E 53 37.86 14.58 -38.79
CA HIS E 53 37.19 14.95 -40.03
C HIS E 53 37.16 13.76 -40.98
N LEU E 54 36.02 13.56 -41.63
CA LEU E 54 35.78 12.42 -42.51
C LEU E 54 35.71 12.94 -43.94
N GLU E 55 36.86 13.02 -44.60
CA GLU E 55 36.90 13.48 -45.98
C GLU E 55 36.19 12.48 -46.90
N ASN E 56 35.57 13.01 -47.95
CA ASN E 56 34.87 12.26 -48.98
C ASN E 56 33.63 11.55 -48.47
N VAL E 57 33.18 11.86 -47.26
CA VAL E 57 32.03 11.19 -46.65
C VAL E 57 30.82 12.11 -46.76
N THR E 58 29.76 11.60 -47.38
CA THR E 58 28.47 12.28 -47.44
C THR E 58 27.46 11.44 -46.69
N GLU E 59 26.82 12.03 -45.68
CA GLU E 59 25.94 11.31 -44.78
C GLU E 59 24.55 11.93 -44.79
N GLU E 60 23.53 11.08 -44.70
CA GLU E 60 22.13 11.51 -44.74
C GLU E 60 21.66 11.78 -43.32
N PHE E 61 21.46 13.06 -42.99
CA PHE E 61 20.99 13.47 -41.68
C PHE E 61 19.50 13.73 -41.70
N ASN E 62 18.90 13.70 -40.51
CA ASN E 62 17.48 14.02 -40.36
C ASN E 62 17.26 14.44 -38.90
N MET E 63 17.17 15.75 -38.68
CA MET E 63 16.98 16.25 -37.31
C MET E 63 15.58 16.00 -36.79
N TRP E 64 14.61 15.72 -37.66
CA TRP E 64 13.24 15.52 -37.26
C TRP E 64 12.91 14.06 -36.96
N LYS E 65 13.80 13.13 -37.28
CA LYS E 65 13.67 11.73 -36.91
C LYS E 65 14.84 11.28 -36.06
N ASN E 66 15.52 12.23 -35.44
CA ASN E 66 16.70 11.95 -34.63
C ASN E 66 16.28 11.41 -33.27
N ASN E 67 16.86 10.28 -32.88
CA ASN E 67 16.51 9.66 -31.61
C ASN E 67 17.28 10.24 -30.44
N MET E 68 18.33 11.02 -30.68
CA MET E 68 19.01 11.71 -29.58
C MET E 68 18.09 12.71 -28.92
N VAL E 69 17.20 13.33 -29.70
CA VAL E 69 16.22 14.27 -29.14
C VAL E 69 15.21 13.54 -28.27
N GLU E 70 14.70 12.41 -28.75
CA GLU E 70 13.72 11.65 -27.98
C GLU E 70 14.36 11.11 -26.71
N GLN E 71 15.62 10.66 -26.79
CA GLN E 71 16.30 10.16 -25.60
C GLN E 71 16.62 11.29 -24.62
N MET E 72 17.01 12.45 -25.14
CA MET E 72 17.31 13.57 -24.25
C MET E 72 16.06 14.05 -23.52
N HIS E 73 14.91 14.04 -24.19
CA HIS E 73 13.67 14.42 -23.53
C HIS E 73 13.36 13.49 -22.37
N THR E 74 13.54 12.18 -22.56
CA THR E 74 13.34 11.23 -21.47
C THR E 74 14.37 11.43 -20.36
N ASP E 75 15.61 11.72 -20.73
CA ASP E 75 16.66 11.88 -19.73
C ASP E 75 16.48 13.16 -18.93
N ILE E 76 16.09 14.25 -19.60
CA ILE E 76 15.88 15.51 -18.89
C ILE E 76 14.72 15.40 -17.93
N ILE E 77 13.62 14.77 -18.35
CA ILE E 77 12.49 14.55 -17.46
C ILE E 77 12.89 13.64 -16.29
N SER E 78 13.61 12.56 -16.60
CA SER E 78 14.00 11.61 -15.55
C SER E 78 14.97 12.26 -14.55
N LEU E 79 15.92 13.05 -15.03
CA LEU E 79 16.80 13.77 -14.12
C LEU E 79 16.03 14.82 -13.33
N TRP E 80 14.87 15.25 -13.81
CA TRP E 80 14.09 16.26 -13.12
C TRP E 80 13.35 15.68 -11.92
N ASP E 81 12.52 14.66 -12.16
CA ASP E 81 11.71 14.12 -11.09
C ASP E 81 12.49 13.20 -10.15
N GLN E 82 13.69 12.77 -10.53
CA GLN E 82 14.52 12.05 -9.56
C GLN E 82 15.21 13.00 -8.60
N SER E 83 15.34 14.27 -8.95
CA SER E 83 15.89 15.26 -8.04
C SER E 83 14.82 15.86 -7.13
N LEU E 84 13.56 15.58 -7.39
CA LEU E 84 12.45 16.05 -6.56
C LEU E 84 11.87 14.95 -5.68
N LYS E 85 12.56 13.82 -5.58
CA LYS E 85 12.14 12.74 -4.70
C LYS E 85 12.50 12.99 -3.24
N PRO E 86 13.75 13.33 -2.91
CA PRO E 86 14.14 13.34 -1.48
C PRO E 86 13.63 14.52 -0.68
N CYS E 87 13.07 15.55 -1.30
CA CYS E 87 12.78 16.79 -0.60
C CYS E 87 11.28 16.98 -0.44
N VAL E 88 10.92 18.06 0.28
CA VAL E 88 9.65 18.14 1.00
C VAL E 88 8.47 18.03 0.05
N LYS E 89 7.49 17.20 0.43
CA LYS E 89 6.21 17.11 -0.26
C LYS E 89 5.21 17.96 0.48
N LEU E 90 4.64 18.96 -0.21
CA LEU E 90 3.80 19.96 0.46
C LEU E 90 2.33 19.56 0.47
N THR E 91 2.05 18.35 0.96
CA THR E 91 0.67 17.93 1.14
C THR E 91 -0.03 18.61 2.34
N PRO E 92 0.67 19.10 3.38
CA PRO E 92 -0.05 19.86 4.40
C PRO E 92 -0.41 21.28 4.00
N LEU E 93 0.06 21.75 2.83
CA LEU E 93 -0.26 23.09 2.36
C LEU E 93 -1.58 23.17 1.61
N CYS E 94 -2.27 22.04 1.42
CA CYS E 94 -3.60 22.05 0.82
C CYS E 94 -4.61 22.32 1.93
N VAL E 95 -4.74 23.60 2.29
CA VAL E 95 -5.64 24.06 3.34
C VAL E 95 -6.38 25.28 2.83
N THR E 96 -7.39 25.72 3.58
CA THR E 96 -8.11 26.96 3.26
C THR E 96 -7.25 28.10 3.68
N LEU E 97 -6.88 28.95 2.71
CA LEU E 97 -6.06 30.15 2.98
C LEU E 97 -7.04 31.32 3.06
N GLN E 98 -6.91 32.18 4.07
CA GLN E 98 -7.79 33.37 4.17
C GLN E 98 -7.03 34.59 3.66
N CYS E 99 -7.11 34.85 2.35
CA CYS E 99 -6.19 35.76 1.65
C CYS E 99 -6.83 37.14 1.53
N THR E 100 -6.06 38.19 1.83
CA THR E 100 -6.38 39.59 1.45
C THR E 100 -5.46 39.98 0.30
N ASN E 101 -5.66 41.16 -0.27
CA ASN E 101 -4.77 41.70 -1.34
C ASN E 101 -3.61 42.44 -0.71
N VAL E 102 -2.41 42.29 -1.27
CA VAL E 102 -1.31 43.26 -1.06
C VAL E 102 -1.69 44.52 -1.83
N THR E 103 -1.86 45.63 -1.11
CA THR E 103 -2.09 46.97 -1.72
C THR E 103 -1.04 47.90 -1.11
N ASN E 104 -0.15 47.32 -0.31
CA ASN E 104 0.96 48.02 0.37
C ASN E 104 2.08 48.28 -0.64
N ASN E 105 2.01 49.43 -1.32
CA ASN E 105 3.07 50.03 -2.16
C ASN E 105 3.02 49.41 -3.56
N ILE E 106 1.85 48.98 -4.01
CA ILE E 106 1.76 48.24 -5.30
C ILE E 106 1.65 49.27 -6.43
N THR E 107 2.37 49.04 -7.53
CA THR E 107 2.15 49.80 -8.75
C THR E 107 0.84 49.38 -9.39
N ASP E 108 0.36 50.20 -10.34
CA ASP E 108 -0.92 49.93 -10.97
C ASP E 108 -0.88 48.64 -11.77
N ASP E 109 0.26 48.34 -12.41
CA ASP E 109 0.38 47.13 -13.21
C ASP E 109 0.23 45.88 -12.33
N MET E 110 0.92 45.86 -11.19
CA MET E 110 0.89 44.70 -10.30
C MET E 110 -0.15 44.90 -9.20
N ARG E 111 -1.41 45.03 -9.62
CA ARG E 111 -2.53 45.33 -8.69
C ARG E 111 -3.41 44.11 -8.55
N GLY E 112 -3.50 43.56 -7.33
CA GLY E 112 -4.17 42.27 -7.09
C GLY E 112 -3.45 41.14 -7.77
N GLU E 113 -2.13 41.06 -7.62
CA GLU E 113 -1.31 39.98 -8.22
C GLU E 113 -0.59 39.24 -7.10
N LEU E 114 -0.23 39.93 -6.03
CA LEU E 114 0.19 39.22 -4.79
C LEU E 114 -0.97 39.27 -3.81
N LYS E 115 -1.20 38.16 -3.11
CA LYS E 115 -2.29 37.96 -2.13
C LYS E 115 -1.63 37.58 -0.80
N ASN E 116 -1.99 38.23 0.31
CA ASN E 116 -1.37 38.00 1.63
C ASN E 116 -2.20 36.97 2.40
N CYS E 117 -1.87 35.70 2.24
CA CYS E 117 -2.67 34.56 2.68
C CYS E 117 -2.19 34.06 4.02
N SER E 118 -3.12 33.91 4.97
CA SER E 118 -2.84 33.36 6.29
C SER E 118 -3.56 32.04 6.44
N PHE E 119 -2.92 31.09 7.12
CA PHE E 119 -3.46 29.75 7.24
C PHE E 119 -2.89 29.08 8.48
N ASN E 120 -3.51 27.97 8.88
CA ASN E 120 -3.06 27.16 9.99
C ASN E 120 -2.22 26.01 9.47
N MET E 121 -0.97 25.93 9.90
CA MET E 121 -0.07 24.88 9.48
C MET E 121 0.21 23.93 10.64
N THR E 122 0.64 22.73 10.29
CA THR E 122 1.10 21.79 11.29
C THR E 122 2.45 22.23 11.84
N THR E 123 2.67 21.92 13.12
CA THR E 123 3.88 22.31 13.82
C THR E 123 4.84 21.11 13.80
N GLU E 124 6.07 21.33 14.28
CA GLU E 124 6.98 20.21 14.53
C GLU E 124 6.35 19.19 15.46
N LEU E 125 5.46 19.63 16.35
CA LEU E 125 4.73 18.75 17.25
C LEU E 125 3.38 18.45 16.61
N ARG E 126 3.02 17.16 16.56
CA ARG E 126 1.83 16.75 15.81
C ARG E 126 0.56 17.38 16.36
N ASP E 127 0.41 17.43 17.69
CA ASP E 127 -0.84 17.89 18.28
C ASP E 127 -1.00 19.41 18.21
N LYS E 128 0.10 20.15 18.13
CA LYS E 128 0.01 21.61 18.16
C LYS E 128 -0.26 22.16 16.76
N LYS E 129 -0.77 23.39 16.73
CA LYS E 129 -1.15 24.08 15.50
C LYS E 129 -0.38 25.39 15.41
N GLN E 130 -0.30 25.91 14.18
CA GLN E 130 0.57 27.04 13.88
C GLN E 130 -0.16 27.97 12.93
N LYS E 131 -0.34 29.22 13.33
CA LYS E 131 -1.00 30.23 12.52
C LYS E 131 0.07 31.06 11.80
N VAL E 132 0.20 30.84 10.49
CA VAL E 132 1.24 31.48 9.70
C VAL E 132 0.59 32.20 8.52
N TYR E 133 1.33 33.15 7.96
CA TYR E 133 0.89 33.88 6.79
C TYR E 133 2.00 33.83 5.74
N SER E 134 1.61 34.00 4.48
CA SER E 134 2.56 34.01 3.39
C SER E 134 1.97 34.80 2.23
N LEU E 135 2.84 35.26 1.35
CA LEU E 135 2.43 35.98 0.15
C LEU E 135 2.40 35.02 -1.01
N PHE E 136 1.24 34.88 -1.65
CA PHE E 136 1.05 33.99 -2.77
C PHE E 136 0.66 34.81 -3.99
N TYR E 137 1.21 34.45 -5.15
CA TYR E 137 0.82 35.11 -6.37
C TYR E 137 -0.61 34.72 -6.75
N ARG E 138 -1.30 35.61 -7.44
CA ARG E 138 -2.67 35.33 -7.83
C ARG E 138 -2.75 34.11 -8.74
N LEU E 139 -1.68 33.82 -9.48
CA LEU E 139 -1.65 32.66 -10.36
C LEU E 139 -1.57 31.35 -9.61
N ASP E 140 -1.29 31.38 -8.30
CA ASP E 140 -1.14 30.17 -7.52
C ASP E 140 -2.36 29.80 -6.70
N VAL E 141 -3.26 30.75 -6.44
CA VAL E 141 -4.40 30.52 -5.55
C VAL E 141 -5.68 30.70 -6.35
N VAL E 142 -6.66 29.86 -6.06
CA VAL E 142 -7.99 29.97 -6.65
C VAL E 142 -9.00 30.12 -5.53
N GLN E 143 -9.97 31.02 -5.73
CA GLN E 143 -10.97 31.28 -4.72
C GLN E 143 -11.96 30.12 -4.63
N ILE E 144 -12.42 29.85 -3.41
CA ILE E 144 -13.43 28.83 -3.14
C ILE E 144 -14.64 29.50 -2.50
N ASN E 145 -15.82 29.23 -3.05
CA ASN E 145 -17.05 29.80 -2.52
C ASN E 145 -17.99 28.70 -2.04
N ASN E 156 -12.07 39.09 4.68
CA ASN E 156 -11.13 38.42 3.78
C ASN E 156 -11.72 37.13 3.21
N LYS E 157 -11.40 36.87 1.94
CA LYS E 157 -11.98 35.74 1.22
C LYS E 157 -11.10 34.50 1.36
N GLU E 158 -11.73 33.35 1.17
CA GLU E 158 -11.05 32.07 1.33
C GLU E 158 -10.53 31.59 -0.02
N TYR E 159 -9.24 31.31 -0.11
CA TYR E 159 -8.63 30.78 -1.35
C TYR E 159 -8.01 29.43 -1.03
N ARG E 160 -7.52 28.73 -2.04
CA ARG E 160 -6.73 27.52 -1.90
C ARG E 160 -5.79 27.44 -3.09
N LEU E 161 -4.71 26.66 -2.93
CA LEU E 161 -3.69 26.60 -3.96
C LEU E 161 -4.26 26.00 -5.24
N ILE E 162 -3.75 26.50 -6.38
CA ILE E 162 -4.33 26.17 -7.67
C ILE E 162 -4.28 24.68 -7.96
N ASN E 163 -3.31 23.96 -7.40
CA ASN E 163 -3.20 22.52 -7.61
C ASN E 163 -3.32 21.86 -6.25
N CYS E 164 -4.57 21.69 -5.81
CA CYS E 164 -4.93 20.86 -4.66
C CYS E 164 -6.09 19.94 -4.97
N ASN E 165 -6.67 20.04 -6.16
CA ASN E 165 -7.64 19.08 -6.63
C ASN E 165 -7.09 18.18 -7.73
N THR E 166 -5.82 18.35 -8.08
CA THR E 166 -5.14 17.50 -9.05
C THR E 166 -4.03 16.67 -8.43
N SER E 167 -3.23 17.26 -7.54
CA SER E 167 -2.14 16.56 -6.88
C SER E 167 -1.59 17.43 -5.77
N ALA E 168 -0.77 16.83 -4.92
CA ALA E 168 0.04 17.56 -3.96
C ALA E 168 1.37 17.91 -4.59
N CYS E 169 1.94 19.02 -4.18
CA CYS E 169 3.07 19.61 -4.89
C CYS E 169 4.35 19.48 -4.09
N THR E 170 5.40 19.01 -4.74
CA THR E 170 6.69 18.79 -4.11
C THR E 170 7.48 20.10 -4.09
N GLN E 171 7.84 20.56 -2.91
CA GLN E 171 8.65 21.76 -2.82
C GLN E 171 9.99 21.55 -3.52
N ALA E 172 10.35 22.49 -4.39
CA ALA E 172 11.66 22.44 -5.02
C ALA E 172 12.72 22.53 -3.95
N CYS E 173 13.65 21.60 -3.97
CA CYS E 173 14.61 21.47 -2.89
C CYS E 173 15.53 22.68 -2.89
N PRO E 174 15.78 23.31 -1.73
CA PRO E 174 16.43 24.63 -1.74
C PRO E 174 17.90 24.60 -2.08
N LYS E 175 18.56 23.45 -1.99
CA LYS E 175 19.98 23.36 -2.28
C LYS E 175 20.29 22.89 -3.68
N VAL E 176 19.31 22.32 -4.39
CA VAL E 176 19.53 21.90 -5.77
C VAL E 176 19.34 23.11 -6.68
N SER E 177 20.10 23.14 -7.77
CA SER E 177 20.14 24.28 -8.66
C SER E 177 19.45 23.96 -9.97
N PHE E 178 18.66 24.91 -10.46
CA PHE E 178 17.98 24.79 -11.75
C PHE E 178 18.83 25.32 -12.90
N GLU E 179 19.99 25.88 -12.63
CA GLU E 179 20.81 26.45 -13.69
C GLU E 179 21.26 25.37 -14.65
N PRO E 180 21.07 25.54 -15.95
CA PRO E 180 21.50 24.51 -16.90
C PRO E 180 23.01 24.40 -16.94
N ILE E 181 23.51 23.20 -16.72
CA ILE E 181 24.94 22.89 -16.85
C ILE E 181 25.12 22.11 -18.15
N PRO E 182 26.07 22.48 -19.00
CA PRO E 182 26.24 21.77 -20.26
C PRO E 182 26.52 20.30 -20.04
N ILE E 183 25.86 19.46 -20.84
CA ILE E 183 26.02 18.02 -20.77
C ILE E 183 26.41 17.51 -22.15
N HIS E 184 27.18 16.43 -22.16
CA HIS E 184 27.70 15.84 -23.38
C HIS E 184 27.16 14.42 -23.50
N TYR E 185 26.41 14.15 -24.56
CA TYR E 185 25.86 12.83 -24.79
C TYR E 185 26.86 12.02 -25.60
N CYS E 186 27.44 10.99 -24.99
CA CYS E 186 28.53 10.25 -25.60
C CYS E 186 28.10 8.83 -25.91
N ALA E 187 28.42 8.37 -27.13
CA ALA E 187 28.00 7.07 -27.62
C ALA E 187 28.86 5.97 -27.02
N PRO E 188 28.29 4.80 -26.74
CA PRO E 188 29.09 3.70 -26.18
C PRO E 188 30.06 3.12 -27.19
N ALA E 189 30.82 2.10 -26.79
CA ALA E 189 31.77 1.48 -27.68
C ALA E 189 31.05 0.74 -28.80
N GLY E 190 31.59 0.81 -30.00
CA GLY E 190 30.95 0.25 -31.16
C GLY E 190 29.97 1.16 -31.85
N PHE E 191 29.76 2.36 -31.34
CA PHE E 191 28.92 3.37 -31.94
C PHE E 191 29.75 4.64 -32.17
N ALA E 192 29.29 5.47 -33.10
CA ALA E 192 29.94 6.74 -33.37
C ALA E 192 28.88 7.81 -33.51
N ILE E 193 29.27 9.05 -33.18
CA ILE E 193 28.42 10.20 -33.37
C ILE E 193 28.98 11.00 -34.54
N LEU E 194 28.18 11.12 -35.59
CA LEU E 194 28.59 11.88 -36.78
C LEU E 194 28.05 13.30 -36.66
N LYS E 195 28.93 14.27 -36.85
CA LYS E 195 28.60 15.68 -36.70
C LYS E 195 28.65 16.34 -38.07
N CYS E 196 27.55 16.98 -38.46
CA CYS E 196 27.48 17.66 -39.75
C CYS E 196 28.09 19.05 -39.62
N LYS E 197 29.22 19.27 -40.28
CA LYS E 197 29.94 20.53 -40.20
C LYS E 197 29.55 21.50 -41.31
N ASP E 198 28.53 21.17 -42.11
CA ASP E 198 28.05 22.11 -43.11
C ASP E 198 27.40 23.30 -42.43
N LYS E 199 27.76 24.50 -42.88
CA LYS E 199 27.30 25.73 -42.23
C LYS E 199 25.94 26.19 -42.74
N LYS E 200 25.42 25.62 -43.81
CA LYS E 200 24.10 25.97 -44.32
C LYS E 200 23.18 24.75 -44.34
N PHE E 201 23.39 23.82 -43.41
CA PHE E 201 22.55 22.64 -43.32
C PHE E 201 21.16 23.02 -42.81
N ASN E 202 20.13 22.52 -43.49
CA ASN E 202 18.75 22.80 -43.12
C ASN E 202 18.14 21.66 -42.30
N GLY E 203 18.98 20.79 -41.72
CA GLY E 203 18.52 19.77 -40.82
C GLY E 203 18.16 18.45 -41.47
N THR E 204 17.97 18.42 -42.77
CA THR E 204 17.60 17.21 -43.48
C THR E 204 18.33 17.15 -44.81
N GLY E 205 18.75 15.96 -45.22
CA GLY E 205 19.40 15.78 -46.48
C GLY E 205 20.88 15.46 -46.33
N PRO E 206 21.55 15.21 -47.46
CA PRO E 206 22.96 14.82 -47.40
C PRO E 206 23.83 15.98 -46.93
N CYS E 207 24.68 15.71 -45.94
CA CYS E 207 25.62 16.69 -45.43
C CYS E 207 27.00 16.37 -45.98
N PRO E 208 27.55 17.20 -46.86
CA PRO E 208 28.81 16.83 -47.53
C PRO E 208 30.06 16.99 -46.67
N SER E 209 29.95 17.62 -45.50
CA SER E 209 31.09 17.81 -44.61
C SER E 209 30.73 17.18 -43.27
N VAL E 210 31.17 15.94 -43.07
CA VAL E 210 30.85 15.15 -41.89
C VAL E 210 32.13 14.88 -41.12
N SER E 211 32.05 14.94 -39.80
CA SER E 211 33.17 14.58 -38.94
C SER E 211 32.66 13.67 -37.83
N THR E 212 33.56 12.85 -37.31
CA THR E 212 33.26 11.97 -36.19
C THR E 212 33.80 12.60 -34.92
N VAL E 213 32.92 12.75 -33.93
CA VAL E 213 33.30 13.32 -32.64
C VAL E 213 33.20 12.23 -31.60
N GLN E 214 34.03 12.34 -30.56
CA GLN E 214 33.87 11.46 -29.41
C GLN E 214 32.47 11.58 -28.85
N CYS E 215 32.01 12.81 -28.66
CA CYS E 215 30.61 13.08 -28.33
C CYS E 215 30.34 14.58 -28.41
N THR E 216 29.08 14.92 -28.17
CA THR E 216 28.53 16.22 -28.54
C THR E 216 29.11 17.34 -27.68
N HIS E 217 28.95 18.56 -28.18
CA HIS E 217 29.36 19.74 -27.43
C HIS E 217 28.47 19.91 -26.21
N GLY E 218 28.80 20.90 -25.38
CA GLY E 218 28.00 21.18 -24.21
C GLY E 218 26.62 21.68 -24.58
N ILE E 219 25.61 20.85 -24.36
CA ILE E 219 24.23 21.18 -24.69
C ILE E 219 23.54 21.54 -23.38
N LYS E 220 23.36 22.83 -23.15
CA LYS E 220 22.71 23.28 -21.93
C LYS E 220 21.22 22.98 -22.00
N PRO E 221 20.66 22.24 -21.06
CA PRO E 221 19.21 21.97 -21.07
C PRO E 221 18.41 23.16 -20.58
N VAL E 222 18.41 24.23 -21.38
CA VAL E 222 17.65 25.43 -21.05
C VAL E 222 16.20 25.20 -21.44
N VAL E 223 15.32 25.20 -20.45
CA VAL E 223 13.90 25.04 -20.68
C VAL E 223 13.29 26.41 -20.95
N SER E 224 12.57 26.54 -22.05
CA SER E 224 12.09 27.83 -22.52
C SER E 224 10.89 27.61 -23.41
N THR E 225 10.29 28.70 -23.87
CA THR E 225 9.16 28.65 -24.77
C THR E 225 9.16 29.91 -25.62
N GLN E 226 8.90 29.73 -26.92
CA GLN E 226 8.74 30.82 -27.89
C GLN E 226 10.07 31.50 -28.21
N LEU E 227 11.11 31.17 -27.45
CA LEU E 227 12.43 31.78 -27.62
C LEU E 227 13.45 30.78 -27.12
N LEU E 228 14.47 30.51 -27.92
CA LEU E 228 15.51 29.57 -27.54
C LEU E 228 16.64 30.35 -26.86
N LEU E 229 16.72 30.25 -25.55
CA LEU E 229 17.66 31.04 -24.77
C LEU E 229 18.96 30.28 -24.56
N ASN E 230 20.07 31.03 -24.59
CA ASN E 230 21.38 30.51 -24.24
C ASN E 230 21.76 29.31 -25.11
N GLY E 231 21.35 29.33 -26.36
CA GLY E 231 21.60 28.25 -27.29
C GLY E 231 22.86 28.48 -28.10
N SER E 232 22.93 27.82 -29.24
CA SER E 232 24.05 27.93 -30.17
C SER E 232 23.62 28.74 -31.38
N LEU E 233 24.49 29.64 -31.81
CA LEU E 233 24.19 30.53 -32.92
C LEU E 233 24.62 29.91 -34.24
N ALA E 234 23.96 30.32 -35.32
CA ALA E 234 24.32 29.86 -36.64
C ALA E 234 25.66 30.46 -37.05
N GLU E 235 26.27 29.83 -38.05
CA GLU E 235 27.63 30.21 -38.44
C GLU E 235 27.63 31.40 -39.41
N GLU E 236 26.77 31.36 -40.42
CA GLU E 236 26.79 32.35 -41.49
C GLU E 236 25.56 33.24 -41.51
N GLU E 237 24.36 32.67 -41.54
CA GLU E 237 23.13 33.44 -41.64
C GLU E 237 22.05 32.78 -40.82
N VAL E 238 20.91 33.47 -40.69
CA VAL E 238 19.78 32.92 -39.96
C VAL E 238 19.29 31.67 -40.66
N MET E 239 19.17 30.58 -39.91
CA MET E 239 18.79 29.29 -40.46
C MET E 239 17.34 28.99 -40.08
N ILE E 240 16.51 28.76 -41.09
CA ILE E 240 15.11 28.39 -40.90
C ILE E 240 14.99 26.90 -41.13
N ARG E 241 14.43 26.18 -40.16
CA ARG E 241 14.35 24.72 -40.22
C ARG E 241 12.95 24.28 -39.85
N SER E 242 12.28 23.60 -40.78
CA SER E 242 10.96 23.04 -40.53
C SER E 242 10.89 21.64 -41.12
N GLU E 243 10.08 20.79 -40.51
CA GLU E 243 9.93 19.42 -41.01
C GLU E 243 9.32 19.42 -42.41
N ASN E 244 8.29 20.24 -42.62
CA ASN E 244 7.68 20.42 -43.93
C ASN E 244 7.27 21.89 -43.99
N ILE E 245 8.05 22.70 -44.71
CA ILE E 245 7.86 24.15 -44.69
C ILE E 245 6.50 24.52 -45.25
N THR E 246 5.93 23.69 -46.12
CA THR E 246 4.62 23.96 -46.69
C THR E 246 3.48 23.50 -45.77
N ASN E 247 3.79 22.84 -44.67
CA ASN E 247 2.80 22.41 -43.70
C ASN E 247 2.76 23.41 -42.56
N ASN E 248 1.62 24.04 -42.35
CA ASN E 248 1.51 25.03 -41.28
C ASN E 248 1.51 24.37 -39.89
N ALA E 249 1.02 23.13 -39.81
CA ALA E 249 0.94 22.44 -38.52
C ALA E 249 2.30 22.10 -37.94
N LYS E 250 3.37 22.21 -38.72
CA LYS E 250 4.71 21.94 -38.24
C LYS E 250 5.35 23.22 -37.71
N ASN E 251 5.98 23.12 -36.53
CA ASN E 251 6.69 24.25 -35.97
C ASN E 251 7.91 24.59 -36.81
N ILE E 252 8.26 25.87 -36.84
CA ILE E 252 9.40 26.37 -37.58
C ILE E 252 10.45 26.80 -36.58
N LEU E 253 11.64 26.22 -36.67
CA LEU E 253 12.74 26.54 -35.76
C LEU E 253 13.68 27.52 -36.44
N VAL E 254 13.73 28.74 -35.94
CA VAL E 254 14.63 29.77 -36.43
C VAL E 254 15.89 29.74 -35.57
N GLN E 255 17.04 29.95 -36.19
CA GLN E 255 18.31 30.04 -35.47
C GLN E 255 19.01 31.32 -35.87
N PHE E 256 19.40 32.13 -34.90
CA PHE E 256 20.03 33.41 -35.19
C PHE E 256 21.53 33.22 -35.37
N ASN E 257 22.11 34.04 -36.25
CA ASN E 257 23.56 34.08 -36.38
C ASN E 257 24.20 35.00 -35.37
N THR E 258 23.48 36.00 -34.87
CA THR E 258 23.92 36.88 -33.81
C THR E 258 22.89 36.86 -32.68
N PRO E 259 23.33 36.92 -31.43
CA PRO E 259 22.39 36.83 -30.32
C PRO E 259 21.69 38.14 -30.04
N VAL E 260 20.49 38.04 -29.48
CA VAL E 260 19.72 39.18 -29.04
C VAL E 260 19.58 39.06 -27.53
N GLN E 261 20.41 39.79 -26.79
CA GLN E 261 20.39 39.65 -25.34
C GLN E 261 19.09 40.20 -24.77
N ILE E 262 18.56 39.49 -23.78
CA ILE E 262 17.32 39.87 -23.10
C ILE E 262 17.61 39.96 -21.61
N ASN E 263 17.27 41.11 -21.02
CA ASN E 263 17.58 41.38 -19.61
C ASN E 263 16.34 41.16 -18.76
N CYS E 264 16.37 40.11 -17.96
CA CYS E 264 15.28 39.75 -17.09
C CYS E 264 15.45 40.43 -15.75
N THR E 265 14.34 40.58 -15.02
CA THR E 265 14.45 41.15 -13.69
C THR E 265 13.18 40.84 -12.91
N ARG E 266 13.32 40.79 -11.58
CA ARG E 266 12.21 40.67 -10.64
C ARG E 266 12.48 41.76 -9.61
N PRO E 267 11.95 42.96 -9.82
CA PRO E 267 12.36 44.10 -8.98
C PRO E 267 12.02 43.95 -7.51
N ASN E 268 11.06 43.11 -7.16
CA ASN E 268 10.64 42.96 -5.77
C ASN E 268 11.75 42.37 -4.93
N ASN E 269 11.96 42.93 -3.75
CA ASN E 269 12.95 42.40 -2.80
C ASN E 269 12.24 41.41 -1.88
N ASN E 270 11.94 40.24 -2.42
CA ASN E 270 11.24 39.21 -1.65
C ASN E 270 12.09 38.72 -0.50
N THR E 271 11.43 38.43 0.62
CA THR E 271 12.07 37.86 1.80
C THR E 271 11.56 36.45 1.99
N ARG E 272 12.48 35.49 2.12
CA ARG E 272 12.14 34.10 2.27
C ARG E 272 12.00 33.76 3.76
N LYS E 273 10.88 33.15 4.11
CA LYS E 273 10.56 32.78 5.49
C LYS E 273 10.40 31.27 5.56
N SER E 274 11.02 30.65 6.55
CA SER E 274 10.97 29.20 6.71
C SER E 274 9.90 28.84 7.73
N ILE E 275 8.92 28.05 7.30
CA ILE E 275 7.84 27.58 8.16
C ILE E 275 8.10 26.10 8.46
N ARG E 276 8.22 25.76 9.74
CA ARG E 276 8.46 24.39 10.16
C ARG E 276 7.13 23.66 10.19
N ILE E 277 6.85 22.88 9.15
CA ILE E 277 5.54 22.24 8.97
C ILE E 277 5.53 20.79 9.41
N GLY E 278 6.65 20.26 9.89
CA GLY E 278 6.70 18.89 10.33
C GLY E 278 8.08 18.53 10.81
N PRO E 279 8.24 17.32 11.35
CA PRO E 279 9.57 16.90 11.82
C PRO E 279 10.55 16.74 10.67
N GLY E 280 11.53 17.63 10.60
CA GLY E 280 12.52 17.62 9.56
C GLY E 280 12.10 18.31 8.26
N GLN E 281 10.91 18.90 8.22
CA GLN E 281 10.39 19.51 7.01
C GLN E 281 10.16 21.00 7.24
N ALA E 282 10.60 21.81 6.28
CA ALA E 282 10.38 23.25 6.32
C ALA E 282 9.76 23.69 5.00
N PHE E 283 8.87 24.68 5.10
CA PHE E 283 8.20 25.26 3.94
C PHE E 283 8.63 26.70 3.84
N TYR E 284 9.16 27.09 2.68
CA TYR E 284 9.74 28.41 2.49
C TYR E 284 8.70 29.33 1.88
N ALA E 285 8.30 30.35 2.63
CA ALA E 285 7.21 31.24 2.26
C ALA E 285 7.73 32.66 2.09
N THR E 286 7.09 33.40 1.19
CA THR E 286 7.45 34.80 0.97
C THR E 286 7.05 35.61 2.20
N GLY E 287 8.04 36.16 2.90
CA GLY E 287 7.75 36.94 4.08
C GLY E 287 7.07 38.25 3.75
N ASP E 288 7.83 39.16 3.16
CA ASP E 288 7.35 40.50 2.82
C ASP E 288 8.34 41.12 1.84
N ILE E 289 7.82 41.85 0.86
CA ILE E 289 8.68 42.60 -0.05
C ILE E 289 9.19 43.84 0.66
N ILE E 290 10.50 44.05 0.63
CA ILE E 290 11.12 45.20 1.29
C ILE E 290 11.16 46.31 0.24
N GLY E 291 10.12 47.14 0.23
CA GLY E 291 10.05 48.24 -0.71
C GLY E 291 8.73 48.30 -1.46
N ASP E 292 8.76 48.88 -2.65
CA ASP E 292 7.58 48.99 -3.48
C ASP E 292 7.42 47.75 -4.37
N ILE E 293 6.17 47.42 -4.66
CA ILE E 293 5.84 46.25 -5.47
C ILE E 293 5.89 46.65 -6.93
N ARG E 294 6.81 46.05 -7.68
CA ARG E 294 6.98 46.33 -9.10
C ARG E 294 6.88 45.04 -9.90
N GLN E 295 6.38 45.17 -11.13
CA GLN E 295 6.15 44.01 -11.97
C GLN E 295 7.45 43.52 -12.59
N ALA E 296 7.60 42.20 -12.65
CA ALA E 296 8.73 41.61 -13.35
C ALA E 296 8.63 41.87 -14.84
N HIS E 297 9.76 42.10 -15.49
CA HIS E 297 9.75 42.44 -16.91
C HIS E 297 11.06 42.01 -17.54
N CYS E 298 11.05 41.97 -18.87
CA CYS E 298 12.22 41.68 -19.68
C CYS E 298 12.41 42.79 -20.71
N ASN E 299 13.65 43.17 -20.95
CA ASN E 299 13.99 44.19 -21.91
C ASN E 299 14.73 43.59 -23.08
N VAL E 300 14.24 43.83 -24.28
CA VAL E 300 14.91 43.45 -25.52
C VAL E 300 15.14 44.73 -26.31
N SER E 301 16.37 44.92 -26.78
CA SER E 301 16.68 46.13 -27.54
C SER E 301 15.79 46.22 -28.77
N LYS E 302 15.18 47.39 -28.98
CA LYS E 302 14.26 47.56 -30.09
C LYS E 302 15.00 47.58 -31.41
N ALA E 303 16.17 48.21 -31.46
CA ALA E 303 16.95 48.24 -32.68
C ALA E 303 17.48 46.85 -33.03
N THR E 304 18.00 46.13 -32.05
CA THR E 304 18.55 44.80 -32.31
C THR E 304 17.45 43.82 -32.70
N TRP E 305 16.31 43.86 -32.00
CA TRP E 305 15.23 42.93 -32.33
C TRP E 305 14.66 43.21 -33.71
N ASN E 306 14.46 44.49 -34.05
CA ASN E 306 13.94 44.83 -35.37
C ASN E 306 14.95 44.45 -36.45
N GLU E 307 16.23 44.61 -36.17
CA GLU E 307 17.26 44.17 -37.10
C GLU E 307 17.22 42.66 -37.29
N THR E 308 17.09 41.90 -36.21
CA THR E 308 17.09 40.44 -36.29
C THR E 308 15.86 39.93 -37.03
N LEU E 309 14.69 40.52 -36.77
CA LEU E 309 13.50 40.11 -37.51
C LEU E 309 13.63 40.42 -38.99
N GLY E 310 14.34 41.50 -39.34
CA GLY E 310 14.61 41.76 -40.74
C GLY E 310 15.43 40.67 -41.38
N LYS E 311 16.43 40.16 -40.66
CA LYS E 311 17.20 39.02 -41.14
C LYS E 311 16.34 37.76 -41.21
N VAL E 312 15.49 37.55 -40.20
CA VAL E 312 14.62 36.38 -40.19
C VAL E 312 13.68 36.41 -41.40
N VAL E 313 13.12 37.58 -41.70
CA VAL E 313 12.18 37.70 -42.81
C VAL E 313 12.89 37.45 -44.13
N LYS E 314 14.14 37.90 -44.26
CA LYS E 314 14.87 37.72 -45.51
C LYS E 314 14.99 36.24 -45.87
N GLN E 315 15.43 35.43 -44.91
CA GLN E 315 15.50 33.98 -45.13
C GLN E 315 14.16 33.31 -44.98
N LEU E 316 13.15 34.01 -44.47
CA LEU E 316 11.80 33.47 -44.44
C LEU E 316 11.07 33.70 -45.76
N ARG E 317 11.59 34.56 -46.62
CA ARG E 317 11.02 34.76 -47.95
C ARG E 317 11.50 33.74 -48.97
N LYS E 318 12.58 33.01 -48.66
CA LYS E 318 13.11 32.02 -49.59
C LYS E 318 12.20 30.81 -49.74
N HIS E 319 11.25 30.63 -48.82
CA HIS E 319 10.30 29.53 -48.88
C HIS E 319 8.88 29.97 -49.19
N PHE E 320 8.62 31.28 -49.22
CA PHE E 320 7.29 31.79 -49.49
C PHE E 320 7.22 32.83 -50.60
N GLY E 321 8.36 33.29 -51.12
CA GLY E 321 8.37 34.22 -52.22
C GLY E 321 8.83 35.60 -51.80
N ASN E 322 9.32 36.37 -52.78
CA ASN E 322 9.83 37.70 -52.51
C ASN E 322 8.71 38.72 -52.31
N ASN E 323 7.56 38.52 -52.93
CA ASN E 323 6.43 39.44 -52.80
C ASN E 323 5.49 39.07 -51.67
N THR E 324 5.78 38.01 -50.92
CA THR E 324 4.91 37.59 -49.83
C THR E 324 5.00 38.56 -48.67
N ILE E 325 3.84 38.92 -48.11
CA ILE E 325 3.79 39.81 -46.96
C ILE E 325 3.97 38.98 -45.70
N ILE E 326 5.03 39.25 -44.95
CA ILE E 326 5.35 38.51 -43.74
C ILE E 326 4.82 39.28 -42.55
N ARG E 327 3.89 38.67 -41.81
CA ARG E 327 3.27 39.29 -40.65
C ARG E 327 3.60 38.48 -39.41
N PHE E 328 4.00 39.18 -38.34
CA PHE E 328 4.28 38.55 -37.05
C PHE E 328 3.16 38.94 -36.09
N ALA E 329 2.48 37.94 -35.55
CA ALA E 329 1.43 38.14 -34.58
C ALA E 329 1.80 37.44 -33.28
N ASN E 330 1.05 37.71 -32.22
CA ASN E 330 1.32 37.08 -30.94
C ASN E 330 0.59 35.76 -30.83
N SER E 331 0.88 35.02 -29.76
CA SER E 331 0.49 33.63 -29.66
C SER E 331 -1.02 33.46 -29.79
N SER E 332 -1.44 32.42 -30.51
CA SER E 332 -2.84 32.23 -30.82
C SER E 332 -3.67 32.00 -29.56
N GLY E 333 -3.18 31.20 -28.65
CA GLY E 333 -3.91 30.93 -27.42
C GLY E 333 -3.54 29.57 -26.86
N GLY E 334 -4.08 29.30 -25.67
CA GLY E 334 -3.82 28.05 -24.99
C GLY E 334 -3.40 28.24 -23.54
N ASP E 335 -2.52 27.36 -23.05
CA ASP E 335 -2.03 27.46 -21.69
C ASP E 335 -1.12 28.67 -21.54
N LEU E 336 -0.91 29.08 -20.28
CA LEU E 336 0.02 30.17 -20.01
C LEU E 336 1.45 29.78 -20.35
N GLU E 337 1.78 28.49 -20.30
CA GLU E 337 3.12 28.04 -20.66
C GLU E 337 3.36 28.14 -22.15
N VAL E 338 2.31 28.07 -22.96
CA VAL E 338 2.47 28.11 -24.41
C VAL E 338 2.14 29.47 -25.02
N THR E 339 1.34 30.30 -24.33
CA THR E 339 1.05 31.64 -24.80
C THR E 339 2.10 32.65 -24.36
N THR E 340 3.00 32.28 -23.46
CA THR E 340 3.98 33.20 -22.91
C THR E 340 5.38 32.61 -23.08
N HIS E 341 6.37 33.49 -23.05
CA HIS E 341 7.78 33.07 -23.07
C HIS E 341 8.11 32.51 -21.69
N SER E 342 7.63 31.29 -21.45
CA SER E 342 7.93 30.62 -20.19
C SER E 342 9.41 30.29 -20.12
N PHE E 343 10.04 30.67 -19.02
CA PHE E 343 11.42 30.31 -18.79
C PHE E 343 11.70 30.38 -17.30
N ASN E 344 12.95 30.16 -16.93
CA ASN E 344 13.37 30.09 -15.54
C ASN E 344 14.81 30.55 -15.45
N CYS E 345 15.06 31.54 -14.60
CA CYS E 345 16.43 31.89 -14.28
C CYS E 345 16.46 32.68 -12.98
N GLY E 346 17.43 32.35 -12.14
CA GLY E 346 17.45 32.81 -10.77
C GLY E 346 16.68 31.93 -9.82
N GLY E 347 16.04 30.88 -10.30
CA GLY E 347 15.20 30.02 -9.51
C GLY E 347 13.72 30.33 -9.59
N GLU E 348 13.36 31.54 -10.01
CA GLU E 348 11.97 31.92 -10.22
C GLU E 348 11.59 31.71 -11.67
N PHE E 349 10.34 31.31 -11.87
CA PHE E 349 9.85 30.93 -13.19
C PHE E 349 9.02 32.07 -13.76
N PHE E 350 9.56 32.75 -14.77
CA PHE E 350 8.89 33.86 -15.43
C PHE E 350 7.99 33.34 -16.54
N TYR E 351 6.91 34.08 -16.80
CA TYR E 351 6.01 33.80 -17.91
C TYR E 351 5.78 35.13 -18.63
N CYS E 352 6.70 35.47 -19.53
CA CYS E 352 6.72 36.80 -20.12
C CYS E 352 5.80 36.91 -21.32
N ASN E 353 5.29 38.11 -21.54
CA ASN E 353 4.31 38.39 -22.58
C ASN E 353 5.05 38.97 -23.78
N THR E 354 5.25 38.15 -24.80
CA THR E 354 6.02 38.53 -25.98
C THR E 354 5.16 39.12 -27.09
N SER E 355 3.99 39.68 -26.75
CA SER E 355 3.20 40.35 -27.77
C SER E 355 3.85 41.63 -28.26
N GLY E 356 4.86 42.13 -27.57
CA GLY E 356 5.63 43.27 -28.05
C GLY E 356 6.78 42.93 -28.95
N LEU E 357 7.21 41.67 -28.95
CA LEU E 357 8.26 41.22 -29.85
C LEU E 357 7.71 40.82 -31.21
N PHE E 358 6.53 40.22 -31.24
CA PHE E 358 5.89 39.81 -32.50
C PHE E 358 4.69 40.72 -32.72
N ASN E 359 4.95 41.89 -33.28
CA ASN E 359 3.88 42.80 -33.69
C ASN E 359 4.47 43.68 -34.79
N SER E 360 4.30 43.27 -36.04
CA SER E 360 4.85 43.99 -37.18
C SER E 360 4.38 43.31 -38.45
N THR E 361 4.45 44.06 -39.55
CA THR E 361 4.15 43.55 -40.88
C THR E 361 5.26 43.99 -41.82
N TRP E 362 5.77 43.05 -42.61
CA TRP E 362 6.91 43.29 -43.48
C TRP E 362 6.47 43.21 -44.94
N ILE E 363 6.82 44.22 -45.72
CA ILE E 363 6.45 44.30 -47.13
C ILE E 363 7.72 44.43 -47.96
N SER E 364 7.61 44.03 -49.22
CA SER E 364 8.75 44.10 -50.14
C SER E 364 9.10 45.55 -50.47
N ASN E 377 19.01 52.62 -28.54
CA ASN E 377 18.81 53.19 -27.21
C ASN E 377 17.46 52.79 -26.62
N ASP E 378 16.42 52.81 -27.44
CA ASP E 378 15.10 52.41 -26.99
C ASP E 378 15.07 50.90 -26.75
N SER E 379 14.13 50.47 -25.91
CA SER E 379 14.03 49.07 -25.51
C SER E 379 12.58 48.63 -25.51
N ILE E 380 12.36 47.33 -25.71
CA ILE E 380 11.04 46.73 -25.66
C ILE E 380 10.90 46.03 -24.32
N THR E 381 9.89 46.42 -23.53
CA THR E 381 9.67 45.85 -22.22
C THR E 381 8.55 44.82 -22.29
N LEU E 382 8.84 43.61 -21.82
CA LEU E 382 7.87 42.53 -21.83
C LEU E 382 7.37 42.29 -20.41
N PRO E 383 6.11 42.61 -20.10
CA PRO E 383 5.61 42.38 -18.74
C PRO E 383 5.48 40.89 -18.45
N CYS E 384 6.25 40.41 -17.47
CA CYS E 384 6.25 39.01 -17.09
C CYS E 384 5.43 38.80 -15.82
N ARG E 385 5.04 37.55 -15.61
CA ARG E 385 4.33 37.15 -14.40
C ARG E 385 5.04 35.97 -13.78
N ILE E 386 5.18 36.00 -12.46
CA ILE E 386 5.88 34.96 -11.73
C ILE E 386 4.85 33.95 -11.24
N LYS E 387 5.24 32.68 -11.23
CA LYS E 387 4.39 31.61 -10.73
C LYS E 387 5.25 30.69 -9.88
N GLN E 388 4.64 30.04 -8.88
CA GLN E 388 5.38 29.22 -7.95
C GLN E 388 5.04 27.73 -8.04
N ILE E 389 3.78 27.37 -8.21
CA ILE E 389 3.43 25.98 -8.50
C ILE E 389 3.66 25.74 -9.99
N ILE E 390 4.69 24.97 -10.31
CA ILE E 390 5.19 24.82 -11.67
C ILE E 390 4.97 23.38 -12.11
N ASN E 391 4.24 23.19 -13.20
CA ASN E 391 4.19 21.93 -13.92
C ASN E 391 4.62 22.15 -15.37
N MET E 392 5.84 21.71 -15.69
CA MET E 392 6.53 22.16 -16.89
C MET E 392 6.68 21.11 -17.98
N TRP E 393 6.73 19.83 -17.63
CA TRP E 393 6.79 18.78 -18.64
C TRP E 393 5.41 18.39 -19.14
N GLN E 394 4.41 19.26 -18.95
CA GLN E 394 3.05 19.03 -19.44
C GLN E 394 2.45 17.75 -18.87
N ARG E 395 2.79 17.45 -17.62
CA ARG E 395 2.30 16.27 -16.93
C ARG E 395 1.35 16.71 -15.82
N ILE E 396 0.06 16.51 -16.02
CA ILE E 396 -0.91 16.82 -14.97
C ILE E 396 -0.77 15.81 -13.85
N GLY E 397 -0.61 16.30 -12.63
CA GLY E 397 -0.38 15.45 -11.47
C GLY E 397 0.99 15.58 -10.85
N GLN E 398 1.88 16.37 -11.46
CA GLN E 398 3.22 16.61 -10.91
C GLN E 398 3.40 18.10 -10.78
N CYS E 399 3.52 18.60 -9.55
CA CYS E 399 3.82 20.00 -9.31
C CYS E 399 5.31 20.19 -9.10
N MET E 400 5.66 21.42 -8.77
CA MET E 400 6.89 21.73 -8.06
C MET E 400 6.72 23.13 -7.50
N TYR E 401 6.72 23.27 -6.19
CA TYR E 401 6.63 24.60 -5.58
C TYR E 401 8.01 25.21 -5.55
N ALA E 402 8.23 26.24 -6.36
CA ALA E 402 9.52 26.91 -6.36
C ALA E 402 9.58 27.87 -5.17
N PRO E 403 10.50 27.68 -4.23
CA PRO E 403 10.54 28.56 -3.07
C PRO E 403 10.94 29.96 -3.49
N PRO E 404 10.56 30.98 -2.71
CA PRO E 404 10.96 32.34 -3.05
C PRO E 404 12.47 32.50 -3.00
N ILE E 405 12.99 33.36 -3.86
CA ILE E 405 14.40 33.66 -3.90
C ILE E 405 14.64 34.95 -3.15
N GLN E 406 15.53 34.91 -2.17
CA GLN E 406 15.84 36.10 -1.39
C GLN E 406 16.51 37.15 -2.27
N GLY E 407 16.16 38.41 -2.03
CA GLY E 407 16.81 39.51 -2.74
C GLY E 407 16.12 39.84 -4.05
N VAL E 408 16.89 40.51 -4.91
CA VAL E 408 16.42 40.96 -6.21
C VAL E 408 17.09 40.11 -7.28
N ILE E 409 16.31 39.67 -8.26
CA ILE E 409 16.79 38.82 -9.33
C ILE E 409 17.00 39.65 -10.59
N ARG E 410 18.21 39.60 -11.13
CA ARG E 410 18.52 40.11 -12.45
C ARG E 410 19.09 38.96 -13.28
N CYS E 411 18.90 39.03 -14.58
CA CYS E 411 19.18 37.89 -15.43
C CYS E 411 19.40 38.38 -16.86
N VAL E 412 20.49 37.93 -17.48
CA VAL E 412 20.84 38.32 -18.84
C VAL E 412 21.05 37.06 -19.65
N SER E 413 20.19 36.83 -20.64
CA SER E 413 20.26 35.65 -21.49
C SER E 413 20.57 36.06 -22.92
N ASN E 414 20.53 35.07 -23.81
CA ASN E 414 20.73 35.27 -25.24
C ASN E 414 19.55 34.65 -25.97
N ILE E 415 18.81 35.45 -26.74
CA ILE E 415 17.79 34.89 -27.61
C ILE E 415 18.50 34.40 -28.86
N THR E 416 18.75 33.09 -28.94
CA THR E 416 19.48 32.50 -30.05
C THR E 416 18.59 31.68 -30.96
N GLY E 417 17.29 31.97 -30.99
CA GLY E 417 16.40 31.22 -31.85
C GLY E 417 14.96 31.54 -31.54
N LEU E 418 14.09 30.97 -32.37
CA LEU E 418 12.65 31.14 -32.26
C LEU E 418 11.98 29.81 -32.55
N ILE E 419 10.77 29.65 -32.04
CA ILE E 419 9.91 28.53 -32.42
C ILE E 419 8.64 29.16 -32.96
N LEU E 420 8.52 29.24 -34.28
CA LEU E 420 7.41 29.92 -34.92
C LEU E 420 6.40 28.91 -35.44
N THR E 421 5.16 29.38 -35.58
CA THR E 421 4.08 28.60 -36.17
C THR E 421 3.34 29.48 -37.15
N ARG E 422 3.02 28.94 -38.31
CA ARG E 422 2.39 29.69 -39.39
C ARG E 422 0.88 29.45 -39.40
N ASP E 423 0.13 30.52 -39.65
CA ASP E 423 -1.32 30.40 -39.76
C ASP E 423 -1.70 29.78 -41.09
N GLY E 424 -2.89 29.17 -41.11
CA GLY E 424 -3.40 28.54 -42.32
C GLY E 424 -3.62 29.49 -43.48
N SER E 429 -3.88 33.76 -50.74
CA SER E 429 -3.48 35.00 -50.10
C SER E 429 -1.99 35.24 -50.23
N THR E 430 -1.57 36.50 -50.23
CA THR E 430 -0.18 36.88 -50.33
C THR E 430 0.42 37.28 -48.99
N THR E 431 -0.28 37.02 -47.89
CA THR E 431 0.18 37.37 -46.56
C THR E 431 0.32 36.11 -45.72
N GLU E 432 1.49 35.92 -45.12
CA GLU E 432 1.75 34.82 -44.20
C GLU E 432 1.92 35.38 -42.80
N THR E 433 1.19 34.80 -41.85
CA THR E 433 1.24 35.22 -40.45
C THR E 433 1.96 34.15 -39.64
N PHE E 434 3.00 34.55 -38.94
CA PHE E 434 3.80 33.65 -38.11
C PHE E 434 3.62 34.02 -36.64
N ARG E 435 3.24 33.03 -35.83
CA ARG E 435 3.05 33.26 -34.42
C ARG E 435 4.02 32.39 -33.62
N PRO E 436 4.53 32.89 -32.50
CA PRO E 436 5.43 32.08 -31.68
C PRO E 436 4.74 30.82 -31.19
N GLY E 437 5.51 29.73 -31.13
CA GLY E 437 4.97 28.46 -30.69
C GLY E 437 5.70 27.94 -29.47
N GLY E 438 5.56 26.65 -29.19
CA GLY E 438 6.24 26.08 -28.05
C GLY E 438 5.46 24.98 -27.37
N GLY E 439 5.67 24.80 -26.08
CA GLY E 439 5.02 23.73 -25.35
C GLY E 439 5.79 22.43 -25.42
N ASP E 440 5.87 21.85 -26.63
CA ASP E 440 6.64 20.65 -26.84
C ASP E 440 8.12 20.95 -26.62
N MET E 441 8.68 20.40 -25.54
CA MET E 441 10.03 20.76 -25.15
C MET E 441 11.08 20.14 -26.07
N ARG E 442 10.70 19.14 -26.87
CA ARG E 442 11.66 18.50 -27.76
C ARG E 442 12.12 19.42 -28.89
N ASP E 443 11.35 20.46 -29.20
CA ASP E 443 11.82 21.41 -30.21
C ASP E 443 12.92 22.30 -29.66
N ASN E 444 12.98 22.49 -28.34
CA ASN E 444 14.08 23.25 -27.75
C ASN E 444 15.40 22.52 -27.88
N TRP E 445 15.39 21.19 -27.82
CA TRP E 445 16.60 20.40 -27.92
C TRP E 445 16.86 19.88 -29.32
N ARG E 446 15.85 19.86 -30.18
CA ARG E 446 16.08 19.63 -31.61
C ARG E 446 16.92 20.71 -32.23
N SER E 447 16.95 21.90 -31.63
CA SER E 447 17.75 23.01 -32.11
C SER E 447 19.21 22.91 -31.68
N GLU E 448 19.55 21.95 -30.83
CA GLU E 448 20.93 21.71 -30.41
C GLU E 448 21.51 20.42 -30.96
N LEU E 449 20.66 19.40 -31.17
CA LEU E 449 21.09 18.10 -31.67
C LEU E 449 20.76 17.91 -33.14
N TYR E 450 20.60 18.99 -33.89
CA TYR E 450 20.26 18.86 -35.31
C TYR E 450 21.45 18.37 -36.13
N LYS E 451 22.67 18.69 -35.71
CA LYS E 451 23.87 18.37 -36.47
C LYS E 451 24.47 17.02 -36.09
N TYR E 452 23.90 16.32 -35.11
CA TYR E 452 24.48 15.09 -34.61
C TYR E 452 23.68 13.88 -35.08
N LYS E 453 24.36 12.74 -35.13
CA LYS E 453 23.78 11.51 -35.64
C LYS E 453 24.53 10.35 -35.03
N VAL E 454 23.80 9.33 -34.57
CA VAL E 454 24.40 8.15 -33.97
C VAL E 454 24.37 7.02 -34.98
N VAL E 455 25.53 6.41 -35.22
CA VAL E 455 25.67 5.31 -36.15
C VAL E 455 26.33 4.15 -35.44
N LYS E 456 26.06 2.94 -35.92
CA LYS E 456 26.63 1.72 -35.37
C LYS E 456 27.67 1.17 -36.34
N ILE E 457 28.89 0.98 -35.85
CA ILE E 457 29.97 0.51 -36.69
C ILE E 457 29.80 -0.98 -36.98
N GLU E 458 29.79 -1.33 -38.27
CA GLU E 458 29.66 -2.71 -38.72
C GLU E 458 31.01 -3.14 -39.30
N PRO E 459 31.93 -3.64 -38.47
CA PRO E 459 33.33 -3.77 -38.90
C PRO E 459 33.65 -5.04 -39.66
N LEU E 460 32.69 -5.94 -39.87
CA LEU E 460 32.93 -7.22 -40.51
C LEU E 460 32.52 -7.12 -41.97
N GLY E 461 33.50 -7.02 -42.85
CA GLY E 461 33.23 -6.88 -44.27
C GLY E 461 33.98 -7.93 -45.08
N VAL E 462 33.33 -8.34 -46.16
CA VAL E 462 33.85 -9.39 -47.04
C VAL E 462 33.98 -8.83 -48.45
N ALA E 463 35.13 -9.07 -49.07
CA ALA E 463 35.42 -8.54 -50.40
C ALA E 463 36.25 -9.54 -51.18
N PRO E 464 36.12 -9.55 -52.50
CA PRO E 464 36.91 -10.50 -53.30
C PRO E 464 38.38 -10.12 -53.34
N THR E 465 39.23 -11.14 -53.43
CA THR E 465 40.67 -10.95 -53.50
C THR E 465 41.27 -12.20 -54.13
N ARG E 466 42.47 -12.06 -54.68
CA ARG E 466 43.19 -13.19 -55.26
C ARG E 466 43.76 -14.14 -54.21
N CYS E 467 43.51 -13.90 -52.92
CA CYS E 467 43.93 -14.83 -51.88
C CYS E 467 43.31 -16.21 -52.07
N LYS E 468 43.97 -17.21 -51.50
CA LYS E 468 43.39 -18.53 -51.33
C LYS E 468 44.04 -19.16 -50.10
N ARG E 469 43.23 -19.50 -49.11
CA ARG E 469 43.75 -20.08 -47.88
C ARG E 469 44.48 -21.37 -48.18
N ARG E 470 45.68 -21.51 -47.62
CA ARG E 470 46.49 -22.70 -47.83
C ARG E 470 46.16 -23.78 -46.80
N PHE F 11 48.61 8.81 -39.87
CA PHE F 11 47.53 8.46 -38.95
C PHE F 11 46.32 9.37 -39.17
N LEU F 12 45.17 8.75 -39.47
CA LEU F 12 43.95 9.48 -39.75
C LEU F 12 43.01 9.56 -38.54
N GLY F 13 42.95 8.51 -37.74
CA GLY F 13 42.06 8.45 -36.59
C GLY F 13 40.91 7.48 -36.82
N PHE F 14 40.05 7.41 -35.81
CA PHE F 14 38.90 6.52 -35.86
C PHE F 14 37.98 6.92 -37.01
N LEU F 15 37.61 5.94 -37.84
CA LEU F 15 36.80 6.16 -39.04
C LEU F 15 37.42 7.18 -39.99
N GLY F 16 38.71 7.45 -39.87
CA GLY F 16 39.34 8.45 -40.71
C GLY F 16 39.33 8.08 -42.18
N ALA F 17 39.45 6.79 -42.48
CA ALA F 17 39.44 6.31 -43.86
C ALA F 17 38.07 5.86 -44.31
N ALA F 18 37.00 6.42 -43.74
CA ALA F 18 35.65 6.07 -44.16
C ALA F 18 35.40 6.47 -45.60
N GLY F 19 35.89 7.65 -45.99
CA GLY F 19 35.80 8.09 -47.36
C GLY F 19 36.92 7.64 -48.27
N SER F 20 37.94 6.99 -47.72
CA SER F 20 39.05 6.51 -48.51
C SER F 20 38.66 5.24 -49.28
N THR F 21 39.49 4.91 -50.27
CA THR F 21 39.24 3.72 -51.07
C THR F 21 39.41 2.46 -50.24
N MET F 22 38.83 1.37 -50.74
CA MET F 22 38.87 0.11 -50.01
C MET F 22 40.31 -0.36 -49.80
N GLY F 23 41.17 -0.17 -50.81
CA GLY F 23 42.56 -0.54 -50.65
C GLY F 23 43.27 0.28 -49.59
N ALA F 24 43.01 1.59 -49.56
CA ALA F 24 43.65 2.47 -48.59
C ALA F 24 43.04 2.33 -47.20
N ALA F 25 41.74 2.05 -47.11
CA ALA F 25 41.09 1.91 -45.82
C ALA F 25 41.39 0.57 -45.15
N SER F 26 41.97 -0.37 -45.88
CA SER F 26 42.31 -1.68 -45.32
C SER F 26 43.64 -1.68 -44.58
N MET F 27 44.40 -0.59 -44.65
CA MET F 27 45.62 -0.44 -43.86
C MET F 27 45.36 0.18 -42.50
N THR F 28 44.13 0.59 -42.22
CA THR F 28 43.77 1.19 -40.95
C THR F 28 42.67 0.39 -40.25
N LEU F 29 42.67 -0.93 -40.41
CA LEU F 29 41.65 -1.74 -39.76
C LEU F 29 41.85 -1.78 -38.25
N THR F 30 43.10 -1.65 -37.78
CA THR F 30 43.34 -1.67 -36.34
C THR F 30 42.72 -0.47 -35.65
N VAL F 31 42.68 0.67 -36.32
CA VAL F 31 42.14 1.88 -35.72
C VAL F 31 40.67 1.71 -35.38
N GLN F 32 39.90 1.14 -36.30
CA GLN F 32 38.49 0.88 -36.02
C GLN F 32 38.30 -0.33 -35.11
N ALA F 33 39.21 -1.30 -35.17
CA ALA F 33 39.04 -2.53 -34.39
C ALA F 33 39.19 -2.25 -32.90
N ARG F 34 40.16 -1.43 -32.51
CA ARG F 34 40.41 -1.18 -31.10
C ARG F 34 39.38 -0.28 -30.45
N ASN F 35 38.51 0.37 -31.22
CA ASN F 35 37.49 1.26 -30.68
C ASN F 35 36.13 0.59 -30.60
N LEU F 36 36.05 -0.72 -30.79
CA LEU F 36 34.78 -1.45 -30.72
C LEU F 36 34.57 -2.10 -29.37
N LEU F 37 35.47 -1.88 -28.42
CA LEU F 37 35.40 -2.56 -27.13
C LEU F 37 35.32 -1.60 -25.96
N SER F 38 36.05 -0.49 -26.00
CA SER F 38 35.95 0.54 -24.98
C SER F 38 36.55 1.85 -25.47
N VAL F 62 19.72 7.46 -13.68
CA VAL F 62 19.66 7.88 -15.08
C VAL F 62 20.99 7.58 -15.75
N TRP F 63 22.07 7.75 -15.01
CA TRP F 63 23.41 7.42 -15.49
C TRP F 63 23.98 6.19 -14.77
N GLY F 64 23.09 5.26 -14.41
CA GLY F 64 23.48 4.06 -13.70
C GLY F 64 23.38 2.82 -14.56
N ILE F 65 22.26 2.10 -14.42
CA ILE F 65 22.03 0.90 -15.23
C ILE F 65 22.06 1.22 -16.71
N LYS F 66 21.62 2.43 -17.09
CA LYS F 66 21.68 2.82 -18.49
C LYS F 66 23.12 2.81 -19.01
N GLN F 67 24.05 3.34 -18.22
CA GLN F 67 25.45 3.31 -18.63
C GLN F 67 26.04 1.91 -18.50
N LEU F 68 25.53 1.12 -17.56
CA LEU F 68 26.07 -0.23 -17.36
C LEU F 68 25.62 -1.17 -18.47
N GLN F 69 24.36 -1.08 -18.90
CA GLN F 69 23.89 -1.94 -19.99
C GLN F 69 24.41 -1.51 -21.35
N ALA F 70 24.98 -0.30 -21.45
CA ALA F 70 25.67 0.07 -22.68
C ALA F 70 27.02 -0.64 -22.80
N ARG F 71 27.68 -0.90 -21.67
CA ARG F 71 28.93 -1.64 -21.70
C ARG F 71 28.71 -3.12 -22.01
N VAL F 72 27.65 -3.71 -21.44
CA VAL F 72 27.37 -5.12 -21.71
C VAL F 72 26.97 -5.31 -23.17
N LEU F 73 26.26 -4.34 -23.76
CA LEU F 73 25.93 -4.44 -25.17
C LEU F 73 27.16 -4.34 -26.04
N ALA F 74 28.13 -3.52 -25.66
CA ALA F 74 29.37 -3.41 -26.43
C ALA F 74 30.15 -4.71 -26.40
N VAL F 75 30.17 -5.39 -25.26
CA VAL F 75 30.88 -6.66 -25.16
C VAL F 75 30.18 -7.74 -25.98
N GLU F 76 28.86 -7.82 -25.88
CA GLU F 76 28.12 -8.83 -26.61
C GLU F 76 28.23 -8.63 -28.11
N ARG F 77 28.16 -7.38 -28.57
CA ARG F 77 28.31 -7.10 -30.00
C ARG F 77 29.71 -7.46 -30.47
N TYR F 78 30.72 -7.19 -29.64
CA TYR F 78 32.09 -7.52 -30.00
C TYR F 78 32.31 -9.03 -29.99
N LEU F 79 31.74 -9.73 -29.01
CA LEU F 79 31.99 -11.16 -28.88
C LEU F 79 31.32 -11.96 -29.98
N ARG F 80 30.16 -11.51 -30.47
CA ARG F 80 29.51 -12.23 -31.55
C ARG F 80 30.19 -11.99 -32.89
N ASP F 81 30.93 -10.90 -33.03
CA ASP F 81 31.74 -10.68 -34.22
C ASP F 81 33.02 -11.50 -34.18
N GLN F 82 33.62 -11.63 -33.00
CA GLN F 82 34.80 -12.49 -32.86
C GLN F 82 34.44 -13.96 -32.97
N GLN F 83 33.23 -14.34 -32.56
CA GLN F 83 32.77 -15.71 -32.73
C GLN F 83 32.64 -16.07 -34.20
N LEU F 84 32.12 -15.14 -35.01
CA LEU F 84 31.98 -15.40 -36.44
C LEU F 84 33.33 -15.62 -37.09
N LEU F 85 34.33 -14.82 -36.72
CA LEU F 85 35.66 -15.00 -37.29
C LEU F 85 36.23 -16.36 -36.92
N GLY F 86 36.04 -16.79 -35.68
CA GLY F 86 36.55 -18.10 -35.27
C GLY F 86 35.85 -19.24 -35.98
N ILE F 87 34.55 -19.10 -36.23
CA ILE F 87 33.82 -20.13 -36.96
C ILE F 87 34.30 -20.22 -38.40
N TRP F 88 34.67 -19.09 -39.00
CA TRP F 88 35.20 -19.09 -40.36
C TRP F 88 36.70 -19.37 -40.41
N GLY F 89 37.33 -19.64 -39.28
CA GLY F 89 38.76 -19.89 -39.26
C GLY F 89 39.61 -18.65 -39.31
N CYS F 90 39.04 -17.50 -38.98
CA CYS F 90 39.73 -16.21 -39.06
C CYS F 90 39.98 -15.62 -37.67
N SER F 91 40.05 -16.46 -36.65
CA SER F 91 40.24 -15.97 -35.29
C SER F 91 41.63 -15.37 -35.13
N GLY F 92 41.68 -14.20 -34.49
CA GLY F 92 42.95 -13.55 -34.27
C GLY F 92 43.56 -12.90 -35.49
N LYS F 93 42.76 -12.63 -36.52
CA LYS F 93 43.26 -12.03 -37.75
C LYS F 93 42.35 -10.87 -38.14
N LEU F 94 42.95 -9.87 -38.78
CA LEU F 94 42.22 -8.72 -39.31
C LEU F 94 41.93 -8.83 -40.79
N ILE F 95 42.86 -9.42 -41.55
CA ILE F 95 42.66 -9.74 -42.96
C ILE F 95 42.80 -11.24 -43.11
N CYS F 96 41.71 -11.91 -43.47
CA CYS F 96 41.65 -13.37 -43.51
C CYS F 96 41.26 -13.84 -44.90
N CYS F 97 42.24 -14.25 -45.68
CA CYS F 97 41.96 -14.85 -46.98
C CYS F 97 41.39 -16.25 -46.78
N THR F 98 40.29 -16.53 -47.45
CA THR F 98 39.53 -17.77 -47.27
C THR F 98 39.53 -18.58 -48.56
N ASN F 99 38.79 -19.69 -48.53
CA ASN F 99 38.72 -20.62 -49.64
C ASN F 99 37.46 -20.48 -50.48
N VAL F 100 36.45 -19.75 -50.00
CA VAL F 100 35.19 -19.62 -50.72
C VAL F 100 35.41 -18.78 -51.97
N PRO F 101 35.16 -19.31 -53.16
CA PRO F 101 35.32 -18.50 -54.37
C PRO F 101 34.28 -17.41 -54.45
N TRP F 102 34.61 -16.34 -55.15
CA TRP F 102 33.71 -15.20 -55.29
C TRP F 102 32.75 -15.47 -56.44
N ASN F 103 31.52 -15.80 -56.10
CA ASN F 103 30.45 -15.90 -57.10
C ASN F 103 30.29 -14.56 -57.81
N SER F 104 30.43 -14.57 -59.13
CA SER F 104 30.34 -13.34 -59.90
C SER F 104 28.97 -12.69 -59.80
N SER F 105 27.95 -13.45 -59.40
CA SER F 105 26.63 -12.89 -59.19
C SER F 105 26.64 -11.82 -58.10
N TRP F 106 27.46 -12.02 -57.07
CA TRP F 106 27.51 -11.06 -55.97
C TRP F 106 27.99 -9.69 -56.45
N SER F 107 29.05 -9.67 -57.25
CA SER F 107 29.61 -8.42 -57.76
C SER F 107 30.47 -8.73 -58.97
N ASN F 108 30.09 -8.21 -60.13
CA ASN F 108 30.83 -8.45 -61.36
C ASN F 108 31.98 -7.47 -61.59
N ARG F 109 32.19 -6.53 -60.68
CA ARG F 109 33.27 -5.57 -60.81
C ARG F 109 34.62 -6.27 -60.70
N ASN F 110 35.62 -5.69 -61.36
CA ASN F 110 36.97 -6.21 -61.27
C ASN F 110 37.68 -5.64 -60.04
N LEU F 111 38.87 -6.19 -59.75
CA LEU F 111 39.62 -5.76 -58.57
C LEU F 111 40.07 -4.31 -58.68
N SER F 112 40.38 -3.84 -59.89
CA SER F 112 40.92 -2.49 -60.04
C SER F 112 39.90 -1.45 -59.58
N GLU F 113 38.64 -1.62 -59.92
CA GLU F 113 37.61 -0.64 -59.61
C GLU F 113 36.90 -0.91 -58.30
N ILE F 114 37.36 -1.89 -57.52
CA ILE F 114 36.84 -2.14 -56.18
C ILE F 114 37.81 -1.63 -55.11
N TRP F 115 39.10 -1.92 -55.27
CA TRP F 115 40.09 -1.56 -54.27
C TRP F 115 40.73 -0.21 -54.54
N ASP F 116 40.37 0.46 -55.63
CA ASP F 116 40.93 1.76 -55.97
C ASP F 116 39.89 2.78 -56.37
N ASN F 117 38.62 2.40 -56.51
CA ASN F 117 37.56 3.33 -56.88
C ASN F 117 36.39 3.36 -55.92
N MET F 118 36.24 2.37 -55.05
CA MET F 118 35.11 2.32 -54.14
C MET F 118 35.57 2.43 -52.70
N THR F 119 34.70 2.97 -51.86
CA THR F 119 34.91 3.01 -50.42
C THR F 119 34.10 1.90 -49.76
N TRP F 120 34.46 1.60 -48.51
CA TRP F 120 33.84 0.48 -47.83
C TRP F 120 32.35 0.69 -47.59
N LEU F 121 31.93 1.95 -47.40
CA LEU F 121 30.51 2.22 -47.25
C LEU F 121 29.75 1.97 -48.55
N GLN F 122 30.33 2.35 -49.68
CA GLN F 122 29.72 2.05 -50.97
C GLN F 122 29.69 0.54 -51.22
N TRP F 123 30.77 -0.16 -50.88
CA TRP F 123 30.83 -1.59 -51.09
C TRP F 123 29.82 -2.33 -50.23
N ASP F 124 29.64 -1.91 -48.99
CA ASP F 124 28.68 -2.56 -48.11
C ASP F 124 27.27 -2.44 -48.66
N LYS F 125 26.96 -1.30 -49.30
CA LYS F 125 25.64 -1.13 -49.88
C LYS F 125 25.39 -2.11 -51.00
N GLU F 126 26.41 -2.37 -51.83
CA GLU F 126 26.23 -3.24 -52.99
C GLU F 126 25.91 -4.67 -52.58
N ILE F 127 26.63 -5.20 -51.60
CA ILE F 127 26.52 -6.60 -51.22
C ILE F 127 25.80 -6.78 -49.89
N SER F 128 24.94 -5.82 -49.51
CA SER F 128 24.24 -5.93 -48.23
C SER F 128 23.27 -7.10 -48.21
N ASN F 129 22.74 -7.49 -49.37
CA ASN F 129 21.81 -8.61 -49.45
C ASN F 129 22.50 -9.95 -49.66
N TYR F 130 23.71 -9.96 -50.21
CA TYR F 130 24.48 -11.18 -50.37
C TYR F 130 25.33 -11.50 -49.15
N THR F 131 25.24 -10.69 -48.09
CA THR F 131 26.07 -10.91 -46.92
C THR F 131 25.73 -12.23 -46.24
N GLN F 132 24.45 -12.53 -46.07
CA GLN F 132 24.07 -13.71 -45.31
C GLN F 132 24.38 -15.01 -46.05
N ILE F 133 24.26 -15.02 -47.39
CA ILE F 133 24.61 -16.23 -48.11
C ILE F 133 26.12 -16.44 -48.12
N ILE F 134 26.90 -15.35 -48.16
CA ILE F 134 28.34 -15.49 -48.04
C ILE F 134 28.74 -16.01 -46.67
N TYR F 135 28.04 -15.55 -45.63
CA TYR F 135 28.37 -15.98 -44.27
C TYR F 135 28.16 -17.47 -44.09
N GLY F 136 27.09 -18.02 -44.67
CA GLY F 136 26.89 -19.46 -44.62
C GLY F 136 27.95 -20.22 -45.40
N LEU F 137 28.41 -19.65 -46.52
CA LEU F 137 29.45 -20.31 -47.30
C LEU F 137 30.76 -20.40 -46.54
N LEU F 138 31.13 -19.33 -45.83
CA LEU F 138 32.34 -19.36 -45.03
C LEU F 138 32.21 -20.30 -43.85
N GLU F 139 31.02 -20.36 -43.25
CA GLU F 139 30.81 -21.20 -42.09
C GLU F 139 30.96 -22.69 -42.43
N GLU F 140 30.40 -23.10 -43.57
CA GLU F 140 30.50 -24.51 -43.96
C GLU F 140 31.85 -24.86 -44.54
N SER F 141 32.51 -23.92 -45.24
CA SER F 141 33.80 -24.20 -45.82
C SER F 141 34.84 -24.52 -44.75
N GLN F 142 34.84 -23.76 -43.65
CA GLN F 142 35.74 -24.07 -42.55
C GLN F 142 35.37 -25.38 -41.88
N ASN F 143 34.08 -25.65 -41.74
CA ASN F 143 33.65 -26.92 -41.16
C ASN F 143 34.11 -28.10 -42.00
N GLN F 144 34.21 -27.92 -43.32
CA GLN F 144 34.82 -28.95 -44.15
C GLN F 144 36.32 -29.03 -43.93
N GLN F 145 36.97 -27.87 -43.71
CA GLN F 145 38.40 -27.88 -43.47
C GLN F 145 38.74 -28.46 -42.10
N GLU F 146 37.84 -28.31 -41.13
CA GLU F 146 38.09 -28.90 -39.82
C GLU F 146 38.15 -30.42 -39.89
N LYS F 147 37.23 -31.03 -40.64
CA LYS F 147 37.23 -32.49 -40.78
C LYS F 147 38.29 -32.95 -41.78
N ASN F 148 38.67 -32.11 -42.73
CA ASN F 148 39.73 -32.49 -43.66
C ASN F 148 41.08 -32.57 -42.97
N GLU F 149 41.38 -31.60 -42.10
CA GLU F 149 42.62 -31.66 -41.34
C GLU F 149 42.52 -32.67 -40.19
N GLN F 150 41.31 -33.01 -39.74
CA GLN F 150 41.15 -34.05 -38.74
C GLN F 150 41.49 -35.41 -39.32
N ASP F 151 41.11 -35.66 -40.57
CA ASP F 151 41.40 -36.93 -41.22
C ASP F 151 42.86 -37.02 -41.66
N LEU F 152 43.45 -35.90 -42.08
CA LEU F 152 44.85 -35.92 -42.48
C LEU F 152 45.76 -36.23 -41.31
N LEU F 153 45.45 -35.70 -40.13
CA LEU F 153 46.24 -35.97 -38.93
C LEU F 153 46.07 -37.40 -38.45
N ALA F 154 45.03 -38.10 -38.89
CA ALA F 154 44.80 -39.47 -38.44
C ALA F 154 45.77 -40.46 -39.06
N LEU F 155 46.38 -40.12 -40.19
CA LEU F 155 47.34 -41.00 -40.84
C LEU F 155 48.67 -41.00 -40.10
N GLN G 1 -42.20 23.01 5.34
CA GLN G 1 -41.70 24.31 4.90
C GLN G 1 -40.90 24.18 3.60
N ALA G 2 -40.67 22.93 3.18
CA ALA G 2 -39.97 22.62 1.92
C ALA G 2 -40.85 23.08 0.75
N ARG G 3 -40.39 24.06 -0.02
CA ARG G 3 -41.18 24.56 -1.13
C ARG G 3 -40.25 24.92 -2.29
N LEU G 4 -40.82 24.89 -3.49
CA LEU G 4 -40.15 25.35 -4.69
C LEU G 4 -40.83 26.63 -5.14
N GLN G 5 -40.10 27.74 -5.12
CA GLN G 5 -40.63 29.05 -5.47
C GLN G 5 -40.03 29.50 -6.78
N GLN G 6 -40.88 29.92 -7.71
CA GLN G 6 -40.47 30.50 -8.97
C GLN G 6 -41.29 31.75 -9.23
N TRP G 7 -40.64 32.74 -9.86
CA TRP G 7 -41.19 34.07 -10.00
C TRP G 7 -41.48 34.38 -11.46
N GLU G 8 -42.45 35.26 -11.68
CA GLU G 8 -42.89 35.58 -13.03
C GLU G 8 -41.78 36.28 -13.81
N GLY G 9 -41.62 35.88 -15.07
CA GLY G 9 -40.65 36.47 -15.96
C GLY G 9 -41.18 37.50 -16.92
N ARG G 10 -42.46 37.86 -16.81
CA ARG G 10 -43.15 38.85 -17.63
C ARG G 10 -43.27 38.38 -19.08
N PRO G 11 -44.18 38.95 -19.87
CA PRO G 11 -44.27 38.56 -21.29
C PRO G 11 -42.97 38.85 -22.03
N LEU G 12 -42.68 38.00 -23.01
CA LEU G 12 -41.46 38.10 -23.79
C LEU G 12 -41.79 38.12 -25.27
N LYS G 13 -40.94 38.78 -26.04
CA LYS G 13 -41.16 38.88 -27.47
C LYS G 13 -40.87 37.55 -28.17
N PRO G 14 -41.57 37.25 -29.26
CA PRO G 14 -41.35 35.98 -29.95
C PRO G 14 -39.95 35.90 -30.53
N ALA G 15 -39.47 34.67 -30.69
CA ALA G 15 -38.12 34.38 -31.21
C ALA G 15 -37.05 34.99 -30.31
N GLU G 16 -37.06 34.56 -29.05
CA GLU G 16 -36.09 35.01 -28.06
C GLU G 16 -35.70 33.81 -27.19
N THR G 17 -35.01 34.08 -26.10
CA THR G 17 -34.58 33.06 -25.15
C THR G 17 -35.47 33.11 -23.91
N LEU G 18 -35.98 31.95 -23.52
CA LEU G 18 -36.87 31.82 -22.37
C LEU G 18 -36.03 31.38 -21.17
N SER G 19 -35.77 32.30 -20.25
CA SER G 19 -34.93 32.03 -19.08
C SER G 19 -35.83 31.90 -17.86
N LEU G 20 -35.88 30.69 -17.30
CA LEU G 20 -36.62 30.40 -16.08
C LEU G 20 -35.66 30.05 -14.96
N THR G 21 -36.13 30.23 -13.73
CA THR G 21 -35.34 29.91 -12.54
C THR G 21 -36.28 29.53 -11.41
N CYS G 22 -35.98 28.40 -10.77
CA CYS G 22 -36.77 27.90 -9.65
C CYS G 22 -35.94 27.96 -8.37
N GLY G 23 -36.56 28.43 -7.29
CA GLY G 23 -35.89 28.53 -6.01
C GLY G 23 -36.25 27.35 -5.12
N VAL G 24 -35.23 26.61 -4.71
CA VAL G 24 -35.41 25.40 -3.93
C VAL G 24 -35.10 25.71 -2.47
N HIS G 25 -36.12 25.62 -1.62
CA HIS G 25 -35.96 25.87 -0.19
C HIS G 25 -36.51 24.68 0.58
N GLY G 26 -35.93 24.44 1.76
CA GLY G 26 -36.30 23.31 2.58
C GLY G 26 -35.43 22.10 2.32
N VAL G 27 -35.10 21.88 1.06
CA VAL G 27 -34.30 20.71 0.62
C VAL G 27 -33.23 21.28 -0.31
N GLY G 28 -32.36 20.43 -0.86
CA GLY G 28 -31.29 20.95 -1.71
C GLY G 28 -31.27 20.22 -3.04
N LEU G 29 -30.50 20.71 -3.99
CA LEU G 29 -30.50 20.12 -5.33
C LEU G 29 -29.93 18.71 -5.36
N GLY G 30 -29.15 18.34 -4.36
CA GLY G 30 -28.45 17.05 -4.41
C GLY G 30 -29.40 15.89 -4.17
N GLY G 31 -29.18 14.78 -4.87
CA GLY G 31 -29.73 13.47 -4.49
C GLY G 31 -30.97 13.17 -5.28
N SER G 32 -31.82 14.17 -5.47
CA SER G 32 -33.00 14.03 -6.33
C SER G 32 -32.64 14.48 -7.73
N GLY G 33 -33.64 14.60 -8.57
CA GLY G 33 -33.49 15.18 -9.90
C GLY G 33 -34.53 16.27 -10.09
N TRP G 34 -34.21 17.21 -10.97
CA TRP G 34 -35.01 18.42 -11.12
C TRP G 34 -35.38 18.60 -12.59
N GLY G 35 -36.68 18.76 -12.84
CA GLY G 35 -37.19 18.86 -14.19
C GLY G 35 -38.22 19.97 -14.31
N TRP G 36 -38.75 20.11 -15.52
CA TRP G 36 -39.66 21.20 -15.85
C TRP G 36 -40.92 20.63 -16.49
N ILE G 37 -42.07 21.09 -16.05
CA ILE G 37 -43.37 20.68 -16.58
C ILE G 37 -44.15 21.94 -16.94
N ARG G 38 -44.77 21.95 -18.11
CA ARG G 38 -45.56 23.08 -18.57
C ARG G 38 -47.03 22.70 -18.62
N GLN G 39 -47.87 23.68 -18.91
CA GLN G 39 -49.30 23.43 -19.09
C GLN G 39 -49.91 24.51 -19.97
N PRO G 40 -50.09 24.25 -21.26
CA PRO G 40 -50.78 25.23 -22.11
C PRO G 40 -52.20 25.44 -21.63
N PRO G 41 -52.74 26.64 -21.78
CA PRO G 41 -54.08 26.94 -21.27
C PRO G 41 -55.13 26.02 -21.88
N GLY G 42 -56.06 25.56 -21.05
CA GLY G 42 -57.12 24.69 -21.51
C GLY G 42 -56.65 23.35 -22.00
N GLN G 43 -55.44 22.92 -21.64
CA GLN G 43 -54.87 21.66 -22.10
C GLN G 43 -54.24 20.93 -20.93
N GLY G 44 -53.69 19.76 -21.21
CA GLY G 44 -53.01 18.98 -20.21
C GLY G 44 -51.55 19.37 -20.05
N LEU G 45 -50.88 18.67 -19.13
CA LEU G 45 -49.49 18.97 -18.85
C LEU G 45 -48.58 18.32 -19.88
N GLN G 46 -47.39 18.90 -20.05
CA GLN G 46 -46.41 18.40 -21.00
C GLN G 46 -45.05 18.35 -20.33
N TRP G 47 -44.31 17.27 -20.59
CA TRP G 47 -42.97 17.11 -20.05
C TRP G 47 -41.96 17.80 -20.96
N ILE G 48 -41.11 18.65 -20.38
CA ILE G 48 -40.08 19.34 -21.13
C ILE G 48 -38.76 18.59 -21.01
N GLY G 49 -38.28 18.42 -19.79
CA GLY G 49 -37.03 17.72 -19.58
C GLY G 49 -36.69 17.68 -18.11
N GLU G 50 -35.68 16.88 -17.78
CA GLU G 50 -35.23 16.68 -16.37
C GLU G 50 -33.72 16.45 -16.34
N ILE G 51 -33.10 16.75 -15.21
CA ILE G 51 -31.75 16.30 -14.90
C ILE G 51 -31.86 15.27 -13.79
N ASP G 52 -31.33 14.07 -14.03
CA ASP G 52 -31.52 13.00 -13.03
C ASP G 52 -30.39 13.08 -12.00
N HIS G 53 -30.43 12.21 -10.99
CA HIS G 53 -29.52 12.27 -9.84
C HIS G 53 -28.07 12.18 -10.27
N ASP G 54 -27.86 11.55 -11.42
CA ASP G 54 -26.52 11.20 -11.99
C ASP G 54 -25.92 12.45 -12.62
N GLY G 55 -26.76 13.43 -12.92
CA GLY G 55 -26.35 14.64 -13.66
C GLY G 55 -26.58 14.49 -15.14
N SER G 56 -27.60 13.71 -15.53
CA SER G 56 -27.79 13.36 -16.96
C SER G 56 -29.11 13.95 -17.45
N HIS G 57 -29.09 14.54 -18.64
CA HIS G 57 -30.13 15.49 -19.08
C HIS G 57 -31.11 14.80 -20.01
N LYS G 58 -32.26 14.39 -19.49
CA LYS G 58 -33.33 13.83 -20.35
C LYS G 58 -34.11 15.01 -20.93
N HIS G 59 -34.35 14.99 -22.24
CA HIS G 59 -35.04 16.11 -22.97
C HIS G 59 -36.19 15.51 -23.77
N ASN G 60 -37.27 16.27 -23.97
CA ASN G 60 -38.40 15.80 -24.76
C ASN G 60 -38.04 15.83 -26.24
N PRO G 61 -38.41 14.79 -27.00
CA PRO G 61 -38.07 14.77 -28.43
C PRO G 61 -38.68 15.92 -29.22
N ALA G 62 -39.85 16.42 -28.81
CA ALA G 62 -40.53 17.45 -29.59
C ALA G 62 -39.70 18.72 -29.67
N LEU G 63 -39.10 19.14 -28.55
CA LEU G 63 -38.27 20.34 -28.51
C LEU G 63 -36.84 19.93 -28.84
N ARG G 64 -36.47 20.04 -30.12
CA ARG G 64 -35.20 19.53 -30.62
C ARG G 64 -34.18 20.66 -30.65
N SER G 65 -33.07 20.47 -29.94
CA SER G 65 -31.88 21.31 -29.93
C SER G 65 -32.11 22.70 -29.34
N ARG G 66 -33.34 23.04 -28.96
CA ARG G 66 -33.64 24.32 -28.33
C ARG G 66 -33.73 24.21 -26.81
N LEU G 67 -33.38 23.06 -26.25
CA LEU G 67 -33.46 22.82 -24.82
C LEU G 67 -32.07 22.87 -24.19
N SER G 68 -32.00 23.46 -23.00
CA SER G 68 -30.78 23.48 -22.22
C SER G 68 -31.13 23.84 -20.79
N MET G 69 -30.69 23.02 -19.84
CA MET G 69 -30.97 23.21 -18.43
C MET G 69 -29.66 23.16 -17.64
N SER G 70 -29.69 23.76 -16.47
CA SER G 70 -28.52 23.76 -15.60
C SER G 70 -28.98 23.85 -14.15
N LEU G 71 -28.10 23.43 -13.24
CA LEU G 71 -28.36 23.44 -11.82
C LEU G 71 -27.35 24.33 -11.12
N ASP G 72 -27.84 25.29 -10.34
CA ASP G 72 -26.98 26.19 -9.58
C ASP G 72 -26.89 25.63 -8.16
N THR G 73 -25.90 24.77 -7.95
CA THR G 73 -25.75 24.11 -6.65
C THR G 73 -25.48 25.13 -5.55
N SER G 74 -24.68 26.16 -5.86
CA SER G 74 -24.36 27.18 -4.85
C SER G 74 -25.59 27.95 -4.42
N ARG G 75 -26.45 28.33 -5.36
CA ARG G 75 -27.64 29.11 -5.06
C ARG G 75 -28.91 28.26 -4.94
N ASN G 76 -28.81 26.95 -5.15
CA ASN G 76 -29.96 26.04 -5.09
C ASN G 76 -31.06 26.49 -6.06
N GLN G 77 -30.69 26.61 -7.32
CA GLN G 77 -31.61 27.08 -8.35
C GLN G 77 -31.53 26.21 -9.59
N VAL G 78 -32.68 26.00 -10.21
CA VAL G 78 -32.80 25.21 -11.43
C VAL G 78 -33.18 26.16 -12.56
N SER G 79 -32.48 26.07 -13.69
CA SER G 79 -32.64 27.02 -14.78
C SER G 79 -33.13 26.33 -16.05
N LEU G 80 -33.90 27.08 -16.83
CA LEU G 80 -34.38 26.65 -18.14
C LEU G 80 -34.03 27.73 -19.15
N ARG G 81 -33.56 27.32 -20.32
CA ARG G 81 -33.09 28.25 -21.35
C ARG G 81 -33.65 27.88 -22.72
N LEU G 82 -34.97 27.69 -22.79
CA LEU G 82 -35.63 27.44 -24.07
C LEU G 82 -35.39 28.62 -25.01
N THR G 83 -35.02 28.30 -26.25
CA THR G 83 -34.70 29.30 -27.25
C THR G 83 -35.69 29.26 -28.41
N SER G 84 -35.72 30.35 -29.17
CA SER G 84 -36.59 30.49 -30.35
C SER G 84 -38.06 30.25 -29.97
N VAL G 85 -38.53 31.00 -28.98
CA VAL G 85 -39.86 30.77 -28.44
C VAL G 85 -40.91 31.19 -29.45
N THR G 86 -41.85 30.30 -29.72
CA THR G 86 -42.95 30.54 -30.64
C THR G 86 -44.24 30.72 -29.84
N ALA G 87 -45.28 31.25 -30.49
CA ALA G 87 -46.55 31.50 -29.83
C ALA G 87 -47.15 30.24 -29.22
N ALA G 88 -46.83 29.07 -29.75
CA ALA G 88 -47.34 27.82 -29.20
C ALA G 88 -46.73 27.48 -27.85
N ASP G 89 -45.67 28.18 -27.43
CA ASP G 89 -45.01 27.92 -26.16
C ASP G 89 -45.61 28.73 -25.02
N THR G 90 -46.80 29.29 -25.20
CA THR G 90 -47.47 30.06 -24.15
C THR G 90 -48.08 29.08 -23.16
N ALA G 91 -47.42 28.91 -22.01
CA ALA G 91 -47.88 27.95 -21.01
C ALA G 91 -47.31 28.33 -19.66
N ILE G 92 -47.92 27.77 -18.62
CA ILE G 92 -47.44 27.94 -17.25
C ILE G 92 -46.37 26.90 -17.00
N TYR G 93 -45.17 27.35 -16.64
CA TYR G 93 -44.03 26.47 -16.46
C TYR G 93 -43.85 26.13 -14.99
N TYR G 94 -43.72 24.84 -14.68
CA TYR G 94 -43.54 24.35 -13.33
C TYR G 94 -42.16 23.73 -13.18
N CYS G 95 -41.56 23.93 -12.01
CA CYS G 95 -40.33 23.25 -11.65
C CYS G 95 -40.65 22.13 -10.68
N VAL G 96 -40.16 20.92 -10.97
CA VAL G 96 -40.51 19.74 -10.20
C VAL G 96 -39.24 19.04 -9.74
N ARG G 97 -39.38 18.30 -8.65
CA ARG G 97 -38.32 17.41 -8.11
C ARG G 97 -38.70 15.97 -8.39
N VAL G 98 -38.05 15.31 -9.35
CA VAL G 98 -38.30 13.89 -9.57
C VAL G 98 -37.56 13.10 -8.50
N TYR G 99 -38.31 12.61 -7.52
CA TYR G 99 -37.70 11.90 -6.38
C TYR G 99 -37.63 10.42 -6.73
N ARG G 100 -36.56 9.74 -6.30
CA ARG G 100 -36.32 8.33 -6.54
C ARG G 100 -36.70 7.54 -5.29
N GLU G 101 -37.70 6.67 -5.44
CA GLU G 101 -37.97 5.63 -4.42
C GLU G 101 -37.76 4.28 -5.08
N LYS G 102 -37.15 3.33 -4.37
CA LYS G 102 -36.90 2.01 -4.92
C LYS G 102 -38.06 1.09 -4.61
N PHE G 103 -38.70 0.57 -5.66
CA PHE G 103 -39.79 -0.38 -5.53
C PHE G 103 -39.31 -1.74 -6.02
N LEU G 104 -39.56 -2.76 -5.21
CA LEU G 104 -39.08 -4.11 -5.49
C LEU G 104 -40.20 -4.92 -6.15
N ILE G 105 -40.10 -5.10 -7.46
CA ILE G 105 -40.88 -6.11 -8.15
C ILE G 105 -40.29 -7.45 -7.73
N GLY G 106 -40.94 -8.56 -8.09
CA GLY G 106 -40.59 -9.87 -7.59
C GLY G 106 -39.12 -10.14 -7.39
N GLU G 107 -38.29 -9.75 -8.36
CA GLU G 107 -36.85 -9.97 -8.24
C GLU G 107 -36.03 -8.77 -8.67
N PHE G 108 -36.65 -7.69 -9.12
CA PHE G 108 -35.97 -6.56 -9.75
C PHE G 108 -36.17 -5.31 -8.91
N LEU G 109 -35.09 -4.56 -8.71
CA LEU G 109 -35.11 -3.30 -7.98
C LEU G 109 -34.96 -2.15 -8.97
N THR G 110 -35.86 -1.17 -8.89
CA THR G 110 -35.87 -0.05 -9.82
C THR G 110 -35.83 1.26 -9.04
N ASP G 111 -35.22 2.28 -9.65
CA ASP G 111 -35.36 3.66 -9.20
C ASP G 111 -36.58 4.25 -9.87
N TYR G 112 -37.60 4.56 -9.08
CA TYR G 112 -38.85 5.10 -9.58
C TYR G 112 -38.90 6.60 -9.32
N ARG G 113 -39.07 7.38 -10.39
CA ARG G 113 -39.07 8.84 -10.31
C ARG G 113 -40.50 9.34 -10.48
N PHE G 114 -40.95 10.17 -9.52
CA PHE G 114 -42.38 10.48 -9.37
C PHE G 114 -42.64 11.94 -9.02
N MET G 115 -41.78 12.88 -9.41
CA MET G 115 -42.07 14.32 -9.33
C MET G 115 -42.72 14.70 -7.99
N ASP G 116 -41.95 14.59 -6.91
CA ASP G 116 -42.47 14.66 -5.52
C ASP G 116 -43.10 16.04 -5.28
N MET G 117 -42.39 17.08 -5.71
CA MET G 117 -42.58 18.47 -5.23
C MET G 117 -42.64 19.41 -6.42
N TRP G 118 -43.73 20.18 -6.49
CA TRP G 118 -44.10 21.02 -7.62
C TRP G 118 -43.85 22.48 -7.28
N GLY G 119 -43.57 23.27 -8.32
CA GLY G 119 -43.46 24.71 -8.16
C GLY G 119 -44.83 25.34 -8.04
N THR G 120 -44.83 26.67 -8.05
CA THR G 120 -46.07 27.42 -7.91
C THR G 120 -46.68 27.83 -9.24
N GLY G 121 -45.86 28.15 -10.23
CA GLY G 121 -46.37 28.52 -11.54
C GLY G 121 -45.80 29.82 -12.06
N THR G 122 -45.35 29.81 -13.32
CA THR G 122 -44.83 31.01 -13.98
C THR G 122 -45.55 31.14 -15.32
N THR G 123 -46.58 31.98 -15.36
CA THR G 123 -47.35 32.18 -16.58
C THR G 123 -46.49 32.91 -17.60
N VAL G 124 -46.10 32.21 -18.66
CA VAL G 124 -45.28 32.77 -19.73
C VAL G 124 -46.17 32.98 -20.94
N ILE G 125 -46.25 34.23 -21.40
CA ILE G 125 -47.05 34.61 -22.55
C ILE G 125 -46.14 35.33 -23.53
N VAL G 126 -46.21 34.96 -24.80
CA VAL G 126 -45.40 35.57 -25.86
C VAL G 126 -46.34 36.23 -26.86
N SER G 127 -46.04 37.48 -27.20
CA SER G 127 -46.83 38.23 -28.16
C SER G 127 -45.98 39.31 -28.83
N ALA G 129 -45.89 41.21 -29.30
CA ALA G 129 -46.68 42.38 -28.98
C ALA G 129 -46.00 43.26 -27.94
N SER G 130 -46.38 44.53 -27.92
CA SER G 130 -45.96 45.50 -26.93
C SER G 130 -47.11 45.81 -25.99
N THR G 131 -46.76 46.24 -24.77
CA THR G 131 -47.78 46.62 -23.80
C THR G 131 -48.80 47.56 -24.42
N LYS G 132 -50.08 47.21 -24.24
CA LYS G 132 -51.16 47.98 -24.85
C LYS G 132 -52.38 47.89 -23.95
N GLY G 133 -52.96 49.04 -23.61
CA GLY G 133 -54.18 49.04 -22.81
C GLY G 133 -55.38 48.70 -23.65
N PRO G 134 -56.45 48.24 -23.01
CA PRO G 134 -57.63 47.83 -23.76
C PRO G 134 -58.49 49.00 -24.21
N SER G 135 -59.31 48.71 -25.22
CA SER G 135 -60.46 49.52 -25.56
C SER G 135 -61.68 48.83 -24.94
N VAL G 136 -62.54 49.60 -24.28
CA VAL G 136 -63.67 49.03 -23.54
C VAL G 136 -64.96 49.46 -24.22
N PHE G 137 -65.74 48.48 -24.69
CA PHE G 137 -66.95 48.74 -25.43
C PHE G 137 -68.16 48.21 -24.65
N PRO G 138 -69.29 48.90 -24.71
CA PRO G 138 -70.49 48.40 -24.02
C PRO G 138 -71.09 47.21 -24.75
N LEU G 139 -71.61 46.27 -23.96
CA LEU G 139 -72.56 45.25 -24.38
C LEU G 139 -73.92 45.70 -23.84
N ALA G 140 -74.70 46.36 -24.69
CA ALA G 140 -75.80 47.11 -24.11
C ALA G 140 -77.08 46.29 -24.16
N PRO G 141 -77.91 46.36 -23.10
CA PRO G 141 -79.19 45.65 -23.04
C PRO G 141 -80.22 46.20 -24.02
N GLY G 149 -88.40 40.20 -17.57
CA GLY G 149 -87.84 39.74 -16.31
C GLY G 149 -86.39 40.15 -16.07
N THR G 150 -85.46 39.43 -16.70
CA THR G 150 -84.03 39.62 -16.51
C THR G 150 -83.38 40.10 -17.80
N ALA G 151 -82.49 41.09 -17.67
CA ALA G 151 -81.70 41.59 -18.78
C ALA G 151 -80.23 41.31 -18.51
N ALA G 152 -79.46 41.18 -19.59
CA ALA G 152 -78.01 41.07 -19.53
C ALA G 152 -77.36 42.31 -20.11
N LEU G 153 -76.29 42.77 -19.47
CA LEU G 153 -75.45 43.82 -20.02
C LEU G 153 -74.01 43.45 -19.71
N GLY G 154 -73.06 44.18 -20.28
CA GLY G 154 -71.68 43.84 -20.03
C GLY G 154 -70.74 44.83 -20.68
N CYS G 155 -69.47 44.48 -20.63
CA CYS G 155 -68.40 45.24 -21.25
C CYS G 155 -67.50 44.30 -22.02
N LEU G 156 -67.08 44.74 -23.20
CA LEU G 156 -66.13 44.01 -24.02
C LEU G 156 -64.79 44.71 -23.90
N VAL G 157 -63.80 44.00 -23.37
CA VAL G 157 -62.49 44.56 -23.06
C VAL G 157 -61.54 44.01 -24.11
N LYS G 158 -61.25 44.81 -25.14
CA LYS G 158 -60.67 44.29 -26.36
C LYS G 158 -59.26 44.85 -26.59
N ASP G 159 -58.39 44.00 -27.14
CA ASP G 159 -57.11 44.41 -27.73
C ASP G 159 -56.13 44.97 -26.71
N TYR G 160 -55.82 44.16 -25.70
CA TYR G 160 -54.83 44.55 -24.71
C TYR G 160 -53.71 43.52 -24.65
N PHE G 161 -52.58 43.93 -24.03
CA PHE G 161 -51.45 43.04 -23.86
C PHE G 161 -50.56 43.60 -22.77
N PRO G 162 -50.01 42.78 -21.88
CA PRO G 162 -50.31 41.36 -21.69
C PRO G 162 -51.47 41.16 -20.73
N GLU G 163 -51.75 39.92 -20.36
CA GLU G 163 -52.62 39.64 -19.24
C GLU G 163 -51.98 40.16 -17.96
N PRO G 164 -52.78 40.42 -16.91
CA PRO G 164 -54.24 40.26 -16.85
C PRO G 164 -55.00 41.57 -16.82
N VAL G 165 -56.31 41.45 -17.02
CA VAL G 165 -57.26 42.54 -16.80
C VAL G 165 -58.17 42.09 -15.67
N THR G 166 -58.55 43.01 -14.79
CA THR G 166 -59.59 42.72 -13.82
C THR G 166 -60.80 43.61 -14.08
N VAL G 167 -61.98 43.11 -13.71
CA VAL G 167 -63.22 43.84 -13.92
C VAL G 167 -64.05 43.72 -12.66
N SER G 168 -64.58 44.84 -12.20
CA SER G 168 -65.62 44.82 -11.18
C SER G 168 -66.79 45.62 -11.72
N TRP G 169 -67.92 45.55 -11.01
CA TRP G 169 -69.11 46.28 -11.40
C TRP G 169 -69.53 47.20 -10.26
N ASN G 170 -69.84 48.46 -10.61
CA ASN G 170 -70.30 49.47 -9.65
C ASN G 170 -69.34 49.54 -8.47
N SER G 171 -68.05 49.56 -8.80
CA SER G 171 -66.97 49.66 -7.82
C SER G 171 -66.99 48.52 -6.81
N GLY G 172 -67.44 47.34 -7.23
CA GLY G 172 -67.51 46.18 -6.35
C GLY G 172 -68.81 46.03 -5.59
N ALA G 173 -69.73 46.98 -5.73
CA ALA G 173 -71.00 46.92 -5.02
C ALA G 173 -71.97 45.95 -5.68
N LEU G 174 -71.76 45.65 -6.95
CA LEU G 174 -72.58 44.71 -7.71
C LEU G 174 -71.75 43.45 -7.93
N THR G 175 -72.14 42.36 -7.27
CA THR G 175 -71.47 41.07 -7.47
C THR G 175 -72.40 39.94 -7.87
N SER G 176 -73.66 39.95 -7.43
CA SER G 176 -74.59 38.90 -7.82
C SER G 176 -74.86 38.94 -9.31
N GLY G 177 -74.76 37.79 -9.95
CA GLY G 177 -75.03 37.68 -11.36
C GLY G 177 -73.90 38.11 -12.27
N VAL G 178 -72.75 38.48 -11.73
CA VAL G 178 -71.61 38.90 -12.55
C VAL G 178 -70.86 37.67 -13.04
N HIS G 179 -70.51 37.66 -14.32
CA HIS G 179 -69.60 36.68 -14.87
C HIS G 179 -68.51 37.39 -15.65
N THR G 180 -67.26 37.21 -15.25
CA THR G 180 -66.13 37.73 -15.99
C THR G 180 -65.41 36.54 -16.62
N PHE G 181 -65.35 36.54 -17.93
CA PHE G 181 -64.90 35.35 -18.65
C PHE G 181 -63.39 35.33 -18.77
N PRO G 182 -62.80 34.13 -18.94
CA PRO G 182 -61.38 34.06 -19.27
C PRO G 182 -61.09 34.82 -20.56
N ALA G 183 -59.95 35.49 -20.59
CA ALA G 183 -59.58 36.15 -21.84
C ALA G 183 -59.29 35.12 -22.91
N VAL G 184 -59.45 35.52 -24.17
CA VAL G 184 -58.98 34.75 -25.30
C VAL G 184 -57.84 35.50 -25.97
N LEU G 185 -56.90 34.75 -26.51
CA LEU G 185 -55.80 35.33 -27.28
C LEU G 185 -56.24 35.40 -28.74
N GLN G 186 -56.38 36.61 -29.27
CA GLN G 186 -56.87 36.72 -30.64
C GLN G 186 -55.73 36.49 -31.62
N SER G 187 -56.11 36.29 -32.89
CA SER G 187 -55.12 36.04 -33.93
C SER G 187 -54.15 37.20 -34.12
N SER G 188 -54.52 38.39 -33.68
CA SER G 188 -53.67 39.58 -33.68
C SER G 188 -52.54 39.51 -32.68
N GLY G 189 -52.59 38.56 -31.75
CA GLY G 189 -51.67 38.55 -30.63
C GLY G 189 -52.14 39.38 -29.45
N LEU G 190 -53.29 40.03 -29.54
CA LEU G 190 -53.83 40.80 -28.44
C LEU G 190 -54.97 40.03 -27.77
N TYR G 191 -55.17 40.28 -26.49
CA TYR G 191 -56.21 39.57 -25.75
C TYR G 191 -57.53 40.34 -25.81
N SER G 192 -58.60 39.63 -25.49
CA SER G 192 -59.91 40.24 -25.38
C SER G 192 -60.69 39.45 -24.33
N LEU G 193 -61.47 40.14 -23.51
CA LEU G 193 -62.38 39.40 -22.64
C LEU G 193 -63.67 40.18 -22.50
N SER G 194 -64.68 39.49 -22.00
CA SER G 194 -65.95 40.11 -21.72
C SER G 194 -66.32 39.87 -20.26
N SER G 195 -67.00 40.84 -19.68
CA SER G 195 -67.62 40.69 -18.38
C SER G 195 -69.08 41.05 -18.50
N VAL G 196 -69.96 40.26 -17.90
CA VAL G 196 -71.39 40.51 -18.02
C VAL G 196 -72.03 40.47 -16.63
N VAL G 197 -73.25 40.98 -16.56
CA VAL G 197 -74.06 40.88 -15.35
C VAL G 197 -75.52 40.80 -15.78
N THR G 198 -76.29 39.99 -15.09
CA THR G 198 -77.74 39.93 -15.29
C THR G 198 -78.43 40.71 -14.20
N VAL G 199 -79.40 41.52 -14.58
CA VAL G 199 -80.09 42.42 -13.66
C VAL G 199 -81.57 42.43 -13.99
N PRO G 200 -82.41 42.86 -13.05
CA PRO G 200 -83.84 43.00 -13.37
C PRO G 200 -84.03 44.00 -14.51
N SER G 201 -84.81 43.60 -15.51
CA SER G 201 -85.07 44.49 -16.64
C SER G 201 -85.64 45.83 -16.18
N SER G 202 -86.47 45.81 -15.14
CA SER G 202 -87.08 47.02 -14.61
C SER G 202 -86.06 48.02 -14.06
N SER G 203 -84.81 47.61 -13.83
CA SER G 203 -83.82 48.51 -13.28
C SER G 203 -83.03 49.25 -14.35
N LEU G 204 -83.21 48.92 -15.63
CA LEU G 204 -82.31 49.43 -16.67
C LEU G 204 -82.39 50.95 -16.85
N GLY G 205 -83.56 51.53 -16.64
CA GLY G 205 -83.57 52.97 -16.80
C GLY G 205 -83.27 53.76 -15.56
N THR G 206 -83.20 53.10 -14.41
CA THR G 206 -83.07 53.81 -13.14
C THR G 206 -81.74 53.58 -12.45
N GLN G 207 -81.22 52.36 -12.50
CA GLN G 207 -79.95 52.05 -11.84
C GLN G 207 -78.82 52.19 -12.84
N THR G 208 -77.74 52.83 -12.41
CA THR G 208 -76.55 53.02 -13.22
C THR G 208 -75.64 51.79 -13.09
N TYR G 209 -75.12 51.32 -14.22
CA TYR G 209 -74.23 50.17 -14.26
C TYR G 209 -72.91 50.58 -14.89
N ILE G 210 -71.82 50.41 -14.14
CA ILE G 210 -70.48 50.80 -14.57
C ILE G 210 -69.57 49.61 -14.40
N CYS G 211 -68.87 49.23 -15.47
CA CYS G 211 -67.86 48.19 -15.36
C CYS G 211 -66.51 48.87 -15.12
N ASN G 212 -65.83 48.44 -14.06
CA ASN G 212 -64.53 49.00 -13.69
C ASN G 212 -63.45 48.06 -14.21
N VAL G 213 -62.77 48.49 -15.28
CA VAL G 213 -61.74 47.70 -15.95
C VAL G 213 -60.39 48.20 -15.48
N ASN G 214 -59.53 47.30 -15.06
CA ASN G 214 -58.18 47.66 -14.64
C ASN G 214 -57.16 46.81 -15.40
N HIS G 215 -56.26 47.46 -16.13
CA HIS G 215 -55.17 46.78 -16.83
C HIS G 215 -53.86 47.30 -16.24
N LYS G 216 -53.39 46.64 -15.19
CA LYS G 216 -52.19 47.09 -14.48
C LYS G 216 -50.97 47.21 -15.38
N PRO G 217 -50.68 46.30 -16.32
CA PRO G 217 -49.43 46.43 -17.09
C PRO G 217 -49.29 47.72 -17.85
N SER G 218 -50.38 48.36 -18.26
CA SER G 218 -50.33 49.65 -18.95
C SER G 218 -50.81 50.80 -18.09
N ASN G 219 -51.10 50.56 -16.80
CA ASN G 219 -51.68 51.61 -15.94
C ASN G 219 -52.99 52.17 -16.50
N THR G 220 -53.81 51.31 -17.08
CA THR G 220 -55.06 51.74 -17.70
C THR G 220 -56.22 51.35 -16.77
N LYS G 221 -57.00 52.34 -16.37
CA LYS G 221 -58.26 52.13 -15.64
C LYS G 221 -59.37 52.83 -16.39
N VAL G 222 -60.46 52.10 -16.64
CA VAL G 222 -61.64 52.59 -17.35
C VAL G 222 -62.86 52.26 -16.50
N ASP G 223 -63.72 53.25 -16.29
CA ASP G 223 -65.03 53.06 -15.67
C ASP G 223 -66.06 53.34 -16.74
N LYS G 224 -66.58 52.29 -17.37
CA LYS G 224 -67.44 52.42 -18.54
C LYS G 224 -68.91 52.29 -18.12
N ARG G 225 -69.65 53.39 -18.26
CA ARG G 225 -71.10 53.34 -18.12
C ARG G 225 -71.71 52.54 -19.26
N VAL G 226 -72.55 51.57 -18.92
CA VAL G 226 -73.24 50.75 -19.90
C VAL G 226 -74.72 51.12 -19.84
N GLU G 227 -75.18 51.86 -20.83
CA GLU G 227 -76.56 52.24 -20.90
C GLU G 227 -77.23 51.45 -22.01
N PRO G 228 -78.53 51.24 -21.94
CA PRO G 228 -79.25 50.75 -23.12
C PRO G 228 -78.95 51.66 -24.31
N LYS G 229 -78.82 51.08 -25.50
CA LYS G 229 -78.54 51.87 -26.71
C LYS G 229 -79.61 52.92 -27.00
N GLN H 1 -17.12 4.37 46.68
CA GLN H 1 -18.20 3.72 45.95
C GLN H 1 -17.69 2.55 45.13
N ALA H 2 -16.36 2.40 45.09
CA ALA H 2 -15.69 1.28 44.40
C ALA H 2 -16.01 -0.02 45.14
N ARG H 3 -16.73 -0.93 44.48
CA ARG H 3 -17.10 -2.18 45.13
C ARG H 3 -17.07 -3.31 44.12
N LEU H 4 -16.87 -4.52 44.62
CA LEU H 4 -16.96 -5.74 43.83
C LEU H 4 -18.21 -6.49 44.28
N GLN H 5 -19.17 -6.63 43.37
CA GLN H 5 -20.44 -7.27 43.66
C GLN H 5 -20.51 -8.61 42.94
N GLN H 6 -20.86 -9.66 43.68
CA GLN H 6 -21.08 -10.98 43.11
C GLN H 6 -22.38 -11.55 43.69
N TRP H 7 -23.09 -12.30 42.87
CA TRP H 7 -24.43 -12.74 43.19
C TRP H 7 -24.47 -14.26 43.36
N GLU H 8 -25.42 -14.73 44.15
CA GLU H 8 -25.51 -16.14 44.48
C GLU H 8 -25.86 -16.95 43.24
N GLY H 9 -25.18 -18.10 43.09
CA GLY H 9 -25.41 -19.01 41.99
C GLY H 9 -26.29 -20.19 42.31
N ARG H 10 -26.86 -20.25 43.52
CA ARG H 10 -27.75 -21.31 44.00
C ARG H 10 -27.01 -22.64 44.12
N PRO H 11 -27.54 -23.59 44.89
CA PRO H 11 -26.88 -24.90 44.98
C PRO H 11 -26.80 -25.59 43.63
N LEU H 12 -25.73 -26.35 43.43
CA LEU H 12 -25.48 -27.05 42.18
C LEU H 12 -25.22 -28.52 42.44
N LYS H 13 -25.58 -29.34 41.46
CA LYS H 13 -25.41 -30.78 41.60
C LYS H 13 -23.93 -31.16 41.50
N PRO H 14 -23.53 -32.22 42.20
CA PRO H 14 -22.12 -32.63 42.17
C PRO H 14 -21.71 -33.07 40.77
N ALA H 15 -20.40 -32.94 40.49
CA ALA H 15 -19.81 -33.29 39.20
C ALA H 15 -20.43 -32.45 38.07
N GLU H 16 -20.27 -31.14 38.20
CA GLU H 16 -20.77 -30.19 37.22
C GLU H 16 -19.74 -29.07 37.08
N THR H 17 -20.12 -28.00 36.40
CA THR H 17 -19.25 -26.84 36.19
C THR H 17 -19.71 -25.71 37.10
N LEU H 18 -18.75 -25.13 37.82
CA LEU H 18 -19.01 -24.04 38.77
C LEU H 18 -18.69 -22.73 38.07
N SER H 19 -19.73 -21.98 37.70
CA SER H 19 -19.60 -20.73 36.96
C SER H 19 -19.86 -19.57 37.92
N LEU H 20 -18.82 -18.80 38.20
CA LEU H 20 -18.92 -17.60 39.03
C LEU H 20 -18.66 -16.37 38.19
N THR H 21 -19.16 -15.23 38.68
CA THR H 21 -18.99 -13.96 38.01
C THR H 21 -18.99 -12.85 39.04
N CYS H 22 -18.00 -11.97 38.96
CA CYS H 22 -17.88 -10.83 39.86
C CYS H 22 -18.07 -9.54 39.10
N GLY H 23 -18.83 -8.62 39.67
CA GLY H 23 -19.10 -7.34 39.05
C GLY H 23 -18.21 -6.26 39.64
N VAL H 24 -17.42 -5.63 38.78
CA VAL H 24 -16.43 -4.64 39.19
C VAL H 24 -17.00 -3.26 38.89
N HIS H 25 -17.25 -2.49 39.95
CA HIS H 25 -17.75 -1.13 39.82
C HIS H 25 -16.86 -0.18 40.59
N GLY H 26 -16.79 1.07 40.11
CA GLY H 26 -15.93 2.06 40.70
C GLY H 26 -14.57 2.12 40.03
N VAL H 27 -14.04 0.95 39.69
CA VAL H 27 -12.69 0.82 39.07
C VAL H 27 -12.89 -0.12 37.88
N GLY H 28 -11.82 -0.42 37.15
CA GLY H 28 -11.98 -1.27 35.95
C GLY H 28 -11.00 -2.41 36.02
N LEU H 29 -11.15 -3.39 35.13
CA LEU H 29 -10.30 -4.58 35.17
C LEU H 29 -8.84 -4.28 34.85
N GLY H 30 -8.58 -3.17 34.17
CA GLY H 30 -7.20 -2.91 33.70
C GLY H 30 -6.29 -2.51 34.84
N GLY H 31 -5.04 -2.96 34.77
CA GLY H 31 -3.93 -2.37 35.55
C GLY H 31 -3.66 -3.19 36.79
N SER H 32 -4.71 -3.62 37.45
CA SER H 32 -4.60 -4.54 38.61
C SER H 32 -4.67 -5.97 38.11
N GLY H 33 -4.77 -6.89 39.04
CA GLY H 33 -5.03 -8.28 38.75
C GLY H 33 -6.20 -8.77 39.57
N TRP H 34 -6.88 -9.79 39.06
CA TRP H 34 -8.12 -10.24 39.65
C TRP H 34 -8.06 -11.73 39.92
N GLY H 35 -8.36 -12.12 41.16
CA GLY H 35 -8.25 -13.49 41.59
C GLY H 35 -9.45 -13.92 42.41
N TRP H 36 -9.42 -15.16 42.86
CA TRP H 36 -10.54 -15.77 43.57
C TRP H 36 -10.05 -16.39 44.87
N ILE H 37 -10.77 -16.12 45.95
CA ILE H 37 -10.46 -16.66 47.27
C ILE H 37 -11.72 -17.33 47.80
N ARG H 38 -11.58 -18.51 48.37
CA ARG H 38 -12.70 -19.24 48.94
C ARG H 38 -12.54 -19.34 50.46
N GLN H 39 -13.56 -19.89 51.11
CA GLN H 39 -13.50 -20.12 52.54
C GLN H 39 -14.45 -21.24 52.93
N PRO H 40 -13.96 -22.47 53.09
CA PRO H 40 -14.83 -23.54 53.58
C PRO H 40 -15.35 -23.21 54.96
N PRO H 41 -16.57 -23.66 55.28
CA PRO H 41 -17.16 -23.31 56.58
C PRO H 41 -16.31 -23.81 57.74
N GLY H 42 -16.19 -22.97 58.76
CA GLY H 42 -15.41 -23.33 59.93
C GLY H 42 -13.93 -23.51 59.68
N GLN H 43 -13.42 -22.98 58.57
CA GLN H 43 -12.01 -23.14 58.20
C GLN H 43 -11.46 -21.80 57.75
N GLY H 44 -10.18 -21.79 57.38
CA GLY H 44 -9.53 -20.60 56.89
C GLY H 44 -9.71 -20.42 55.40
N LEU H 45 -9.14 -19.33 54.89
CA LEU H 45 -9.27 -19.01 53.48
C LEU H 45 -8.29 -19.82 52.65
N GLN H 46 -8.63 -20.00 51.38
CA GLN H 46 -7.80 -20.75 50.45
C GLN H 46 -7.68 -19.99 49.14
N TRP H 47 -6.47 -19.97 48.59
CA TRP H 47 -6.22 -19.32 47.32
C TRP H 47 -6.54 -20.26 46.17
N ILE H 48 -7.36 -19.80 45.22
CA ILE H 48 -7.71 -20.59 44.05
C ILE H 48 -6.80 -20.23 42.88
N GLY H 49 -6.82 -18.96 42.49
CA GLY H 49 -5.99 -18.52 41.39
C GLY H 49 -6.21 -17.05 41.13
N GLU H 50 -5.35 -16.49 40.27
CA GLU H 50 -5.39 -15.04 39.93
C GLU H 50 -4.94 -14.85 38.49
N ILE H 51 -5.37 -13.76 37.87
CA ILE H 51 -4.79 -13.26 36.62
C ILE H 51 -4.04 -11.98 36.95
N ASP H 52 -2.75 -11.94 36.62
CA ASP H 52 -1.96 -10.76 37.03
C ASP H 52 -2.08 -9.68 35.94
N HIS H 53 -1.46 -8.52 36.17
CA HIS H 53 -1.62 -7.34 35.32
C HIS H 53 -1.22 -7.63 33.88
N ASP H 54 -0.33 -8.63 33.73
CA ASP H 54 0.32 -9.00 32.45
C ASP H 54 -0.65 -9.82 31.62
N GLY H 55 -1.67 -10.37 32.27
CA GLY H 55 -2.62 -11.30 31.64
C GLY H 55 -2.19 -12.74 31.82
N SER H 56 -1.52 -13.05 32.94
CA SER H 56 -0.92 -14.39 33.12
C SER H 56 -1.59 -15.08 34.30
N HIS H 57 -1.89 -16.36 34.14
CA HIS H 57 -2.90 -17.06 34.98
C HIS H 57 -2.17 -17.90 36.02
N LYS H 58 -2.07 -17.40 37.24
CA LYS H 58 -1.51 -18.20 38.35
C LYS H 58 -2.64 -19.07 38.91
N HIS H 59 -2.40 -20.37 39.09
CA HIS H 59 -3.42 -21.35 39.55
C HIS H 59 -2.85 -22.11 40.75
N ASN H 60 -3.71 -22.53 41.67
CA ASN H 60 -3.26 -23.29 42.83
C ASN H 60 -2.92 -24.73 42.41
N PRO H 61 -1.82 -25.29 42.91
CA PRO H 61 -1.45 -26.66 42.52
C PRO H 61 -2.49 -27.70 42.90
N ALA H 62 -3.23 -27.49 43.98
CA ALA H 62 -4.17 -28.51 44.45
C ALA H 62 -5.26 -28.78 43.42
N LEU H 63 -5.80 -27.73 42.81
CA LEU H 63 -6.84 -27.86 41.79
C LEU H 63 -6.15 -28.00 40.43
N ARG H 64 -5.95 -29.24 40.01
CA ARG H 64 -5.15 -29.52 38.81
C ARG H 64 -6.08 -29.71 37.61
N SER H 65 -5.88 -28.88 36.59
CA SER H 65 -6.51 -28.96 35.27
C SER H 65 -8.00 -28.67 35.30
N ARG H 66 -8.60 -28.47 36.47
CA ARG H 66 -10.01 -28.13 36.58
C ARG H 66 -10.24 -26.63 36.74
N LEU H 67 -9.19 -25.82 36.63
CA LEU H 67 -9.28 -24.38 36.80
C LEU H 67 -9.24 -23.68 35.46
N SER H 68 -10.05 -22.63 35.34
CA SER H 68 -10.05 -21.77 34.16
C SER H 68 -10.75 -20.48 34.50
N MET H 69 -10.08 -19.35 34.25
CA MET H 69 -10.61 -18.04 34.56
C MET H 69 -10.52 -17.15 33.32
N SER H 70 -11.35 -16.12 33.28
CA SER H 70 -11.35 -15.19 32.18
C SER H 70 -11.81 -13.83 32.68
N LEU H 71 -11.46 -12.80 31.92
CA LEU H 71 -11.81 -11.42 32.24
C LEU H 71 -12.65 -10.84 31.12
N ASP H 72 -13.83 -10.31 31.48
CA ASP H 72 -14.73 -9.68 30.52
C ASP H 72 -14.47 -8.18 30.57
N THR H 73 -13.53 -7.71 29.75
CA THR H 73 -13.15 -6.31 29.77
C THR H 73 -14.31 -5.41 29.38
N SER H 74 -15.13 -5.85 28.42
CA SER H 74 -16.26 -5.06 27.97
C SER H 74 -17.29 -4.88 29.07
N ARG H 75 -17.59 -5.94 29.82
CA ARG H 75 -18.59 -5.90 30.88
C ARG H 75 -18.00 -5.70 32.26
N ASN H 76 -16.67 -5.64 32.38
CA ASN H 76 -15.98 -5.50 33.66
C ASN H 76 -16.38 -6.60 34.63
N GLN H 77 -16.18 -7.85 34.19
CA GLN H 77 -16.56 -9.01 34.98
C GLN H 77 -15.44 -10.04 34.99
N VAL H 78 -15.28 -10.70 36.13
CA VAL H 78 -14.28 -11.74 36.33
C VAL H 78 -15.03 -13.05 36.50
N SER H 79 -14.59 -14.08 35.78
CA SER H 79 -15.30 -15.35 35.72
C SER H 79 -14.45 -16.49 36.27
N LEU H 80 -15.12 -17.46 36.87
CA LEU H 80 -14.51 -18.70 37.35
C LEU H 80 -15.30 -19.87 36.79
N ARG H 81 -14.58 -20.90 36.35
CA ARG H 81 -15.18 -22.05 35.69
C ARG H 81 -14.63 -23.36 36.24
N LEU H 82 -14.63 -23.49 37.57
CA LEU H 82 -14.23 -24.73 38.20
C LEU H 82 -15.12 -25.88 37.74
N THR H 83 -14.50 -27.00 37.36
CA THR H 83 -15.21 -28.16 36.84
C THR H 83 -15.09 -29.35 37.78
N SER H 84 -15.98 -30.32 37.59
CA SER H 84 -16.01 -31.56 38.37
C SER H 84 -16.07 -31.25 39.87
N VAL H 85 -17.08 -30.47 40.26
CA VAL H 85 -17.17 -30.00 41.63
C VAL H 85 -17.54 -31.15 42.55
N THR H 86 -16.76 -31.31 43.62
CA THR H 86 -16.97 -32.35 44.62
C THR H 86 -17.50 -31.70 45.89
N ALA H 87 -18.04 -32.52 46.79
CA ALA H 87 -18.62 -32.01 48.03
C ALA H 87 -17.63 -31.21 48.87
N ALA H 88 -16.33 -31.47 48.72
CA ALA H 88 -15.31 -30.72 49.45
C ALA H 88 -15.18 -29.29 48.97
N ASP H 89 -15.78 -28.94 47.83
CA ASP H 89 -15.70 -27.60 47.27
C ASP H 89 -16.82 -26.69 47.77
N THR H 90 -17.48 -27.06 48.86
CA THR H 90 -18.55 -26.26 49.43
C THR H 90 -17.91 -25.13 50.23
N ALA H 91 -17.89 -23.93 49.66
CA ALA H 91 -17.24 -22.80 50.31
C ALA H 91 -17.80 -21.51 49.75
N ILE H 92 -17.58 -20.42 50.49
CA ILE H 92 -17.95 -19.08 50.05
C ILE H 92 -16.83 -18.54 49.17
N TYR H 93 -17.16 -18.20 47.93
CA TYR H 93 -16.17 -17.75 46.96
C TYR H 93 -16.13 -16.24 46.91
N TYR H 94 -14.92 -15.67 47.01
CA TYR H 94 -14.71 -14.23 46.98
C TYR H 94 -13.92 -13.86 45.73
N CYS H 95 -14.26 -12.72 45.14
CA CYS H 95 -13.51 -12.13 44.05
C CYS H 95 -12.67 -10.99 44.61
N VAL H 96 -11.37 -10.99 44.31
CA VAL H 96 -10.45 -10.03 44.89
C VAL H 96 -9.68 -9.34 43.77
N ARG H 97 -9.21 -8.13 44.09
CA ARG H 97 -8.31 -7.35 43.21
C ARG H 97 -6.91 -7.37 43.81
N VAL H 98 -5.97 -8.12 43.24
CA VAL H 98 -4.58 -8.08 43.71
C VAL H 98 -3.94 -6.81 43.15
N TYR H 99 -3.79 -5.81 44.02
CA TYR H 99 -3.25 -4.51 43.59
C TYR H 99 -1.73 -4.55 43.74
N ARG H 100 -1.01 -3.92 42.83
CA ARG H 100 0.44 -3.85 42.80
C ARG H 100 0.89 -2.51 43.37
N GLU H 101 1.61 -2.55 44.49
CA GLU H 101 2.35 -1.37 44.98
C GLU H 101 3.83 -1.73 44.97
N LYS H 102 4.69 -0.80 44.55
CA LYS H 102 6.12 -1.05 44.50
C LYS H 102 6.77 -0.66 45.82
N PHE H 103 7.39 -1.63 46.48
CA PHE H 103 8.12 -1.40 47.72
C PHE H 103 9.61 -1.56 47.44
N LEU H 104 10.39 -0.60 47.91
CA LEU H 104 11.82 -0.55 47.65
C LEU H 104 12.56 -1.12 48.85
N ILE H 105 13.04 -2.35 48.73
CA ILE H 105 14.04 -2.89 49.64
C ILE H 105 15.33 -2.16 49.30
N GLY H 106 16.37 -2.34 50.10
CA GLY H 106 17.60 -1.56 50.00
C GLY H 106 18.04 -1.20 48.60
N GLU H 107 17.99 -2.16 47.68
CA GLU H 107 18.40 -1.90 46.30
C GLU H 107 17.45 -2.49 45.27
N PHE H 108 16.41 -3.20 45.69
CA PHE H 108 15.56 -3.98 44.81
C PHE H 108 14.13 -3.43 44.83
N LEU H 109 13.54 -3.30 43.64
CA LEU H 109 12.17 -2.85 43.49
C LEU H 109 11.29 -4.02 43.11
N THR H 110 10.18 -4.21 43.84
CA THR H 110 9.29 -5.33 43.61
C THR H 110 7.86 -4.85 43.40
N ASP H 111 7.11 -5.60 42.60
CA ASP H 111 5.66 -5.44 42.52
C ASP H 111 5.03 -6.31 43.60
N TYR H 112 4.42 -5.67 44.59
CA TYR H 112 3.82 -6.37 45.71
C TYR H 112 2.30 -6.41 45.52
N ARG H 113 1.74 -7.63 45.50
CA ARG H 113 0.33 -7.85 45.28
C ARG H 113 -0.33 -8.22 46.59
N PHE H 114 -1.40 -7.49 46.93
CA PHE H 114 -1.96 -7.51 48.30
C PHE H 114 -3.49 -7.48 48.33
N MET H 115 -4.19 -7.98 47.32
CA MET H 115 -5.64 -8.21 47.36
C MET H 115 -6.38 -7.03 47.99
N ASP H 116 -6.39 -5.89 47.30
CA ASP H 116 -6.82 -4.59 47.87
C ASP H 116 -8.30 -4.68 48.27
N MET H 117 -9.11 -5.25 47.37
CA MET H 117 -10.58 -5.08 47.35
C MET H 117 -11.24 -6.44 47.20
N TRP H 118 -12.14 -6.74 48.14
CA TRP H 118 -12.77 -8.04 48.32
C TRP H 118 -14.22 -7.98 47.85
N GLY H 119 -14.72 -9.12 47.39
CA GLY H 119 -16.12 -9.26 47.05
C GLY H 119 -16.97 -9.37 48.30
N THR H 120 -18.26 -9.64 48.09
CA THR H 120 -19.20 -9.75 49.19
C THR H 120 -19.41 -11.18 49.66
N GLY H 121 -19.38 -12.15 48.76
CA GLY H 121 -19.54 -13.54 49.14
C GLY H 121 -20.60 -14.27 48.34
N THR H 122 -20.26 -15.45 47.85
CA THR H 122 -21.19 -16.30 47.11
C THR H 122 -21.16 -17.69 47.74
N THR H 123 -22.12 -17.97 48.61
CA THR H 123 -22.17 -19.27 49.28
C THR H 123 -22.53 -20.35 48.27
N VAL H 124 -21.57 -21.22 47.96
CA VAL H 124 -21.76 -22.30 47.01
C VAL H 124 -21.85 -23.59 47.80
N ILE H 125 -22.97 -24.30 47.65
CA ILE H 125 -23.23 -25.57 48.32
C ILE H 125 -23.57 -26.60 47.27
N VAL H 126 -22.95 -27.77 47.35
CA VAL H 126 -23.20 -28.86 46.40
C VAL H 126 -23.77 -30.04 47.17
N SER H 127 -24.86 -30.61 46.66
CA SER H 127 -25.51 -31.76 47.27
C SER H 127 -26.27 -32.55 46.22
N ALA H 129 -28.51 -32.79 46.47
CA ALA H 129 -29.83 -32.75 47.09
C ALA H 129 -30.78 -31.85 46.32
N SER H 130 -32.08 -32.10 46.49
CA SER H 130 -33.14 -31.28 45.96
C SER H 130 -33.80 -30.50 47.09
N THR H 131 -34.41 -29.36 46.72
CA THR H 131 -35.11 -28.54 47.70
C THR H 131 -36.04 -29.40 48.55
N LYS H 132 -35.94 -29.26 49.86
CA LYS H 132 -36.73 -30.06 50.79
C LYS H 132 -36.99 -29.25 52.04
N GLY H 133 -38.26 -29.17 52.45
CA GLY H 133 -38.60 -28.47 53.67
C GLY H 133 -38.28 -29.32 54.87
N PRO H 134 -38.12 -28.68 56.03
CA PRO H 134 -37.74 -29.42 57.24
C PRO H 134 -38.91 -30.13 57.88
N SER H 135 -38.56 -31.13 58.69
CA SER H 135 -39.44 -31.68 59.70
C SER H 135 -39.09 -31.03 61.03
N VAL H 136 -40.09 -30.59 61.79
CA VAL H 136 -39.83 -29.83 63.01
C VAL H 136 -40.31 -30.68 64.19
N PHE H 137 -39.38 -31.01 65.10
CA PHE H 137 -39.67 -31.86 66.23
C PHE H 137 -39.49 -31.09 67.53
N PRO H 138 -40.32 -31.34 68.54
CA PRO H 138 -40.15 -30.66 69.82
C PRO H 138 -38.93 -31.19 70.58
N LEU H 139 -38.26 -30.27 71.27
CA LEU H 139 -37.33 -30.56 72.35
C LEU H 139 -38.08 -30.21 73.64
N ALA H 140 -38.66 -31.23 74.27
CA ALA H 140 -39.65 -30.87 75.27
C ALA H 140 -39.04 -30.85 76.66
N PRO H 141 -39.44 -29.88 77.50
CA PRO H 141 -38.95 -29.78 78.87
C PRO H 141 -39.44 -30.91 79.77
N GLY H 149 -36.10 -24.03 89.04
CA GLY H 149 -35.82 -22.66 88.61
C GLY H 149 -36.04 -22.41 87.13
N THR H 150 -35.09 -22.83 86.29
CA THR H 150 -35.10 -22.58 84.86
C THR H 150 -35.22 -23.89 84.09
N ALA H 151 -36.07 -23.89 83.07
CA ALA H 151 -36.23 -25.01 82.15
C ALA H 151 -35.79 -24.60 80.76
N ALA H 152 -35.34 -25.58 79.98
CA ALA H 152 -35.03 -25.39 78.58
C ALA H 152 -36.02 -26.16 77.72
N LEU H 153 -36.44 -25.55 76.61
CA LEU H 153 -37.22 -26.22 75.59
C LEU H 153 -36.71 -25.73 74.24
N GLY H 154 -37.17 -26.38 73.17
CA GLY H 154 -36.69 -25.96 71.88
C GLY H 154 -37.37 -26.73 70.76
N CYS H 155 -36.85 -26.53 69.56
CA CYS H 155 -37.32 -27.20 68.37
C CYS H 155 -36.12 -27.72 67.60
N LEU H 156 -36.25 -28.92 67.07
CA LEU H 156 -35.24 -29.53 66.22
C LEU H 156 -35.75 -29.45 64.79
N VAL H 157 -35.02 -28.73 63.94
CA VAL H 157 -35.43 -28.44 62.58
C VAL H 157 -34.55 -29.31 61.68
N LYS H 158 -35.08 -30.45 61.23
CA LYS H 158 -34.25 -31.50 60.68
C LYS H 158 -34.54 -31.73 59.21
N ASP H 159 -33.49 -32.05 58.45
CA ASP H 159 -33.57 -32.63 57.11
C ASP H 159 -34.18 -31.66 56.09
N TYR H 160 -33.55 -30.50 55.95
CA TYR H 160 -33.97 -29.54 54.96
C TYR H 160 -32.82 -29.20 54.01
N PHE H 161 -33.16 -28.60 52.86
CA PHE H 161 -32.17 -28.19 51.88
C PHE H 161 -32.80 -27.16 50.96
N PRO H 162 -32.10 -26.09 50.59
CA PRO H 162 -30.80 -25.67 51.11
C PRO H 162 -30.97 -24.77 52.32
N GLU H 163 -29.87 -24.19 52.81
CA GLU H 163 -29.95 -23.10 53.76
C GLU H 163 -30.62 -21.89 53.10
N PRO H 164 -31.19 -20.97 53.89
CA PRO H 164 -31.26 -20.98 55.34
C PRO H 164 -32.65 -21.26 55.90
N VAL H 165 -32.70 -21.52 57.20
CA VAL H 165 -33.92 -21.57 57.97
C VAL H 165 -33.84 -20.45 58.99
N THR H 166 -34.97 -19.78 59.25
CA THR H 166 -35.04 -18.83 60.36
C THR H 166 -36.01 -19.35 61.40
N VAL H 167 -35.78 -18.98 62.66
CA VAL H 167 -36.63 -19.40 63.77
C VAL H 167 -36.89 -18.20 64.65
N SER H 168 -38.14 -18.00 65.02
CA SER H 168 -38.48 -17.08 66.08
C SER H 168 -39.32 -17.83 67.09
N TRP H 169 -39.55 -17.20 68.24
CA TRP H 169 -40.36 -17.80 69.29
C TRP H 169 -41.54 -16.89 69.60
N ASN H 170 -42.73 -17.49 69.70
CA ASN H 170 -43.96 -16.77 70.01
C ASN H 170 -44.13 -15.56 69.11
N SER H 171 -43.89 -15.80 67.82
CA SER H 171 -44.03 -14.77 66.77
C SER H 171 -43.12 -13.57 67.02
N GLY H 172 -41.96 -13.80 67.63
CA GLY H 172 -41.03 -12.72 67.91
C GLY H 172 -41.21 -12.04 69.24
N ALA H 173 -42.25 -12.42 70.00
CA ALA H 173 -42.50 -11.79 71.30
C ALA H 173 -41.58 -12.33 72.38
N LEU H 174 -41.01 -13.50 72.18
CA LEU H 174 -40.07 -14.13 73.11
C LEU H 174 -38.69 -14.05 72.48
N THR H 175 -37.81 -13.22 73.05
CA THR H 175 -36.44 -13.13 72.59
C THR H 175 -35.39 -13.38 73.67
N SER H 176 -35.68 -13.03 74.93
CA SER H 176 -34.72 -13.27 76.00
C SER H 176 -34.50 -14.77 76.21
N GLY H 177 -33.25 -15.17 76.25
CA GLY H 177 -32.92 -16.55 76.48
C GLY H 177 -32.98 -17.45 75.27
N VAL H 178 -33.27 -16.91 74.09
CA VAL H 178 -33.35 -17.72 72.87
C VAL H 178 -31.96 -17.91 72.31
N HIS H 179 -31.64 -19.14 71.92
CA HIS H 179 -30.44 -19.43 71.15
C HIS H 179 -30.82 -20.25 69.93
N THR H 180 -30.54 -19.73 68.74
CA THR H 180 -30.73 -20.48 67.51
C THR H 180 -29.35 -20.83 66.97
N PHE H 181 -29.08 -22.10 66.86
CA PHE H 181 -27.73 -22.57 66.57
C PHE H 181 -27.45 -22.57 65.08
N PRO H 182 -26.17 -22.47 64.69
CA PRO H 182 -25.83 -22.68 63.28
C PRO H 182 -26.28 -24.07 62.82
N ALA H 183 -26.74 -24.16 61.58
CA ALA H 183 -27.09 -25.47 61.07
C ALA H 183 -25.84 -26.31 60.90
N VAL H 184 -26.01 -27.64 60.96
CA VAL H 184 -24.96 -28.56 60.57
C VAL H 184 -25.40 -29.27 59.30
N LEU H 185 -24.42 -29.61 58.48
CA LEU H 185 -24.67 -30.38 57.27
C LEU H 185 -24.51 -31.86 57.64
N GLN H 186 -25.61 -32.61 57.56
CA GLN H 186 -25.52 -34.01 57.97
C GLN H 186 -24.93 -34.86 56.85
N SER H 187 -24.55 -36.09 57.20
CA SER H 187 -23.94 -36.99 56.22
C SER H 187 -24.89 -37.32 55.08
N SER H 188 -26.20 -37.14 55.28
CA SER H 188 -27.22 -37.32 54.25
C SER H 188 -27.18 -36.23 53.18
N GLY H 189 -26.44 -35.15 53.41
CA GLY H 189 -26.53 -33.99 52.55
C GLY H 189 -27.63 -33.02 52.93
N LEU H 190 -28.40 -33.31 53.95
CA LEU H 190 -29.45 -32.41 54.41
C LEU H 190 -29.00 -31.70 55.68
N TYR H 191 -29.53 -30.50 55.89
CA TYR H 191 -29.14 -29.71 57.06
C TYR H 191 -30.07 -30.01 58.24
N SER H 192 -29.61 -29.64 59.42
CA SER H 192 -30.41 -29.73 60.62
C SER H 192 -29.96 -28.61 61.56
N LEU H 193 -30.91 -27.99 62.24
CA LEU H 193 -30.50 -27.06 63.29
C LEU H 193 -31.47 -27.15 64.44
N SER H 194 -31.05 -26.60 65.58
CA SER H 194 -31.89 -26.53 66.73
C SER H 194 -31.99 -25.09 67.21
N SER H 195 -33.15 -24.75 67.73
CA SER H 195 -33.36 -23.49 68.42
C SER H 195 -33.89 -23.78 69.81
N VAL H 196 -33.37 -23.09 70.83
CA VAL H 196 -33.80 -23.35 72.19
C VAL H 196 -34.13 -22.03 72.88
N VAL H 197 -34.82 -22.15 74.01
CA VAL H 197 -35.08 -21.01 74.87
C VAL H 197 -35.14 -21.50 76.31
N THR H 198 -34.59 -20.72 77.23
CA THR H 198 -34.70 -21.01 78.65
C THR H 198 -35.79 -20.13 79.25
N VAL H 199 -36.64 -20.73 80.07
CA VAL H 199 -37.80 -20.04 80.64
C VAL H 199 -37.95 -20.47 82.09
N PRO H 200 -38.68 -19.68 82.89
CA PRO H 200 -38.96 -20.12 84.26
C PRO H 200 -39.73 -21.43 84.24
N SER H 201 -39.27 -22.40 85.04
CA SER H 201 -39.95 -23.70 85.11
C SER H 201 -41.42 -23.53 85.49
N SER H 202 -41.73 -22.56 86.35
CA SER H 202 -43.09 -22.32 86.77
C SER H 202 -44.01 -21.89 85.63
N SER H 203 -43.48 -21.51 84.47
CA SER H 203 -44.33 -21.07 83.38
C SER H 203 -44.71 -22.20 82.43
N LEU H 204 -44.17 -23.41 82.61
CA LEU H 204 -44.33 -24.47 81.61
C LEU H 204 -45.77 -24.93 81.45
N GLY H 205 -46.56 -24.91 82.51
CA GLY H 205 -47.92 -25.34 82.29
C GLY H 205 -48.88 -24.25 81.92
N THR H 206 -48.45 -23.00 82.00
CA THR H 206 -49.38 -21.89 81.80
C THR H 206 -49.10 -21.07 80.56
N GLN H 207 -47.82 -20.85 80.23
CA GLN H 207 -47.47 -20.07 79.06
C GLN H 207 -47.24 -20.99 77.87
N THR H 208 -47.79 -20.61 76.73
CA THR H 208 -47.63 -21.36 75.49
C THR H 208 -46.34 -20.94 74.79
N TYR H 209 -45.58 -21.93 74.32
CA TYR H 209 -44.33 -21.68 73.61
C TYR H 209 -44.40 -22.29 72.21
N ILE H 210 -44.22 -21.45 71.21
CA ILE H 210 -44.33 -21.85 69.80
C ILE H 210 -43.07 -21.40 69.09
N CYS H 211 -42.39 -22.33 68.42
CA CYS H 211 -41.25 -21.95 67.60
C CYS H 211 -41.76 -21.75 66.17
N ASN H 212 -41.45 -20.59 65.60
CA ASN H 212 -41.87 -20.25 64.25
C ASN H 212 -40.70 -20.50 63.31
N VAL H 213 -40.80 -21.58 62.53
CA VAL H 213 -39.76 -22.01 61.62
C VAL H 213 -40.15 -21.57 60.22
N ASN H 214 -39.22 -20.92 59.53
CA ASN H 214 -39.45 -20.48 58.15
C ASN H 214 -38.34 -21.00 57.26
N HIS H 215 -38.69 -21.77 56.24
CA HIS H 215 -37.73 -22.25 55.24
C HIS H 215 -38.15 -21.69 53.88
N LYS H 216 -37.65 -20.50 53.57
CA LYS H 216 -38.04 -19.81 52.35
C LYS H 216 -37.81 -20.64 51.08
N PRO H 217 -36.69 -21.37 50.92
CA PRO H 217 -36.49 -22.05 49.62
C PRO H 217 -37.58 -23.03 49.25
N SER H 218 -38.28 -23.63 50.21
CA SER H 218 -39.37 -24.54 49.93
C SER H 218 -40.74 -23.95 50.26
N ASN H 219 -40.80 -22.66 50.64
CA ASN H 219 -42.06 -22.04 51.07
C ASN H 219 -42.69 -22.80 52.24
N THR H 220 -41.87 -23.25 53.17
CA THR H 220 -42.35 -24.02 54.32
C THR H 220 -42.33 -23.14 55.56
N LYS H 221 -43.48 -22.97 56.19
CA LYS H 221 -43.60 -22.31 57.48
C LYS H 221 -44.29 -23.26 58.45
N VAL H 222 -43.70 -23.43 59.63
CA VAL H 222 -44.21 -24.30 60.68
C VAL H 222 -44.23 -23.50 61.97
N ASP H 223 -45.36 -23.53 62.68
CA ASP H 223 -45.50 -22.98 64.03
C ASP H 223 -45.72 -24.16 64.96
N LYS H 224 -44.64 -24.61 65.60
CA LYS H 224 -44.66 -25.84 66.39
C LYS H 224 -44.85 -25.49 67.87
N ARG H 225 -45.99 -25.89 68.43
CA ARG H 225 -46.19 -25.85 69.87
C ARG H 225 -45.28 -26.86 70.56
N VAL H 226 -44.53 -26.40 71.55
CA VAL H 226 -43.63 -27.25 72.33
C VAL H 226 -44.22 -27.36 73.72
N GLU H 227 -44.82 -28.49 74.02
CA GLU H 227 -45.37 -28.74 75.33
C GLU H 227 -44.49 -29.73 76.07
N PRO H 228 -44.49 -29.71 77.39
CA PRO H 228 -43.89 -30.82 78.13
C PRO H 228 -44.50 -32.14 77.65
N LYS H 229 -43.67 -33.18 77.57
CA LYS H 229 -44.16 -34.49 77.12
C LYS H 229 -45.29 -35.05 77.99
N ALA I 1 5.98 -25.17 48.21
CA ALA I 1 5.20 -24.01 48.60
C ALA I 1 5.66 -23.48 49.95
N ILE I 2 5.03 -22.39 50.39
CA ILE I 2 5.34 -21.75 51.67
C ILE I 2 4.15 -21.92 52.60
N GLN I 3 4.41 -22.36 53.81
CA GLN I 3 3.38 -22.56 54.83
C GLN I 3 3.50 -21.50 55.90
N LEU I 4 2.40 -20.82 56.18
CA LEU I 4 2.34 -19.80 57.21
C LEU I 4 1.67 -20.38 58.44
N THR I 5 2.36 -20.31 59.58
CA THR I 5 1.84 -20.82 60.84
C THR I 5 1.47 -19.64 61.73
N GLN I 6 0.20 -19.58 62.12
CA GLN I 6 -0.32 -18.47 62.91
C GLN I 6 -0.76 -19.02 64.27
N ALA I 7 -0.16 -18.49 65.34
CA ALA I 7 -0.46 -18.91 66.69
C ALA I 7 -0.48 -17.69 67.61
N PRO I 8 -1.25 -17.73 68.70
CA PRO I 8 -2.18 -18.80 69.12
C PRO I 8 -3.47 -18.76 68.32
N LEU I 9 -4.11 -19.91 68.11
CA LEU I 9 -5.31 -19.97 67.28
C LEU I 9 -6.52 -19.28 67.91
N THR I 10 -6.44 -18.93 69.19
CA THR I 10 -7.56 -18.27 69.87
C THR I 10 -6.99 -17.47 71.03
N VAL I 11 -7.04 -16.14 70.94
CA VAL I 11 -6.59 -15.25 71.99
C VAL I 11 -7.77 -14.42 72.47
N SER I 12 -7.95 -14.34 73.78
CA SER I 12 -9.09 -13.66 74.39
C SER I 12 -8.60 -12.48 75.20
N ALA I 13 -9.25 -11.33 75.02
CA ALA I 13 -8.93 -10.14 75.78
C ALA I 13 -10.17 -9.25 75.84
N SER I 14 -10.22 -8.40 76.85
CA SER I 14 -11.35 -7.51 77.05
C SER I 14 -11.14 -6.21 76.29
N ILE I 15 -12.14 -5.34 76.33
CA ILE I 15 -12.08 -4.07 75.61
C ILE I 15 -11.06 -3.17 76.28
N GLY I 16 -10.11 -2.66 75.49
CA GLY I 16 -9.09 -1.77 75.99
C GLY I 16 -7.81 -2.47 76.40
N ASP I 17 -7.42 -3.48 75.63
CA ASP I 17 -6.19 -4.23 75.88
C ASP I 17 -5.27 -4.13 74.67
N THR I 18 -4.10 -4.75 74.78
CA THR I 18 -3.12 -4.79 73.70
C THR I 18 -2.78 -6.25 73.43
N ILE I 19 -2.93 -6.67 72.17
CA ILE I 19 -2.68 -8.05 71.77
C ILE I 19 -1.60 -8.05 70.68
N THR I 20 -0.80 -9.12 70.68
CA THR I 20 0.17 -9.36 69.62
C THR I 20 -0.14 -10.69 68.96
N LEU I 21 -0.28 -10.67 67.63
CA LEU I 21 -0.54 -11.88 66.86
C LEU I 21 0.71 -12.27 66.10
N THR I 22 1.00 -13.57 66.05
CA THR I 22 2.21 -14.08 65.41
C THR I 22 1.85 -14.88 64.17
N CYS I 23 2.61 -14.66 63.10
CA CYS I 23 2.49 -15.44 61.87
C CYS I 23 3.90 -15.83 61.44
N ARG I 24 4.25 -17.10 61.63
CA ARG I 24 5.57 -17.62 61.30
C ARG I 24 5.55 -18.27 59.92
N ALA I 25 6.48 -17.87 59.07
CA ALA I 25 6.59 -18.44 57.74
C ALA I 25 7.55 -19.63 57.74
N SER I 26 7.49 -20.41 56.67
CA SER I 26 8.41 -21.54 56.52
C SER I 26 9.78 -21.07 56.06
N GLN I 27 9.84 -20.46 54.88
CA GLN I 27 11.06 -19.85 54.38
C GLN I 27 11.11 -18.39 54.80
N ASP I 28 12.04 -17.63 54.23
CA ASP I 28 12.08 -16.19 54.42
C ASP I 28 11.33 -15.54 53.26
N ILE I 29 10.22 -14.89 53.56
CA ILE I 29 9.39 -14.26 52.55
C ILE I 29 9.63 -12.75 52.47
N SER I 30 10.80 -12.30 52.93
CA SER I 30 11.14 -10.87 52.98
C SER I 30 10.08 -10.19 53.83
N ILE I 31 9.52 -9.07 53.42
CA ILE I 31 8.49 -8.37 54.18
C ILE I 31 7.12 -8.51 53.55
N TRP I 32 6.98 -9.28 52.47
CA TRP I 32 5.72 -9.41 51.75
C TRP I 32 4.78 -10.32 52.52
N LEU I 33 4.02 -9.73 53.44
CA LEU I 33 3.00 -10.46 54.18
C LEU I 33 1.91 -9.48 54.59
N SER I 34 0.71 -9.66 54.08
CA SER I 34 -0.42 -8.79 54.36
C SER I 34 -1.38 -9.44 55.34
N TRP I 35 -2.10 -8.60 56.09
CA TRP I 35 -3.00 -9.04 57.15
C TRP I 35 -4.43 -8.70 56.77
N TYR I 36 -5.33 -9.66 56.94
CA TYR I 36 -6.75 -9.50 56.64
C TYR I 36 -7.60 -9.84 57.85
N ARG I 37 -8.65 -9.08 58.06
CA ARG I 37 -9.57 -9.27 59.17
C ARG I 37 -10.94 -9.66 58.63
N GLN I 38 -11.49 -10.76 59.14
CA GLN I 38 -12.80 -11.25 58.72
C GLN I 38 -13.76 -11.15 59.91
N MET I 39 -14.63 -10.15 59.87
CA MET I 39 -15.71 -10.09 60.85
C MET I 39 -16.66 -11.26 60.62
N PRO I 40 -17.14 -11.91 61.70
CA PRO I 40 -17.99 -13.09 61.53
C PRO I 40 -19.21 -12.84 60.64
N GLY I 41 -19.25 -13.52 59.49
CA GLY I 41 -20.32 -13.40 58.53
C GLY I 41 -20.06 -12.42 57.41
N LYS I 42 -19.11 -11.51 57.59
CA LYS I 42 -18.78 -10.51 56.58
C LYS I 42 -17.67 -11.05 55.68
N ALA I 43 -17.08 -10.15 54.87
CA ALA I 43 -15.96 -10.48 54.01
C ALA I 43 -14.65 -9.96 54.60
N PRO I 44 -13.54 -10.64 54.36
CA PRO I 44 -12.25 -10.16 54.87
C PRO I 44 -11.87 -8.82 54.27
N GLU I 45 -11.18 -8.01 55.05
CA GLU I 45 -10.72 -6.71 54.62
C GLU I 45 -9.24 -6.54 54.93
N LEU I 46 -8.57 -5.76 54.10
CA LEU I 46 -7.14 -5.53 54.27
C LEU I 46 -6.87 -4.58 55.43
N LEU I 47 -6.00 -5.02 56.36
CA LEU I 47 -5.51 -4.14 57.42
C LEU I 47 -4.11 -3.62 57.13
N ILE I 48 -3.15 -4.53 56.98
CA ILE I 48 -1.74 -4.19 56.82
C ILE I 48 -1.21 -4.92 55.60
N TYR I 49 -0.48 -4.20 54.77
CA TYR I 49 0.24 -4.81 53.63
C TYR I 49 1.72 -4.54 53.81
N ALA I 50 2.56 -5.40 53.24
CA ALA I 50 4.02 -5.35 53.39
C ALA I 50 4.44 -5.41 54.84
N ALA I 51 3.58 -5.97 55.70
CA ALA I 51 3.81 -6.25 57.11
C ALA I 51 3.99 -4.99 57.95
N SER I 52 4.00 -3.80 57.35
CA SER I 52 4.17 -2.57 58.12
C SER I 52 3.24 -1.44 57.71
N THR I 53 2.72 -1.42 56.49
CA THR I 53 1.98 -0.28 55.97
C THR I 53 0.50 -0.42 56.29
N LEU I 54 -0.08 0.63 56.86
CA LEU I 54 -1.48 0.62 57.23
C LEU I 54 -2.36 0.98 56.03
N ARG I 55 -3.44 0.21 55.85
CA ARG I 55 -4.39 0.48 54.75
C ARG I 55 -5.09 1.81 55.00
N GLY I 56 -5.51 2.49 53.93
CA GLY I 56 -6.20 3.79 54.05
C GLY I 56 -7.51 3.63 54.79
N GLY I 57 -7.60 4.20 55.98
CA GLY I 57 -8.80 4.11 56.79
C GLY I 57 -8.64 3.27 58.04
N VAL I 58 -7.66 2.39 58.08
CA VAL I 58 -7.39 1.60 59.28
C VAL I 58 -6.85 2.53 60.37
N PRO I 59 -7.36 2.45 61.60
CA PRO I 59 -6.86 3.32 62.66
C PRO I 59 -5.40 3.04 62.98
N SER I 60 -4.73 4.07 63.53
CA SER I 60 -3.30 3.99 63.80
C SER I 60 -2.97 2.99 64.91
N ARG I 61 -3.98 2.47 65.62
CA ARG I 61 -3.74 1.47 66.64
C ARG I 61 -3.12 0.20 66.04
N PHE I 62 -3.59 -0.22 64.87
CA PHE I 62 -3.04 -1.41 64.22
C PHE I 62 -1.62 -1.14 63.75
N SER I 63 -0.75 -2.15 63.90
CA SER I 63 0.63 -2.02 63.50
C SER I 63 1.26 -3.40 63.36
N GLY I 64 2.12 -3.56 62.36
CA GLY I 64 2.89 -4.76 62.17
C GLY I 64 4.39 -4.49 62.31
N ALA I 65 5.16 -5.56 62.19
CA ALA I 65 6.60 -5.46 62.34
C ALA I 65 7.27 -6.69 61.72
N ARG I 66 8.60 -6.67 61.72
CA ARG I 66 9.46 -7.79 61.31
C ARG I 66 9.46 -8.03 59.81
N SER I 67 10.63 -8.35 59.25
CA SER I 67 10.79 -8.62 57.83
C SER I 67 11.53 -9.93 57.58
N GLY I 68 11.50 -10.84 58.54
CA GLY I 68 12.18 -12.11 58.40
C GLY I 68 11.21 -13.28 58.32
N THR I 69 11.00 -13.96 59.44
CA THR I 69 10.10 -15.11 59.49
C THR I 69 9.00 -14.96 60.52
N ASP I 70 9.27 -14.38 61.68
CA ASP I 70 8.27 -14.25 62.75
C ASP I 70 7.59 -12.89 62.64
N PHE I 71 6.62 -12.80 61.73
CA PHE I 71 5.83 -11.59 61.57
C PHE I 71 4.85 -11.41 62.73
N SER I 72 4.65 -10.17 63.13
CA SER I 72 3.79 -9.86 64.26
C SER I 72 2.87 -8.70 63.93
N LEU I 73 1.66 -8.75 64.49
CA LEU I 73 0.69 -7.67 64.40
C LEU I 73 0.24 -7.30 65.81
N LYS I 74 0.22 -5.99 66.10
CA LYS I 74 -0.12 -5.49 67.42
C LYS I 74 -1.36 -4.61 67.33
N ILE I 75 -2.34 -4.88 68.19
CA ILE I 75 -3.56 -4.09 68.28
C ILE I 75 -3.56 -3.36 69.61
N LYS I 76 -3.82 -2.05 69.57
CA LYS I 76 -3.93 -1.23 70.76
C LYS I 76 -5.36 -0.69 70.88
N ASN I 77 -5.79 -0.49 72.12
CA ASN I 77 -7.11 0.08 72.40
C ASN I 77 -8.21 -0.75 71.74
N LEU I 78 -8.34 -1.99 72.21
CA LEU I 78 -9.31 -2.92 71.65
C LEU I 78 -10.72 -2.36 71.71
N GLN I 79 -11.47 -2.57 70.64
CA GLN I 79 -12.86 -2.18 70.51
C GLN I 79 -13.64 -3.37 69.98
N PRO I 80 -14.97 -3.39 70.15
CA PRO I 80 -15.75 -4.56 69.73
C PRO I 80 -15.58 -4.91 68.26
N GLU I 81 -15.27 -3.93 67.41
CA GLU I 81 -15.07 -4.23 65.99
C GLU I 81 -13.78 -4.96 65.71
N ASP I 82 -12.87 -5.06 66.68
CA ASP I 82 -11.62 -5.78 66.49
C ASP I 82 -11.72 -7.27 66.81
N PHE I 83 -12.84 -7.72 67.35
CA PHE I 83 -13.02 -9.12 67.71
C PHE I 83 -13.47 -9.90 66.48
N ALA I 84 -12.51 -10.22 65.63
CA ALA I 84 -12.76 -10.95 64.39
C ALA I 84 -11.64 -11.95 64.19
N THR I 85 -11.64 -12.61 63.03
CA THR I 85 -10.63 -13.60 62.69
C THR I 85 -9.61 -12.95 61.75
N TYR I 86 -8.35 -12.98 62.15
CA TYR I 86 -7.28 -12.36 61.39
C TYR I 86 -6.50 -13.41 60.61
N TYR I 87 -6.12 -13.06 59.38
CA TYR I 87 -5.38 -13.96 58.52
C TYR I 87 -4.15 -13.26 57.99
N CYS I 88 -3.04 -14.00 57.90
CA CYS I 88 -1.80 -13.50 57.32
C CYS I 88 -1.60 -14.19 55.98
N PHE I 89 -1.30 -13.40 54.95
CA PHE I 89 -1.21 -13.87 53.58
C PHE I 89 0.13 -13.45 53.00
N GLN I 90 0.91 -14.41 52.54
CA GLN I 90 2.21 -14.13 51.94
C GLN I 90 2.07 -13.91 50.45
N SER I 91 3.02 -13.15 49.89
CA SER I 91 3.00 -12.83 48.47
C SER I 91 4.38 -12.99 47.84
N ASP I 92 5.22 -13.85 48.40
CA ASP I 92 6.55 -14.06 47.86
C ASP I 92 6.56 -15.08 46.72
N SER I 93 6.13 -16.30 47.00
CA SER I 93 6.10 -17.37 46.01
C SER I 93 4.70 -17.51 45.45
N TYR I 94 4.62 -17.87 44.16
CA TYR I 94 3.34 -17.91 43.42
C TYR I 94 2.36 -18.95 43.96
N PRO I 95 2.73 -20.15 44.47
CA PRO I 95 1.81 -20.91 45.32
C PRO I 95 1.52 -20.10 46.58
N ARG I 96 0.55 -19.18 46.49
CA ARG I 96 0.16 -18.32 47.61
C ARG I 96 -0.48 -19.14 48.72
N ALA I 97 -0.35 -18.65 49.95
CA ALA I 97 -0.87 -19.34 51.11
C ALA I 97 -1.40 -18.34 52.13
N PHE I 98 -2.36 -18.79 52.92
CA PHE I 98 -2.95 -18.01 53.99
C PHE I 98 -2.56 -18.61 55.34
N GLY I 99 -2.77 -17.81 56.38
CA GLY I 99 -2.63 -18.32 57.73
C GLY I 99 -3.83 -19.14 58.15
N GLN I 100 -3.70 -19.78 59.32
CA GLN I 100 -4.79 -20.60 59.82
C GLN I 100 -5.93 -19.76 60.37
N GLY I 101 -5.63 -18.56 60.85
CA GLY I 101 -6.66 -17.69 61.37
C GLY I 101 -6.67 -17.62 62.88
N THR I 102 -6.49 -16.42 63.43
CA THR I 102 -6.50 -16.20 64.87
C THR I 102 -7.83 -15.55 65.25
N LYS I 103 -8.65 -16.30 65.98
CA LYS I 103 -9.97 -15.82 66.39
C LYS I 103 -9.82 -15.05 67.69
N VAL I 104 -9.97 -13.74 67.62
CA VAL I 104 -9.88 -12.87 68.79
C VAL I 104 -11.28 -12.64 69.33
N GLU I 105 -11.49 -12.96 70.60
CA GLU I 105 -12.79 -12.80 71.25
C GLU I 105 -12.60 -12.08 72.58
N ILE I 106 -13.69 -11.88 73.28
CA ILE I 106 -13.68 -11.27 74.61
C ILE I 106 -13.56 -12.38 75.66
N THR I 107 -12.93 -12.06 76.78
CA THR I 107 -12.71 -13.03 77.84
C THR I 107 -14.01 -13.54 78.44
N THR I 109 -16.41 -14.03 82.39
CA THR I 109 -16.27 -14.76 83.65
C THR I 109 -16.39 -16.26 83.38
N VAL I 110 -15.49 -17.06 83.96
CA VAL I 110 -15.58 -18.50 83.77
C VAL I 110 -16.90 -18.99 84.35
N ALA I 111 -17.66 -19.71 83.54
CA ALA I 111 -18.97 -20.16 83.98
C ALA I 111 -19.25 -21.49 83.34
N ALA I 112 -19.58 -22.49 84.17
CA ALA I 112 -19.93 -23.81 83.70
C ALA I 112 -21.27 -23.80 82.97
N PRO I 113 -21.43 -24.65 81.96
CA PRO I 113 -22.73 -24.74 81.27
C PRO I 113 -23.80 -25.30 82.18
N SER I 114 -25.02 -24.82 81.96
CA SER I 114 -26.23 -25.51 82.40
C SER I 114 -26.55 -26.54 81.33
N VAL I 115 -26.74 -27.80 81.71
CA VAL I 115 -26.84 -28.90 80.76
C VAL I 115 -28.26 -29.46 80.75
N PHE I 116 -28.78 -29.76 79.54
CA PHE I 116 -30.10 -30.32 79.38
C PHE I 116 -30.04 -31.40 78.31
N ILE I 117 -30.81 -32.48 78.51
CA ILE I 117 -30.89 -33.55 77.52
C ILE I 117 -32.33 -33.71 77.08
N PHE I 118 -32.51 -33.99 75.79
CA PHE I 118 -33.83 -34.09 75.18
C PHE I 118 -33.96 -35.42 74.45
N PRO I 119 -34.92 -36.25 74.79
CA PRO I 119 -35.14 -37.49 74.04
C PRO I 119 -35.70 -37.19 72.66
N PRO I 120 -35.59 -38.14 71.74
CA PRO I 120 -36.26 -37.99 70.45
C PRO I 120 -37.77 -37.99 70.65
N SER I 121 -38.46 -37.29 69.76
CA SER I 121 -39.90 -37.31 69.77
C SER I 121 -40.43 -38.61 69.15
N ASP I 122 -41.60 -39.04 69.62
CA ASP I 122 -42.22 -40.21 69.02
C ASP I 122 -42.54 -40.00 67.56
N GLU I 123 -42.83 -38.75 67.16
CA GLU I 123 -43.09 -38.44 65.76
C GLU I 123 -41.86 -38.71 64.90
N GLN I 124 -40.68 -38.30 65.37
CA GLN I 124 -39.46 -38.61 64.64
C GLN I 124 -39.24 -40.12 64.54
N LEU I 125 -39.47 -40.83 65.65
CA LEU I 125 -39.17 -42.27 65.69
C LEU I 125 -39.92 -43.03 64.60
N LYS I 126 -41.13 -42.58 64.24
CA LYS I 126 -41.89 -43.23 63.19
C LYS I 126 -41.14 -43.23 61.86
N SER I 127 -40.18 -42.31 61.70
CA SER I 127 -39.38 -42.17 60.49
C SER I 127 -38.19 -43.14 60.42
N GLY I 128 -37.92 -43.92 61.47
CA GLY I 128 -36.80 -44.83 61.45
C GLY I 128 -35.51 -44.29 62.03
N THR I 129 -35.47 -43.04 62.47
CA THR I 129 -34.26 -42.41 62.96
C THR I 129 -34.60 -41.67 64.26
N ALA I 130 -33.60 -41.60 65.15
CA ALA I 130 -33.75 -40.97 66.45
C ALA I 130 -32.66 -39.93 66.64
N SER I 131 -33.04 -38.72 67.04
CA SER I 131 -32.08 -37.68 67.40
C SER I 131 -32.18 -37.40 68.89
N VAL I 132 -31.05 -37.50 69.60
CA VAL I 132 -30.95 -37.11 71.00
C VAL I 132 -30.13 -35.83 71.05
N VAL I 133 -30.63 -34.81 71.76
CA VAL I 133 -30.01 -33.49 71.75
C VAL I 133 -29.55 -33.13 73.16
N CYS I 134 -28.33 -32.64 73.27
CA CYS I 134 -27.78 -32.17 74.53
C CYS I 134 -27.48 -30.69 74.37
N LEU I 135 -27.99 -29.87 75.29
CA LEU I 135 -27.80 -28.43 75.26
C LEU I 135 -26.85 -28.03 76.38
N LEU I 136 -25.81 -27.27 76.04
CA LEU I 136 -24.90 -26.67 77.01
C LEU I 136 -25.15 -25.17 76.95
N ASN I 137 -25.71 -24.60 78.01
CA ASN I 137 -26.20 -23.22 77.94
C ASN I 137 -25.32 -22.24 78.71
N ASN I 138 -24.97 -21.14 78.05
CA ASN I 138 -24.44 -19.92 78.69
C ASN I 138 -23.17 -20.20 79.49
N PHE I 139 -22.13 -20.64 78.79
CA PHE I 139 -20.87 -20.98 79.41
C PHE I 139 -19.74 -20.16 78.82
N TYR I 140 -18.65 -20.06 79.58
CA TYR I 140 -17.45 -19.41 79.12
C TYR I 140 -16.30 -20.10 79.85
N PRO I 141 -15.19 -20.44 79.17
CA PRO I 141 -14.82 -20.19 77.77
C PRO I 141 -15.49 -21.13 76.78
N ARG I 142 -15.21 -20.89 75.50
CA ARG I 142 -15.91 -21.58 74.44
C ARG I 142 -15.57 -23.07 74.39
N GLU I 143 -14.37 -23.45 74.84
CA GLU I 143 -13.95 -24.85 74.77
C GLU I 143 -14.80 -25.71 75.72
N ALA I 144 -15.41 -26.76 75.18
CA ALA I 144 -16.25 -27.68 75.95
C ALA I 144 -16.20 -29.04 75.27
N LYS I 145 -16.41 -30.10 76.06
CA LYS I 145 -16.38 -31.46 75.54
C LYS I 145 -17.66 -32.21 75.91
N VAL I 146 -18.32 -32.78 74.91
CA VAL I 146 -19.54 -33.55 75.09
C VAL I 146 -19.21 -35.00 74.73
N GLN I 147 -19.53 -35.92 75.64
CA GLN I 147 -19.38 -37.34 75.37
C GLN I 147 -20.75 -37.98 75.55
N TRP I 148 -21.22 -38.65 74.49
CA TRP I 148 -22.47 -39.38 74.57
C TRP I 148 -22.24 -40.80 75.06
N LYS I 149 -23.14 -41.29 75.91
CA LYS I 149 -23.11 -42.67 76.36
C LYS I 149 -24.48 -43.29 76.19
N VAL I 150 -24.49 -44.54 75.76
CA VAL I 150 -25.72 -45.30 75.58
C VAL I 150 -25.51 -46.60 76.32
N ASP I 151 -26.29 -46.82 77.38
CA ASP I 151 -26.07 -47.96 78.28
C ASP I 151 -24.61 -48.04 78.70
N ASN I 152 -24.03 -46.88 79.00
CA ASN I 152 -22.66 -46.66 79.47
C ASN I 152 -21.59 -46.86 78.41
N ALA I 153 -21.97 -47.16 77.16
CA ALA I 153 -20.99 -47.35 76.10
C ALA I 153 -20.68 -46.02 75.43
N LEU I 154 -19.39 -45.70 75.35
CA LEU I 154 -18.94 -44.44 74.78
C LEU I 154 -19.24 -44.39 73.30
N GLN I 155 -19.97 -43.38 72.87
CA GLN I 155 -20.32 -43.23 71.46
C GLN I 155 -19.21 -42.46 70.74
N SER I 156 -19.01 -42.81 69.47
CA SER I 156 -18.00 -42.13 68.67
C SER I 156 -18.47 -42.08 67.23
N GLY I 157 -18.37 -40.90 66.61
CA GLY I 157 -18.61 -40.75 65.20
C GLY I 157 -20.05 -40.49 64.79
N ASN I 158 -21.00 -40.57 65.72
CA ASN I 158 -22.41 -40.41 65.40
C ASN I 158 -23.03 -39.17 66.03
N SER I 159 -22.25 -38.12 66.27
CA SER I 159 -22.78 -36.87 66.78
C SER I 159 -22.22 -35.69 65.99
N GLN I 160 -22.97 -34.59 65.97
CA GLN I 160 -22.49 -33.32 65.44
C GLN I 160 -22.87 -32.20 66.40
N GLU I 161 -22.07 -31.13 66.41
CA GLU I 161 -22.34 -30.07 67.35
C GLU I 161 -22.15 -28.71 66.69
N SER I 162 -22.73 -27.70 67.32
CA SER I 162 -22.80 -26.36 66.78
C SER I 162 -22.79 -25.39 67.97
N VAL I 163 -22.10 -24.24 67.81
CA VAL I 163 -21.93 -23.27 68.89
C VAL I 163 -22.43 -21.90 68.45
N THR I 164 -23.05 -21.16 69.37
CA THR I 164 -23.49 -19.80 69.08
C THR I 164 -22.29 -18.84 69.00
N GLU I 165 -22.55 -17.65 68.48
CA GLU I 165 -21.61 -16.55 68.64
C GLU I 165 -21.60 -16.06 70.09
N GLN I 166 -20.52 -15.40 70.46
CA GLN I 166 -20.40 -14.88 71.82
C GLN I 166 -21.49 -13.87 72.12
N ASP I 167 -22.15 -14.03 73.27
CA ASP I 167 -23.24 -13.13 73.63
C ASP I 167 -22.72 -11.72 73.92
N SER I 168 -23.45 -10.72 73.43
CA SER I 168 -22.97 -9.35 73.51
C SER I 168 -23.03 -8.80 74.93
N LYS I 169 -23.92 -9.32 75.78
CA LYS I 169 -24.10 -8.78 77.11
C LYS I 169 -23.39 -9.58 78.20
N ASP I 170 -23.25 -10.90 78.08
CA ASP I 170 -22.62 -11.66 79.15
C ASP I 170 -21.40 -12.46 78.68
N SER I 171 -21.03 -12.35 77.40
CA SER I 171 -19.83 -12.94 76.81
C SER I 171 -19.83 -14.46 76.85
N THR I 172 -20.97 -15.09 77.01
CA THR I 172 -21.03 -16.55 77.06
C THR I 172 -21.35 -17.15 75.69
N TYR I 173 -21.22 -18.47 75.63
CA TYR I 173 -21.57 -19.30 74.48
C TYR I 173 -22.62 -20.32 74.87
N SER I 174 -23.30 -20.87 73.87
CA SER I 174 -24.12 -22.05 74.07
C SER I 174 -23.76 -23.06 72.98
N LEU I 175 -23.96 -24.35 73.28
CA LEU I 175 -23.60 -25.42 72.36
C LEU I 175 -24.73 -26.43 72.28
N SER I 176 -24.97 -26.97 71.10
CA SER I 176 -25.98 -27.99 70.89
C SER I 176 -25.32 -29.17 70.18
N SER I 177 -25.46 -30.35 70.76
CA SER I 177 -24.93 -31.58 70.18
C SER I 177 -26.07 -32.54 69.90
N THR I 178 -26.06 -33.14 68.71
CA THR I 178 -27.09 -34.09 68.33
C THR I 178 -26.44 -35.45 68.13
N LEU I 179 -26.93 -36.46 68.86
CA LEU I 179 -26.57 -37.85 68.63
C LEU I 179 -27.62 -38.48 67.72
N THR I 180 -27.19 -39.07 66.61
CA THR I 180 -28.11 -39.68 65.65
C THR I 180 -27.97 -41.19 65.69
N LEU I 181 -29.09 -41.87 65.93
CA LEU I 181 -29.17 -43.33 65.98
C LEU I 181 -30.29 -43.80 65.09
N SER I 182 -30.18 -45.02 64.57
CA SER I 182 -31.34 -45.67 63.98
C SER I 182 -32.38 -45.90 65.06
N LYS I 183 -33.65 -45.98 64.64
CA LYS I 183 -34.70 -46.38 65.56
C LYS I 183 -34.41 -47.77 66.16
N ALA I 184 -33.97 -48.72 65.31
CA ALA I 184 -33.67 -50.06 65.80
C ALA I 184 -32.62 -50.03 66.92
N ASP I 185 -31.58 -49.22 66.75
CA ASP I 185 -30.58 -49.12 67.80
C ASP I 185 -31.16 -48.41 69.02
N TYR I 186 -31.89 -47.33 68.79
CA TYR I 186 -32.44 -46.57 69.91
C TYR I 186 -33.26 -47.48 70.83
N GLU I 187 -34.06 -48.36 70.26
CA GLU I 187 -34.98 -49.20 71.03
C GLU I 187 -34.31 -50.43 71.63
N LYS I 188 -33.02 -50.63 71.40
CA LYS I 188 -32.28 -51.74 72.00
C LYS I 188 -31.60 -51.35 73.30
N HIS I 189 -31.72 -50.09 73.72
CA HIS I 189 -30.97 -49.60 74.86
C HIS I 189 -31.86 -48.72 75.73
N LYS I 190 -31.46 -48.59 76.99
CA LYS I 190 -32.25 -47.94 78.02
C LYS I 190 -31.74 -46.56 78.39
N VAL I 191 -30.46 -46.45 78.75
CA VAL I 191 -29.93 -45.25 79.39
C VAL I 191 -29.18 -44.42 78.36
N TYR I 192 -29.65 -43.18 78.14
CA TYR I 192 -29.02 -42.24 77.23
C TYR I 192 -28.49 -41.07 78.02
N ALA I 193 -27.20 -40.78 77.89
CA ALA I 193 -26.54 -39.81 78.76
C ALA I 193 -25.59 -38.95 77.94
N CYS I 194 -25.55 -37.64 78.24
CA CYS I 194 -24.46 -36.81 77.73
C CYS I 194 -23.62 -36.35 78.91
N GLU I 195 -22.31 -36.58 78.80
CA GLU I 195 -21.34 -36.22 79.81
C GLU I 195 -20.55 -35.00 79.34
N VAL I 196 -20.51 -33.95 80.15
CA VAL I 196 -19.96 -32.66 79.74
C VAL I 196 -18.74 -32.34 80.60
N THR I 197 -17.65 -31.99 79.94
CA THR I 197 -16.41 -31.53 80.56
C THR I 197 -16.20 -30.08 80.19
N HIS I 198 -15.85 -29.27 81.19
CA HIS I 198 -15.66 -27.85 80.94
C HIS I 198 -14.82 -27.29 82.07
N GLN I 199 -14.09 -26.22 81.79
CA GLN I 199 -13.20 -25.64 82.79
C GLN I 199 -13.94 -25.24 84.06
N GLY I 200 -15.19 -24.78 83.93
CA GLY I 200 -15.97 -24.40 85.10
C GLY I 200 -16.51 -25.54 85.93
N LEU I 201 -16.22 -26.79 85.56
CA LEU I 201 -16.71 -27.97 86.25
C LEU I 201 -15.54 -28.74 86.86
N SER I 202 -15.63 -29.00 88.17
CA SER I 202 -14.58 -29.77 88.85
C SER I 202 -14.59 -31.24 88.45
N SER I 203 -15.75 -31.77 88.09
CA SER I 203 -15.87 -33.11 87.54
C SER I 203 -17.01 -33.09 86.55
N PRO I 204 -17.02 -34.01 85.59
CA PRO I 204 -18.00 -33.93 84.50
C PRO I 204 -19.42 -34.01 85.02
N VAL I 205 -20.32 -33.33 84.31
CA VAL I 205 -21.75 -33.36 84.63
C VAL I 205 -22.43 -34.27 83.62
N THR I 206 -23.30 -35.15 84.11
CA THR I 206 -24.03 -36.07 83.23
C THR I 206 -25.52 -35.84 83.39
N LYS I 207 -26.20 -35.62 82.28
CA LYS I 207 -27.65 -35.58 82.24
C LYS I 207 -28.11 -36.80 81.46
N SER I 208 -29.13 -37.49 81.96
CA SER I 208 -29.54 -38.73 81.31
C SER I 208 -31.05 -38.89 81.38
N PHE I 209 -31.54 -39.82 80.58
CA PHE I 209 -32.91 -40.30 80.69
C PHE I 209 -32.92 -41.80 80.42
N ASN I 210 -34.02 -42.44 80.77
CA ASN I 210 -34.27 -43.84 80.46
C ASN I 210 -35.42 -43.92 79.44
N ARG I 211 -35.14 -44.51 78.28
CA ARG I 211 -36.11 -44.57 77.19
C ARG I 211 -37.45 -45.15 77.64
N ALA J 1 -42.41 6.36 -28.30
CA ALA J 1 -42.84 6.82 -26.98
C ALA J 1 -44.06 6.04 -26.49
N ILE J 2 -44.51 6.35 -25.28
CA ILE J 2 -45.66 5.71 -24.67
C ILE J 2 -46.77 6.74 -24.55
N GLN J 3 -47.97 6.37 -24.98
CA GLN J 3 -49.13 7.24 -24.92
C GLN J 3 -50.09 6.73 -23.85
N LEU J 4 -50.48 7.61 -22.94
CA LEU J 4 -51.43 7.29 -21.89
C LEU J 4 -52.80 7.85 -22.27
N THR J 5 -53.80 6.99 -22.30
CA THR J 5 -55.17 7.38 -22.63
C THR J 5 -56.01 7.36 -21.36
N GLN J 6 -56.59 8.50 -21.01
CA GLN J 6 -57.36 8.66 -19.80
C GLN J 6 -58.81 8.96 -20.17
N ALA J 7 -59.72 8.11 -19.74
CA ALA J 7 -61.14 8.24 -20.03
C ALA J 7 -61.95 7.87 -18.79
N PRO J 8 -63.14 8.45 -18.62
CA PRO J 8 -63.78 9.48 -19.45
C PRO J 8 -63.18 10.86 -19.18
N LEU J 9 -63.18 11.75 -20.18
CA LEU J 9 -62.54 13.05 -20.02
C LEU J 9 -63.30 13.97 -19.08
N THR J 10 -64.52 13.61 -18.69
CA THR J 10 -65.30 14.45 -17.78
C THR J 10 -66.31 13.55 -17.06
N VAL J 11 -66.12 13.35 -15.76
CA VAL J 11 -67.03 12.55 -14.95
C VAL J 11 -67.61 13.45 -13.87
N SER J 12 -68.92 13.39 -13.69
CA SER J 12 -69.64 14.26 -12.76
C SER J 12 -70.28 13.42 -11.67
N ALA J 13 -70.11 13.84 -10.43
CA ALA J 13 -70.72 13.17 -9.29
C ALA J 13 -70.90 14.17 -8.16
N SER J 14 -71.84 13.88 -7.28
CA SER J 14 -72.14 14.77 -6.16
C SER J 14 -71.25 14.43 -4.97
N ILE J 15 -71.38 15.22 -3.90
CA ILE J 15 -70.57 15.02 -2.72
C ILE J 15 -71.00 13.74 -2.02
N GLY J 16 -70.04 12.86 -1.76
CA GLY J 16 -70.32 11.61 -1.07
C GLY J 16 -70.58 10.45 -2.01
N ASP J 17 -69.82 10.40 -3.11
CA ASP J 17 -69.94 9.33 -4.10
C ASP J 17 -68.60 8.62 -4.24
N THR J 18 -68.58 7.59 -5.08
CA THR J 18 -67.37 6.84 -5.38
C THR J 18 -67.16 6.84 -6.89
N ILE J 19 -65.98 7.28 -7.32
CA ILE J 19 -65.65 7.38 -8.74
C ILE J 19 -64.42 6.52 -9.01
N THR J 20 -64.36 5.96 -10.21
CA THR J 20 -63.19 5.25 -10.70
C THR J 20 -62.69 5.93 -11.96
N LEU J 21 -61.41 6.27 -11.99
CA LEU J 21 -60.77 6.90 -13.13
C LEU J 21 -59.86 5.88 -13.82
N THR J 22 -59.88 5.88 -15.14
CA THR J 22 -59.10 4.92 -15.92
C THR J 22 -57.99 5.63 -16.68
N CYS J 23 -56.80 5.02 -16.68
CA CYS J 23 -55.67 5.50 -17.47
C CYS J 23 -55.06 4.30 -18.16
N ARG J 24 -55.29 4.18 -19.46
CA ARG J 24 -54.81 3.06 -20.26
C ARG J 24 -53.50 3.44 -20.95
N ALA J 25 -52.49 2.60 -20.80
CA ALA J 25 -51.20 2.83 -21.43
C ALA J 25 -51.15 2.15 -22.80
N SER J 26 -50.15 2.54 -23.59
CA SER J 26 -49.96 1.90 -24.89
C SER J 26 -49.25 0.56 -24.73
N GLN J 27 -48.04 0.58 -24.21
CA GLN J 27 -47.31 -0.65 -23.90
C GLN J 27 -47.61 -1.06 -22.46
N ASP J 28 -46.84 -2.01 -21.94
CA ASP J 28 -46.92 -2.37 -20.53
C ASP J 28 -45.83 -1.58 -19.79
N ILE J 29 -46.26 -0.69 -18.90
CA ILE J 29 -45.33 0.15 -18.17
C ILE J 29 -45.11 -0.37 -16.74
N SER J 30 -45.34 -1.65 -16.52
CA SER J 30 -45.23 -2.28 -15.20
C SER J 30 -46.19 -1.53 -14.28
N ILE J 31 -45.77 -1.14 -13.08
CA ILE J 31 -46.63 -0.42 -12.15
C ILE J 31 -46.23 1.04 -12.02
N TRP J 32 -45.25 1.49 -12.79
CA TRP J 32 -44.74 2.87 -12.69
C TRP J 32 -45.72 3.83 -13.35
N LEU J 33 -46.69 4.29 -12.57
CA LEU J 33 -47.63 5.30 -13.04
C LEU J 33 -48.14 6.08 -11.83
N SER J 34 -47.82 7.37 -11.79
CA SER J 34 -48.20 8.24 -10.69
C SER J 34 -49.37 9.13 -11.08
N TRP J 35 -50.15 9.53 -10.08
CA TRP J 35 -51.36 10.31 -10.27
C TRP J 35 -51.20 11.69 -9.65
N TYR J 36 -51.58 12.73 -10.40
CA TYR J 36 -51.48 14.11 -9.95
C TYR J 36 -52.82 14.80 -10.06
N ARG J 37 -53.13 15.63 -9.08
CA ARG J 37 -54.38 16.37 -9.02
C ARG J 37 -54.10 17.86 -9.14
N GLN J 38 -54.77 18.53 -10.08
CA GLN J 38 -54.61 19.96 -10.31
C GLN J 38 -55.90 20.68 -9.96
N MET J 39 -55.93 21.31 -8.80
CA MET J 39 -57.04 22.18 -8.46
C MET J 39 -57.06 23.37 -9.43
N PRO J 40 -58.24 23.78 -9.91
CA PRO J 40 -58.30 24.88 -10.89
C PRO J 40 -57.59 26.15 -10.44
N GLY J 41 -56.52 26.52 -11.14
CA GLY J 41 -55.73 27.68 -10.83
C GLY J 41 -54.52 27.42 -9.98
N LYS J 42 -54.47 26.29 -9.28
CA LYS J 42 -53.34 25.95 -8.42
C LYS J 42 -52.33 25.12 -9.21
N ALA J 43 -51.38 24.52 -8.50
CA ALA J 43 -50.38 23.64 -9.09
C ALA J 43 -50.72 22.17 -8.83
N PRO J 44 -50.36 21.27 -9.74
CA PRO J 44 -50.64 19.86 -9.52
C PRO J 44 -49.88 19.32 -8.32
N GLU J 45 -50.49 18.35 -7.65
CA GLU J 45 -49.89 17.72 -6.48
C GLU J 45 -49.95 16.21 -6.61
N LEU J 46 -48.97 15.54 -6.02
CA LEU J 46 -48.91 14.09 -6.09
C LEU J 46 -49.94 13.45 -5.18
N LEU J 47 -50.74 12.55 -5.74
CA LEU J 47 -51.65 11.72 -4.94
C LEU J 47 -51.11 10.31 -4.74
N ILE J 48 -50.87 9.60 -5.84
CA ILE J 48 -50.49 8.19 -5.81
C ILE J 48 -49.26 8.03 -6.69
N TYR J 49 -48.26 7.31 -6.17
CA TYR J 49 -47.09 6.93 -6.97
C TYR J 49 -47.02 5.41 -7.01
N ALA J 50 -46.39 4.87 -8.05
CA ALA J 50 -46.31 3.43 -8.29
C ALA J 50 -47.68 2.79 -8.38
N ALA J 51 -48.69 3.59 -8.71
CA ALA J 51 -50.07 3.18 -8.97
C ALA J 51 -50.78 2.62 -7.74
N SER J 52 -50.09 2.47 -6.61
CA SER J 52 -50.74 1.94 -5.41
C SER J 52 -50.37 2.67 -4.12
N THR J 53 -49.25 3.38 -4.06
CA THR J 53 -48.78 3.95 -2.80
C THR J 53 -49.33 5.35 -2.62
N LEU J 54 -49.90 5.61 -1.44
CA LEU J 54 -50.48 6.91 -1.14
C LEU J 54 -49.41 7.88 -0.67
N ARG J 55 -49.46 9.11 -1.19
CA ARG J 55 -48.49 10.16 -0.79
C ARG J 55 -48.75 10.52 0.68
N GLY J 56 -47.71 10.97 1.38
CA GLY J 56 -47.84 11.36 2.79
C GLY J 56 -48.77 12.54 2.95
N GLY J 57 -49.92 12.30 3.58
CA GLY J 57 -50.91 13.35 3.78
C GLY J 57 -52.17 13.16 2.98
N VAL J 58 -52.12 12.37 1.91
CA VAL J 58 -53.34 12.08 1.14
C VAL J 58 -54.25 11.19 1.98
N PRO J 59 -55.56 11.49 2.06
CA PRO J 59 -56.45 10.65 2.86
C PRO J 59 -56.57 9.24 2.30
N SER J 60 -56.91 8.30 3.18
CA SER J 60 -56.98 6.90 2.81
C SER J 60 -58.09 6.60 1.81
N ARG J 61 -58.98 7.56 1.55
CA ARG J 61 -60.04 7.35 0.55
C ARG J 61 -59.45 7.11 -0.83
N PHE J 62 -58.40 7.84 -1.20
CA PHE J 62 -57.76 7.66 -2.50
C PHE J 62 -57.06 6.30 -2.56
N SER J 63 -57.15 5.65 -3.71
CA SER J 63 -56.53 4.34 -3.89
C SER J 63 -56.41 4.04 -5.39
N GLY J 64 -55.30 3.41 -5.76
CA GLY J 64 -55.09 2.94 -7.11
C GLY J 64 -54.97 1.42 -7.15
N ALA J 65 -54.82 0.90 -8.37
CA ALA J 65 -54.74 -0.54 -8.56
C ALA J 65 -54.12 -0.83 -9.93
N ARG J 66 -53.90 -2.12 -10.19
CA ARG J 66 -53.47 -2.66 -11.48
C ARG J 66 -52.00 -2.35 -11.78
N SER J 67 -51.30 -3.33 -12.35
CA SER J 67 -49.89 -3.20 -12.72
C SER J 67 -49.63 -3.61 -14.16
N GLY J 68 -50.65 -3.56 -15.00
CA GLY J 68 -50.51 -3.93 -16.39
C GLY J 68 -50.67 -2.75 -17.34
N THR J 69 -51.85 -2.60 -17.91
CA THR J 69 -52.14 -1.52 -18.85
C THR J 69 -53.30 -0.64 -18.42
N ASP J 70 -54.36 -1.22 -17.85
CA ASP J 70 -55.55 -0.46 -17.48
C ASP J 70 -55.44 -0.06 -16.01
N PHE J 71 -54.70 1.01 -15.76
CA PHE J 71 -54.56 1.55 -14.42
C PHE J 71 -55.84 2.28 -14.00
N SER J 72 -56.18 2.16 -12.71
CA SER J 72 -57.40 2.74 -12.19
C SER J 72 -57.13 3.46 -10.88
N LEU J 73 -57.88 4.54 -10.65
CA LEU J 73 -57.85 5.27 -9.39
C LEU J 73 -59.27 5.40 -8.87
N LYS J 74 -59.47 5.11 -7.58
CA LYS J 74 -60.78 5.12 -6.96
C LYS J 74 -60.82 6.16 -5.85
N ILE J 75 -61.83 7.01 -5.86
CA ILE J 75 -62.05 8.02 -4.83
C ILE J 75 -63.30 7.64 -4.06
N LYS J 76 -63.20 7.65 -2.74
CA LYS J 76 -64.33 7.40 -1.85
C LYS J 76 -64.61 8.64 -1.02
N ASN J 77 -65.90 8.82 -0.68
CA ASN J 77 -66.33 9.94 0.16
C ASN J 77 -65.91 11.28 -0.45
N LEU J 78 -66.49 11.56 -1.61
CA LEU J 78 -66.15 12.78 -2.34
C LEU J 78 -66.39 14.02 -1.49
N GLN J 79 -65.46 14.96 -1.59
CA GLN J 79 -65.52 16.25 -0.92
C GLN J 79 -65.22 17.32 -1.95
N PRO J 80 -65.59 18.58 -1.67
CA PRO J 80 -65.38 19.64 -2.67
C PRO J 80 -63.94 19.79 -3.12
N GLU J 81 -62.97 19.44 -2.27
CA GLU J 81 -61.57 19.55 -2.65
C GLU J 81 -61.15 18.48 -3.66
N ASP J 82 -61.97 17.47 -3.91
CA ASP J 82 -61.65 16.44 -4.88
C ASP J 82 -62.09 16.77 -6.29
N PHE J 83 -62.83 17.87 -6.48
CA PHE J 83 -63.33 18.26 -7.79
C PHE J 83 -62.24 19.05 -8.51
N ALA J 84 -61.27 18.32 -9.06
CA ALA J 84 -60.16 18.92 -9.77
C ALA J 84 -59.85 18.07 -10.99
N THR J 85 -58.76 18.39 -11.68
CA THR J 85 -58.35 17.68 -12.88
C THR J 85 -57.22 16.72 -12.51
N TYR J 86 -57.42 15.43 -12.78
CA TYR J 86 -56.46 14.40 -12.42
C TYR J 86 -55.65 14.00 -13.65
N TYR J 87 -54.37 13.77 -13.45
CA TYR J 87 -53.46 13.37 -14.51
C TYR J 87 -52.70 12.12 -14.11
N CYS J 88 -52.50 11.22 -15.07
CA CYS J 88 -51.70 10.03 -14.87
C CYS J 88 -50.40 10.18 -15.64
N PHE J 89 -49.28 9.91 -14.97
CA PHE J 89 -47.94 10.15 -15.52
C PHE J 89 -47.14 8.87 -15.41
N GLN J 90 -46.64 8.38 -16.53
CA GLN J 90 -45.84 7.17 -16.56
C GLN J 90 -44.36 7.51 -16.37
N SER J 91 -43.61 6.53 -15.85
CA SER J 91 -42.19 6.72 -15.61
C SER J 91 -41.37 5.53 -16.06
N ASP J 92 -41.85 4.80 -17.07
CA ASP J 92 -41.13 3.63 -17.58
C ASP J 92 -40.09 4.03 -18.61
N SER J 93 -40.52 4.63 -19.71
CA SER J 93 -39.64 5.04 -20.79
C SER J 93 -39.31 6.52 -20.67
N TYR J 94 -38.08 6.87 -21.05
CA TYR J 94 -37.56 8.25 -20.85
C TYR J 94 -38.31 9.32 -21.65
N PRO J 95 -38.84 9.11 -22.87
CA PRO J 95 -39.88 10.01 -23.38
C PRO J 95 -41.11 9.93 -22.46
N ARG J 96 -41.11 10.69 -21.37
CA ARG J 96 -42.20 10.71 -20.40
C ARG J 96 -43.46 11.31 -21.03
N ALA J 97 -44.60 10.86 -20.52
CA ALA J 97 -45.88 11.32 -21.04
C ALA J 97 -46.89 11.46 -19.91
N PHE J 98 -47.85 12.34 -20.11
CA PHE J 98 -48.94 12.59 -19.19
C PHE J 98 -50.25 12.10 -19.78
N GLY J 99 -51.26 11.98 -18.92
CA GLY J 99 -52.60 11.71 -19.39
C GLY J 99 -53.26 12.96 -19.92
N GLN J 100 -54.43 12.77 -20.52
CA GLN J 100 -55.16 13.90 -21.07
C GLN J 100 -55.82 14.75 -19.99
N GLY J 101 -56.15 14.15 -18.85
CA GLY J 101 -56.76 14.89 -17.76
C GLY J 101 -58.24 14.62 -17.63
N THR J 102 -58.65 14.13 -16.47
CA THR J 102 -60.06 13.84 -16.19
C THR J 102 -60.59 14.93 -15.27
N LYS J 103 -61.49 15.75 -15.80
CA LYS J 103 -62.07 16.86 -15.03
C LYS J 103 -63.27 16.35 -14.25
N VAL J 104 -63.11 16.25 -12.94
CA VAL J 104 -64.19 15.78 -12.07
C VAL J 104 -64.91 17.01 -11.52
N GLU J 105 -66.23 17.06 -11.74
CA GLU J 105 -67.06 18.17 -11.28
C GLU J 105 -68.29 17.63 -10.56
N ILE J 106 -69.14 18.53 -10.11
CA ILE J 106 -70.38 18.17 -9.46
C ILE J 106 -71.48 18.11 -10.52
N THR J 107 -72.46 17.24 -10.29
CA THR J 107 -73.56 17.04 -11.24
C THR J 107 -74.38 18.32 -11.44
N THR J 109 -78.24 20.28 -11.90
CA THR J 109 -79.52 20.09 -12.59
C THR J 109 -79.38 20.53 -14.05
N VAL J 110 -79.87 19.71 -14.99
CA VAL J 110 -79.79 20.10 -16.39
C VAL J 110 -80.59 21.38 -16.59
N ALA J 111 -79.96 22.39 -17.17
CA ALA J 111 -80.62 23.66 -17.34
C ALA J 111 -80.12 24.30 -18.62
N ALA J 112 -81.05 24.67 -19.49
CA ALA J 112 -80.72 25.32 -20.74
C ALA J 112 -80.20 26.74 -20.49
N PRO J 113 -79.30 27.22 -21.33
CA PRO J 113 -78.82 28.60 -21.20
C PRO J 113 -79.91 29.61 -21.50
N SER J 114 -79.83 30.73 -20.81
CA SER J 114 -80.49 31.96 -21.22
C SER J 114 -79.55 32.63 -22.21
N VAL J 115 -80.06 33.00 -23.39
CA VAL J 115 -79.19 33.45 -24.49
C VAL J 115 -79.44 34.93 -24.75
N PHE J 116 -78.35 35.67 -24.99
CA PHE J 116 -78.41 37.09 -25.30
C PHE J 116 -77.42 37.41 -26.40
N ILE J 117 -77.80 38.32 -27.30
CA ILE J 117 -76.92 38.75 -28.38
C ILE J 117 -76.71 40.25 -28.26
N PHE J 118 -75.48 40.68 -28.55
CA PHE J 118 -75.09 42.08 -28.41
C PHE J 118 -74.46 42.57 -29.72
N PRO J 119 -75.00 43.61 -30.34
CA PRO J 119 -74.39 44.17 -31.54
C PRO J 119 -73.09 44.88 -31.19
N PRO J 120 -72.23 45.10 -32.17
CA PRO J 120 -71.04 45.92 -31.94
C PRO J 120 -71.46 47.35 -31.64
N SER J 121 -70.64 48.02 -30.85
CA SER J 121 -70.86 49.43 -30.59
C SER J 121 -70.41 50.28 -31.78
N ASP J 122 -71.08 51.42 -31.95
CA ASP J 122 -70.66 52.33 -33.01
C ASP J 122 -69.24 52.84 -32.79
N GLU J 123 -68.82 52.94 -31.52
CA GLU J 123 -67.44 53.36 -31.23
C GLU J 123 -66.45 52.36 -31.77
N GLN J 124 -66.70 51.06 -31.57
CA GLN J 124 -65.82 50.05 -32.15
C GLN J 124 -65.80 50.14 -33.67
N LEU J 125 -66.98 50.32 -34.29
CA LEU J 125 -67.07 50.29 -35.74
C LEU J 125 -66.16 51.34 -36.39
N LYS J 126 -65.96 52.48 -35.73
CA LYS J 126 -65.06 53.51 -36.25
C LYS J 126 -63.65 52.99 -36.45
N SER J 127 -63.27 51.91 -35.75
CA SER J 127 -61.96 51.29 -35.82
C SER J 127 -61.78 50.34 -37.00
N GLY J 128 -62.83 50.06 -37.77
CA GLY J 128 -62.71 49.15 -38.89
C GLY J 128 -63.05 47.70 -38.60
N THR J 129 -63.39 47.36 -37.36
CA THR J 129 -63.66 45.99 -36.95
C THR J 129 -64.94 45.97 -36.12
N ALA J 130 -65.66 44.85 -36.21
CA ALA J 130 -66.93 44.67 -35.50
C ALA J 130 -66.88 43.39 -34.70
N SER J 131 -67.26 43.47 -33.42
CA SER J 131 -67.40 42.28 -32.58
C SER J 131 -68.87 42.10 -32.22
N VAL J 132 -69.39 40.91 -32.53
CA VAL J 132 -70.74 40.51 -32.10
C VAL J 132 -70.58 39.47 -31.01
N VAL J 133 -71.28 39.65 -29.88
CA VAL J 133 -71.09 38.81 -28.71
C VAL J 133 -72.39 38.07 -28.40
N CYS J 134 -72.28 36.78 -28.14
CA CYS J 134 -73.42 35.95 -27.75
C CYS J 134 -73.11 35.41 -26.35
N LEU J 135 -74.04 35.61 -25.42
CA LEU J 135 -73.88 35.16 -24.05
C LEU J 135 -74.82 33.99 -23.81
N LEU J 136 -74.28 32.89 -23.28
CA LEU J 136 -75.05 31.73 -22.83
C LEU J 136 -74.93 31.70 -21.31
N ASN J 137 -76.03 31.97 -20.60
CA ASN J 137 -75.94 32.20 -19.16
C ASN J 137 -76.50 31.05 -18.34
N ASN J 138 -75.71 30.61 -17.35
CA ASN J 138 -76.19 29.76 -16.23
C ASN J 138 -76.81 28.45 -16.73
N PHE J 139 -75.99 27.64 -17.39
CA PHE J 139 -76.45 26.39 -17.95
C PHE J 139 -75.63 25.23 -17.39
N TYR J 140 -76.22 24.04 -17.49
CA TYR J 140 -75.55 22.82 -17.10
C TYR J 140 -76.15 21.72 -17.96
N PRO J 141 -75.32 20.81 -18.55
CA PRO J 141 -73.88 20.63 -18.44
C PRO J 141 -73.06 21.61 -19.25
N ARG J 142 -71.74 21.49 -19.12
CA ARG J 142 -70.85 22.47 -19.70
C ARG J 142 -70.85 22.43 -21.22
N GLU J 143 -71.15 21.27 -21.82
CA GLU J 143 -71.12 21.14 -23.27
C GLU J 143 -72.23 21.97 -23.92
N ALA J 144 -71.86 22.84 -24.85
CA ALA J 144 -72.81 23.71 -25.55
C ALA J 144 -72.23 24.03 -26.92
N LYS J 145 -73.10 24.31 -27.89
CA LYS J 145 -72.68 24.61 -29.25
C LYS J 145 -73.28 25.93 -29.71
N VAL J 146 -72.43 26.84 -30.18
CA VAL J 146 -72.83 28.14 -30.70
C VAL J 146 -72.55 28.15 -32.20
N GLN J 147 -73.55 28.47 -32.99
CA GLN J 147 -73.37 28.65 -34.43
C GLN J 147 -73.78 30.07 -34.79
N TRP J 148 -72.86 30.82 -35.38
CA TRP J 148 -73.15 32.16 -35.85
C TRP J 148 -73.71 32.12 -37.28
N LYS J 149 -74.71 32.95 -37.54
CA LYS J 149 -75.25 33.11 -38.88
C LYS J 149 -75.33 34.58 -39.23
N VAL J 150 -74.99 34.90 -40.46
CA VAL J 150 -75.04 36.26 -40.97
C VAL J 150 -75.83 36.19 -42.26
N ASP J 151 -77.01 36.81 -42.28
CA ASP J 151 -77.95 36.68 -43.40
C ASP J 151 -78.16 35.20 -43.76
N ASN J 152 -78.28 34.38 -42.72
CA ASN J 152 -78.54 32.94 -42.76
C ASN J 152 -77.34 32.11 -43.20
N ALA J 153 -76.19 32.71 -43.47
CA ALA J 153 -75.00 31.98 -43.90
C ALA J 153 -74.21 31.53 -42.68
N LEU J 154 -73.92 30.23 -42.62
CA LEU J 154 -73.21 29.65 -41.49
C LEU J 154 -71.78 30.17 -41.45
N GLN J 155 -71.39 30.75 -40.32
CA GLN J 155 -70.05 31.28 -40.16
C GLN J 155 -69.12 30.18 -39.66
N SER J 156 -67.85 30.26 -40.08
CA SER J 156 -66.87 29.28 -39.65
C SER J 156 -65.52 29.94 -39.56
N GLY J 157 -64.81 29.72 -38.45
CA GLY J 157 -63.44 30.15 -38.32
C GLY J 157 -63.24 31.56 -37.80
N ASN J 158 -64.31 32.36 -37.65
CA ASN J 158 -64.18 33.75 -37.22
C ASN J 158 -64.81 34.02 -35.86
N SER J 159 -64.87 33.02 -34.98
CA SER J 159 -65.36 33.22 -33.63
C SER J 159 -64.41 32.58 -32.62
N GLN J 160 -64.42 33.10 -31.39
CA GLN J 160 -63.74 32.47 -30.27
C GLN J 160 -64.66 32.49 -29.06
N GLU J 161 -64.49 31.52 -28.17
CA GLU J 161 -65.39 31.41 -27.03
C GLU J 161 -64.61 31.09 -25.77
N SER J 162 -65.26 31.36 -24.64
CA SER J 162 -64.64 31.26 -23.33
C SER J 162 -65.73 30.88 -22.34
N VAL J 163 -65.41 30.02 -21.35
CA VAL J 163 -66.38 29.50 -20.39
C VAL J 163 -65.92 29.80 -18.97
N THR J 164 -66.87 30.12 -18.09
CA THR J 164 -66.56 30.32 -16.68
C THR J 164 -66.25 29.00 -15.98
N GLU J 165 -65.68 29.11 -14.77
CA GLU J 165 -65.62 27.96 -13.89
C GLU J 165 -67.01 27.65 -13.36
N GLN J 166 -67.18 26.41 -12.89
CA GLN J 166 -68.47 25.99 -12.37
C GLN J 166 -68.85 26.80 -11.13
N ASP J 167 -70.09 27.28 -11.12
CA ASP J 167 -70.55 28.11 -10.02
C ASP J 167 -70.65 27.31 -8.72
N SER J 168 -70.22 27.91 -7.62
CA SER J 168 -70.13 27.17 -6.37
C SER J 168 -71.51 26.90 -5.76
N LYS J 169 -72.51 27.73 -6.06
CA LYS J 169 -73.82 27.58 -5.45
C LYS J 169 -74.84 26.87 -6.33
N ASP J 170 -74.80 27.02 -7.66
CA ASP J 170 -75.81 26.37 -8.49
C ASP J 170 -75.22 25.42 -9.52
N SER J 171 -73.89 25.24 -9.54
CA SER J 171 -73.18 24.27 -10.38
C SER J 171 -73.32 24.55 -11.88
N THR J 172 -73.69 25.76 -12.25
CA THR J 172 -73.84 26.08 -13.67
C THR J 172 -72.58 26.72 -14.24
N TYR J 173 -72.59 26.85 -15.57
CA TYR J 173 -71.57 27.53 -16.35
C TYR J 173 -72.19 28.68 -17.14
N SER J 174 -71.33 29.59 -17.57
CA SER J 174 -71.72 30.58 -18.57
C SER J 174 -70.67 30.59 -19.67
N LEU J 175 -71.09 30.98 -20.87
CA LEU J 175 -70.19 30.98 -22.03
C LEU J 175 -70.35 32.28 -22.81
N SER J 176 -69.25 32.79 -23.34
CA SER J 176 -69.27 34.00 -24.15
C SER J 176 -68.56 33.68 -25.45
N SER J 177 -69.23 33.97 -26.57
CA SER J 177 -68.66 33.77 -27.89
C SER J 177 -68.62 35.10 -28.63
N THR J 178 -67.49 35.40 -29.25
CA THR J 178 -67.34 36.62 -30.01
C THR J 178 -67.13 36.29 -31.48
N LEU J 179 -67.99 36.84 -32.34
CA LEU J 179 -67.81 36.79 -33.78
C LEU J 179 -67.11 38.06 -34.22
N THR J 180 -65.99 37.93 -34.94
CA THR J 180 -65.21 39.08 -35.38
C THR J 180 -65.34 39.23 -36.89
N LEU J 181 -65.79 40.42 -37.32
CA LEU J 181 -65.95 40.74 -38.74
C LEU J 181 -65.26 42.08 -39.01
N SER J 182 -64.82 42.27 -40.26
CA SER J 182 -64.45 43.60 -40.68
C SER J 182 -65.69 44.49 -40.67
N LYS J 183 -65.47 45.80 -40.51
CA LYS J 183 -66.57 46.75 -40.67
C LYS J 183 -67.20 46.64 -42.05
N ALA J 184 -66.37 46.52 -43.10
CA ALA J 184 -66.90 46.41 -44.46
C ALA J 184 -67.85 45.21 -44.59
N ASP J 185 -67.47 44.07 -44.02
CA ASP J 185 -68.36 42.91 -44.07
C ASP J 185 -69.59 43.15 -43.21
N TYR J 186 -69.40 43.70 -42.01
CA TYR J 186 -70.53 43.91 -41.12
C TYR J 186 -71.63 44.73 -41.81
N GLU J 187 -71.24 45.76 -42.54
CA GLU J 187 -72.19 46.69 -43.15
C GLU J 187 -72.77 46.18 -44.46
N LYS J 188 -72.36 44.99 -44.92
CA LYS J 188 -72.92 44.40 -46.13
C LYS J 188 -74.08 43.45 -45.84
N HIS J 189 -74.43 43.27 -44.57
CA HIS J 189 -75.42 42.26 -44.18
C HIS J 189 -76.34 42.83 -43.12
N LYS J 190 -77.51 42.22 -43.01
CA LYS J 190 -78.60 42.71 -42.18
C LYS J 190 -78.79 41.89 -40.92
N VAL J 191 -78.95 40.57 -41.05
CA VAL J 191 -79.42 39.74 -39.95
C VAL J 191 -78.24 39.01 -39.32
N TYR J 192 -78.01 39.27 -38.03
CA TYR J 192 -76.94 38.62 -37.27
C TYR J 192 -77.58 37.76 -36.18
N ALA J 193 -77.23 36.47 -36.17
CA ALA J 193 -77.92 35.52 -35.31
C ALA J 193 -76.92 34.56 -34.68
N CYS J 194 -77.11 34.23 -33.40
CA CYS J 194 -76.40 33.11 -32.82
C CYS J 194 -77.40 32.02 -32.49
N GLU J 195 -77.12 30.81 -32.98
CA GLU J 195 -77.95 29.64 -32.76
C GLU J 195 -77.29 28.72 -31.76
N VAL J 196 -78.01 28.35 -30.70
CA VAL J 196 -77.44 27.64 -29.57
C VAL J 196 -78.08 26.27 -29.45
N THR J 197 -77.25 25.25 -29.35
CA THR J 197 -77.65 23.87 -29.12
C THR J 197 -77.15 23.45 -27.74
N HIS J 198 -78.02 22.79 -26.98
CA HIS J 198 -77.66 22.38 -25.64
C HIS J 198 -78.61 21.28 -25.22
N GLN J 199 -78.15 20.42 -24.32
CA GLN J 199 -78.97 19.29 -23.88
C GLN J 199 -80.30 19.73 -23.30
N GLY J 200 -80.33 20.87 -22.62
CA GLY J 200 -81.57 21.37 -22.04
C GLY J 200 -82.55 21.98 -23.02
N LEU J 201 -82.22 22.01 -24.31
CA LEU J 201 -83.06 22.58 -25.36
C LEU J 201 -83.55 21.50 -26.31
N SER J 202 -84.87 21.42 -26.50
CA SER J 202 -85.44 20.45 -27.43
C SER J 202 -85.14 20.80 -28.88
N SER J 203 -85.00 22.08 -29.18
CA SER J 203 -84.56 22.53 -30.50
C SER J 203 -83.75 23.80 -30.30
N PRO J 204 -82.87 24.13 -31.24
CA PRO J 204 -81.94 25.23 -31.00
C PRO J 204 -82.66 26.55 -30.78
N VAL J 205 -82.05 27.40 -29.98
CA VAL J 205 -82.56 28.74 -29.70
C VAL J 205 -81.74 29.73 -30.51
N THR J 206 -82.41 30.66 -31.18
CA THR J 206 -81.72 31.67 -31.96
C THR J 206 -82.08 33.06 -31.45
N LYS J 207 -81.06 33.85 -31.12
CA LYS J 207 -81.24 35.26 -30.81
C LYS J 207 -80.62 36.06 -31.95
N SER J 208 -81.31 37.10 -32.41
CA SER J 208 -80.81 37.82 -33.56
C SER J 208 -81.11 39.31 -33.41
N PHE J 209 -80.47 40.09 -34.27
CA PHE J 209 -80.81 41.49 -34.47
C PHE J 209 -80.64 41.82 -35.94
N ASN J 210 -81.20 42.96 -36.34
CA ASN J 210 -81.02 43.51 -37.67
C ASN J 210 -80.20 44.79 -37.56
N ARG J 211 -79.05 44.82 -38.25
CA ARG J 211 -78.12 45.95 -38.16
C ARG J 211 -78.80 47.28 -38.44
#